data_7EJU
#
_entry.id   7EJU
#
_cell.length_a   1.00
_cell.length_b   1.00
_cell.length_c   1.00
_cell.angle_alpha   90.00
_cell.angle_beta   90.00
_cell.angle_gamma   90.00
#
_symmetry.space_group_name_H-M   'P 1'
#
loop_
_entity.id
_entity.type
_entity.pdbx_description
1 polymer 'RNA-directed RNA polymerase L'
2 polymer 'RING finger protein Z'
3 non-polymer 'ZINC ION'
4 non-polymer 'MAGNESIUM ION'
#
loop_
_entity_poly.entity_id
_entity_poly.type
_entity_poly.pdbx_seq_one_letter_code
_entity_poly.pdbx_strand_id
1 'polypeptide(L)'
;MEESVNEIKTLIRKHFPERQELAYQRDIFLSQHHPSSLLLEGFKLLSSLVELESCEAHACQINSDQKFVDVILSDHGILC
PTLPKVIPDGFKLTGKTLILLETFVRVNPDEFERKWKSDMSKLLNLKSDLLRVGITLVPVVDGRSSYSNRFLADWVVERV
RWLLIDILKKSKFMQEINIEEQEYQRLIHSLSNTKNQSLGLENIECLKKNSLGYDERLNESLFVGVRGDIRESVIREELI
KLRFWFKKEIFDKQLGKFKFSQKSNLINDLILLGSHKDSDVPSCPFCANKLMDVVYSIALHPIDEVNMERQSDENSTSID
AVERCYLQALSVCNKVKGLKVFNTRRNTLLFLDLVLLNLLCDLFKTYDGAIVRLRNAGIVVGQMLMLVNDRLLDILEAIK
LIRKKLMTSPKWVQMCSRTLKNSHQDLWLQLEKLIKHPDMDNLMILAQVLVSDRPVMRYTIDREFEKICRHQPFSSLVEG
EQKKLFRILSSISLALVNSMKTSFSSRLLINEREYSRYFGNVRLRECYVQRFHLTKNTFGLLFYQKTGEKSRCYSIYLST
NGVLEEQGSFYCDPKRFFLPIFSEDVLIEMCEEMTSWLDFSHELMTMTRPILRLLVLAVLCSPSKRNQTFLQGLRYFLMA
YANQIHHVDLMSKLRVDCMSGSEVLIQRMAVELFQIILSEGEDADLYFARRFKYLLNVSYLCHLVTKETPDRLTDQIKCF
EKFVEPKVKFGCVVVNPPLNGSLTLEQEDTMIRGLDRFFSKEAKTSSDTQIPGVCKEILSFCISLFNRGRLKVTGELKSN
PYRPNITSTALDLSSNKSVVIPKLDELGNILSVYDKEKLVSTCVSTMAERFKTKGRYNLDPDSMDYLILKNLTGLVSTGS
RTRTNQEELSVMYESLTEDQVRAFEGIRNDVQMTLAKMANSEGSKVETSKLKSKNLSVDERESLELLWAPFGVMREIKAE
VSMHEVKDFDPDVFRSDVYKELCDTVYLSPYKLTYFLEAPQDICPLGLLLKNLTTIAYQEEEFFECFKYLLIQGHYDQKL
GSYEHRSRSRLGFSSEVLKLKDEVRLSTRESNSEAIADKLDKSYFTNAALRNLCFYSDDSPTEFTSISSNTGNLKFGLSY
KEQVGSNRELYVGDLNTKLMTRLVEDFSEAVGSSMRYTCLNSEKEFERAICDMKMAVNNGDLSCSYDHSKWGPTMSPALF
LSFLHTLELKNPRDRTKVNLEPVMNILKWHLHKVVEVPINVAEAYCVGKLKRSLGLMGCDCTSVGEEFFHQYLQSRDQVP
SHIMSVLDMGQGILHNTSDLYGLITEQFLCYALDLLYDVIPVTYTSSDDQVSLIKIPCLSDEKCQDRTELLEMVCFHEFL
SSKLNKFISPKSVIGTFVAEFKSRFFVMGEETPLLTKFVSAALHNVKCKTPTQLSETIDTICDQCIANGVSTHIVSKISI
RVNQLIRYSGYRETPFGAIEEQDVKDWVDGSRGYRLQRKIEAIFSDDKETMFIRNCARKVFNDIKRGKIFEENLINLISR
GGDEALSGFLQYAGCSEDEIRQTLDYRWVNLASFGDLRLVLRTKLMTSRRVLEKEEMPTLIKTIQSRLSRNFTKGVKKIL
AESINKSAFQSSVASGFIGFCKSMGSKCVRDGKGGFLYIKDIFTRIIPCLCGICERKPKVIYCQKSLQEVNQFSKPILWD
YFSLVLTNACELGEWVFSAVKSPQAPLVLCNKNFFWAVKPKAVRQIEDQLGMNHVLHSIRRNYPKLFEEHLAPFMNDLQV
NRSLDSGRLKFLDVCVALDMMNENLGIISHLLKVRDNNVYIVKQSDCASAHVRQSEYTNWEVGISPQQVCRNFMVQVVLS
SMINPLVMSTSCLKSFFWFNEVLDLEDDSQVDLAELTDFTLSIKNNKVSRAMFVEDIAMGYVVSSFDNIKVFLESVSVDN
ISLLPQEDMMDLHTVLRNVACQEAVKLKLIIQVEHTRVSTKFKLRRKMVYSYTIVSSLRVDDVSTPELELNVDTMSQCVS
GSEGNHSLLDGALVIASLPLFTGHESFDLAGLFIDAGYALTNDDNILGHVKFNFGDFYSEISNKYAYDLIGPDNLGEPLV
LKEGVFYRGNERLSTYRVELSGDVIVKAIGALEDIDSVETLLSQLWPYLKMTSQTILFQQEDFVLIYDLHKEQLIRSLDK
FGDWLEFSNFKVAFSRSLNDLLISDPQGQFRLKGVTCRPLKHKVEIKDID
;
A
2 'polypeptide(L)'
;MGNCNGASKSNQPDSSRVTQPAAEFRRVAHSSLYGRYNCKCCWFADTNLITCNDHYLCLRCHQVMLRNSDLCNICWKPLP
TTITVPVEPTAPPP
;
B
#
# COMPACT_ATOMS: atom_id res chain seq x y z
N MET A 1 -23.28 26.74 56.52
CA MET A 1 -22.35 25.70 56.10
C MET A 1 -23.10 24.59 55.37
N GLU A 2 -23.36 24.81 54.08
CA GLU A 2 -24.06 23.84 53.25
C GLU A 2 -23.11 22.97 52.45
N GLU A 3 -21.83 22.95 52.83
CA GLU A 3 -20.71 22.37 52.06
C GLU A 3 -20.64 22.95 50.64
N SER A 4 -21.02 24.22 50.50
CA SER A 4 -20.79 24.98 49.29
C SER A 4 -19.80 26.11 49.48
N VAL A 5 -19.67 26.65 50.69
CA VAL A 5 -18.62 27.58 51.03
C VAL A 5 -17.40 26.83 51.60
N ASN A 6 -17.36 25.52 51.41
CA ASN A 6 -16.29 24.70 51.97
C ASN A 6 -14.95 24.96 51.27
N GLU A 7 -14.89 24.69 49.96
CA GLU A 7 -13.71 25.05 49.17
C GLU A 7 -14.11 25.54 47.78
N ILE A 8 -15.26 26.21 47.68
CA ILE A 8 -15.65 26.94 46.47
C ILE A 8 -15.62 28.44 46.72
N LYS A 9 -16.43 28.91 47.67
CA LYS A 9 -16.57 30.34 47.90
C LYS A 9 -15.35 30.92 48.62
N THR A 10 -14.59 30.07 49.32
CA THR A 10 -13.41 30.54 50.05
C THR A 10 -12.09 30.10 49.44
N LEU A 11 -12.07 29.06 48.60
CA LEU A 11 -10.85 28.69 47.89
C LEU A 11 -10.64 29.55 46.65
N ILE A 12 -11.68 30.21 46.17
CA ILE A 12 -11.58 31.11 45.03
C ILE A 12 -10.81 32.38 45.38
N ARG A 13 -10.60 32.64 46.68
CA ARG A 13 -9.64 33.67 47.08
C ARG A 13 -8.21 33.26 46.74
N LYS A 14 -7.95 31.97 46.57
CA LYS A 14 -6.63 31.47 46.18
C LYS A 14 -6.72 31.00 44.73
N HIS A 15 -6.50 31.93 43.81
CA HIS A 15 -6.13 31.61 42.43
C HIS A 15 -5.30 32.76 41.91
N PHE A 16 -4.87 32.66 40.65
CA PHE A 16 -4.05 33.71 40.05
C PHE A 16 -4.86 34.51 39.05
N PRO A 17 -5.17 35.80 39.33
CA PRO A 17 -5.77 36.69 38.32
C PRO A 17 -4.71 37.40 37.47
N GLU A 18 -3.74 36.63 36.98
CA GLU A 18 -2.50 37.17 36.43
C GLU A 18 -2.62 37.66 35.00
N ARG A 19 -3.82 37.80 34.47
CA ARG A 19 -4.00 38.34 33.12
C ARG A 19 -5.34 39.09 33.11
N GLN A 20 -5.95 39.20 31.93
CA GLN A 20 -6.46 40.40 31.29
C GLN A 20 -6.98 41.51 32.20
N GLU A 21 -7.87 41.20 33.14
CA GLU A 21 -8.42 42.27 33.97
C GLU A 21 -8.44 41.79 35.42
N LEU A 22 -9.10 42.59 36.24
CA LEU A 22 -9.39 42.28 37.63
C LEU A 22 -10.71 41.49 37.63
N ALA A 23 -11.37 41.35 38.80
CA ALA A 23 -12.53 40.48 38.95
C ALA A 23 -13.70 40.87 38.05
N TYR A 24 -13.96 40.02 37.06
CA TYR A 24 -14.91 40.23 35.97
C TYR A 24 -16.08 39.26 36.01
N GLN A 25 -15.81 38.01 36.40
CA GLN A 25 -16.81 36.98 36.60
C GLN A 25 -16.84 36.51 38.05
N ARG A 26 -15.75 36.74 38.77
CA ARG A 26 -15.65 36.38 40.17
C ARG A 26 -16.43 37.35 41.07
N ASP A 27 -16.54 38.62 40.67
CA ASP A 27 -17.40 39.56 41.39
C ASP A 27 -18.87 39.20 41.28
N ILE A 28 -19.28 38.62 40.15
CA ILE A 28 -20.66 38.18 40.00
C ILE A 28 -20.73 36.69 40.31
N PHE A 29 -19.70 36.17 40.99
CA PHE A 29 -19.73 34.84 41.57
C PHE A 29 -19.77 34.86 43.09
N LEU A 30 -19.19 35.88 43.72
CA LEU A 30 -19.32 36.06 45.17
C LEU A 30 -20.76 36.33 45.58
N SER A 31 -21.54 37.00 44.71
CA SER A 31 -22.79 37.61 45.14
C SER A 31 -23.87 36.59 45.45
N GLN A 32 -23.96 35.52 44.66
CA GLN A 32 -25.08 34.62 44.77
C GLN A 32 -24.85 33.56 45.85
N HIS A 33 -25.95 33.04 46.38
CA HIS A 33 -25.96 32.04 47.43
C HIS A 33 -26.89 30.91 47.04
N HIS A 34 -27.86 31.22 46.21
CA HIS A 34 -28.83 30.26 45.71
C HIS A 34 -28.12 29.27 44.80
N PRO A 35 -28.17 27.96 45.08
CA PRO A 35 -27.37 26.99 44.31
C PRO A 35 -27.71 26.87 42.84
N SER A 36 -28.97 27.18 42.46
CA SER A 36 -29.35 27.16 41.05
C SER A 36 -28.59 28.20 40.25
N SER A 37 -28.31 29.36 40.86
CA SER A 37 -27.44 30.33 40.25
C SER A 37 -25.97 30.08 40.55
N LEU A 38 -25.67 29.50 41.72
CA LEU A 38 -24.29 29.34 42.15
C LEU A 38 -23.56 28.28 41.32
N LEU A 39 -24.29 27.32 40.76
CA LEU A 39 -23.66 26.35 39.88
C LEU A 39 -23.58 26.85 38.44
N LEU A 40 -24.67 27.48 37.97
CA LEU A 40 -24.75 28.01 36.61
C LEU A 40 -23.73 29.11 36.36
N GLU A 41 -23.45 29.93 37.38
CA GLU A 41 -22.41 30.94 37.27
C GLU A 41 -21.05 30.44 37.75
N GLY A 42 -20.94 29.14 38.03
CA GLY A 42 -19.65 28.57 38.38
C GLY A 42 -18.97 27.88 37.23
N PHE A 43 -19.72 27.01 36.54
CA PHE A 43 -19.08 26.37 35.38
C PHE A 43 -18.90 27.34 34.21
N LYS A 44 -19.69 28.40 34.16
CA LYS A 44 -19.46 29.47 33.21
C LYS A 44 -18.14 30.19 33.51
N LEU A 45 -17.81 30.35 34.80
CA LEU A 45 -16.53 30.94 35.18
C LEU A 45 -15.37 30.03 34.79
N LEU A 46 -15.54 28.72 35.00
CA LEU A 46 -14.45 27.79 34.65
C LEU A 46 -14.25 27.73 33.13
N SER A 47 -15.34 27.77 32.37
CA SER A 47 -15.22 27.82 30.91
C SER A 47 -14.59 29.12 30.44
N SER A 48 -14.91 30.24 31.11
CA SER A 48 -14.27 31.51 30.77
C SER A 48 -12.78 31.46 31.05
N LEU A 49 -12.38 30.77 32.11
CA LEU A 49 -10.96 30.52 32.38
C LEU A 49 -10.30 29.72 31.26
N VAL A 50 -10.98 28.67 30.78
CA VAL A 50 -10.39 27.84 29.74
C VAL A 50 -10.26 28.62 28.43
N GLU A 51 -11.26 29.42 28.09
CA GLU A 51 -11.16 30.18 26.84
C GLU A 51 -10.17 31.34 26.97
N LEU A 52 -9.99 31.88 28.18
CA LEU A 52 -9.05 32.96 28.36
C LEU A 52 -7.61 32.46 28.29
N GLU A 53 -7.35 31.22 28.69
CA GLU A 53 -6.02 30.67 28.44
C GLU A 53 -5.85 30.34 26.97
N SER A 54 -6.88 29.77 26.34
CA SER A 54 -6.73 29.31 24.96
C SER A 54 -6.66 30.46 23.96
N CYS A 55 -7.15 31.64 24.31
CA CYS A 55 -7.02 32.76 23.38
C CYS A 55 -5.64 33.40 23.45
N GLU A 56 -5.12 33.63 24.64
CA GLU A 56 -3.79 34.23 24.74
C GLU A 56 -2.68 33.24 24.44
N ALA A 57 -2.98 31.93 24.36
CA ALA A 57 -2.03 31.02 23.75
C ALA A 57 -1.92 31.25 22.25
N HIS A 58 -3.03 31.64 21.59
CA HIS A 58 -3.03 31.99 20.17
C HIS A 58 -3.01 33.50 19.94
N ALA A 59 -2.96 34.30 21.01
CA ALA A 59 -2.77 35.75 21.00
C ALA A 59 -3.92 36.47 20.28
N CYS A 60 -5.12 36.31 20.80
CA CYS A 60 -6.29 37.00 20.28
C CYS A 60 -7.08 37.62 21.43
N GLN A 61 -7.94 38.56 21.09
CA GLN A 61 -8.78 39.22 22.08
C GLN A 61 -10.03 38.38 22.35
N ILE A 62 -10.46 38.34 23.62
CA ILE A 62 -11.65 37.61 24.03
C ILE A 62 -12.90 38.25 23.42
N ASN A 63 -13.79 37.43 22.88
CA ASN A 63 -15.13 37.90 22.51
C ASN A 63 -15.85 38.32 23.77
N SER A 64 -16.06 39.63 23.94
CA SER A 64 -16.41 40.17 25.25
C SER A 64 -17.87 39.92 25.59
N ASP A 65 -18.79 40.49 24.80
CA ASP A 65 -20.20 40.47 25.12
C ASP A 65 -21.00 39.55 24.20
N GLN A 66 -20.36 38.47 23.71
CA GLN A 66 -20.97 37.44 22.87
C GLN A 66 -21.56 38.05 21.59
N LYS A 67 -20.76 38.87 20.92
CA LYS A 67 -21.21 39.59 19.74
C LYS A 67 -20.86 38.83 18.46
N PHE A 68 -21.70 39.00 17.45
CA PHE A 68 -21.65 38.24 16.21
C PHE A 68 -20.61 38.83 15.26
N VAL A 69 -20.33 38.08 14.19
CA VAL A 69 -19.29 38.47 13.24
C VAL A 69 -19.72 39.68 12.42
N ASP A 70 -21.03 39.83 12.21
CA ASP A 70 -21.55 40.99 11.48
C ASP A 70 -21.31 42.29 12.24
N VAL A 71 -21.66 42.30 13.53
CA VAL A 71 -21.43 43.51 14.31
C VAL A 71 -19.95 43.67 14.65
N ILE A 72 -19.17 42.59 14.65
CA ILE A 72 -17.75 42.74 14.95
C ILE A 72 -16.97 43.23 13.74
N LEU A 73 -17.50 43.06 12.52
CA LEU A 73 -16.89 43.71 11.37
C LEU A 73 -17.44 45.11 11.18
N SER A 74 -18.69 45.36 11.57
CA SER A 74 -19.23 46.71 11.48
C SER A 74 -18.82 47.59 12.65
N ASP A 75 -18.12 47.05 13.64
CA ASP A 75 -17.41 47.89 14.59
C ASP A 75 -16.35 48.73 13.87
N HIS A 76 -15.49 48.07 13.11
CA HIS A 76 -14.35 48.76 12.51
C HIS A 76 -14.73 49.56 11.28
N GLY A 77 -15.75 49.15 10.55
CA GLY A 77 -16.20 49.91 9.40
C GLY A 77 -16.45 49.06 8.18
N ILE A 78 -16.04 47.79 8.26
CA ILE A 78 -16.24 46.85 7.16
C ILE A 78 -17.71 46.44 7.18
N LEU A 79 -18.52 47.05 6.33
CA LEU A 79 -19.95 46.82 6.33
C LEU A 79 -20.23 45.61 5.45
N CYS A 80 -20.72 44.54 6.06
CA CYS A 80 -21.00 43.27 5.41
C CYS A 80 -22.49 42.98 5.47
N PRO A 81 -23.05 42.37 4.43
CA PRO A 81 -24.45 41.94 4.49
C PRO A 81 -24.68 40.72 5.37
N THR A 82 -25.89 40.14 5.29
CA THR A 82 -26.29 39.02 6.12
C THR A 82 -25.37 37.82 5.95
N LEU A 83 -25.43 36.91 6.92
CA LEU A 83 -24.32 36.00 7.17
C LEU A 83 -24.78 34.91 8.14
N PRO A 84 -24.17 33.71 8.10
CA PRO A 84 -24.65 32.59 8.92
C PRO A 84 -24.55 32.75 10.44
N LYS A 85 -24.04 33.88 10.95
CA LYS A 85 -24.33 34.38 12.29
C LYS A 85 -23.79 33.44 13.38
N VAL A 86 -22.47 33.30 13.40
CA VAL A 86 -21.79 32.39 14.31
C VAL A 86 -21.12 33.20 15.41
N ILE A 87 -21.07 32.63 16.61
CA ILE A 87 -20.41 33.22 17.76
C ILE A 87 -18.99 32.68 17.84
N PRO A 88 -17.96 33.51 17.75
CA PRO A 88 -16.60 33.04 17.95
C PRO A 88 -16.15 33.23 19.40
N ASP A 89 -15.14 32.46 19.78
CA ASP A 89 -14.55 32.68 21.08
C ASP A 89 -13.61 33.88 21.08
N GLY A 90 -12.94 34.14 19.96
CA GLY A 90 -12.04 35.28 19.86
C GLY A 90 -11.83 35.65 18.41
N PHE A 91 -10.99 36.67 18.20
CA PHE A 91 -10.90 37.35 16.92
C PHE A 91 -9.67 38.26 16.95
N LYS A 92 -8.98 38.38 15.82
CA LYS A 92 -7.78 39.21 15.77
C LYS A 92 -7.93 40.43 14.86
N LEU A 93 -8.14 40.22 13.57
CA LEU A 93 -8.45 41.26 12.57
C LEU A 93 -7.36 42.33 12.51
N THR A 94 -6.22 41.93 11.94
CA THR A 94 -5.08 42.82 11.72
C THR A 94 -5.19 43.64 10.44
N GLY A 95 -6.39 43.90 9.95
CA GLY A 95 -6.58 44.69 8.76
C GLY A 95 -6.83 43.81 7.56
N LYS A 96 -8.12 43.64 7.22
CA LYS A 96 -8.61 42.87 6.08
C LYS A 96 -8.19 41.40 6.12
N THR A 97 -7.82 40.88 7.30
CA THR A 97 -7.44 39.48 7.46
C THR A 97 -7.70 39.14 8.93
N LEU A 98 -8.66 38.26 9.18
CA LEU A 98 -9.07 37.98 10.55
C LEU A 98 -8.84 36.50 10.88
N ILE A 99 -8.27 36.28 12.04
CA ILE A 99 -8.25 34.96 12.67
C ILE A 99 -9.53 34.82 13.47
N LEU A 100 -10.23 33.69 13.31
CA LEU A 100 -11.30 33.32 14.22
C LEU A 100 -10.95 32.00 14.89
N LEU A 101 -11.05 31.94 16.21
CA LEU A 101 -10.74 30.71 16.92
C LEU A 101 -11.92 30.24 17.74
N GLU A 102 -12.00 28.92 17.88
CA GLU A 102 -12.84 28.29 18.90
C GLU A 102 -12.03 27.29 19.71
N THR A 103 -12.40 27.15 20.97
CA THR A 103 -11.74 26.23 21.88
C THR A 103 -12.74 25.24 22.44
N PHE A 104 -12.24 24.04 22.73
CA PHE A 104 -13.04 23.03 23.41
C PHE A 104 -12.12 22.03 24.08
N VAL A 105 -12.72 21.26 24.99
CA VAL A 105 -11.99 20.19 25.66
C VAL A 105 -12.88 18.94 25.72
N ARG A 106 -12.48 17.90 25.00
CA ARG A 106 -13.19 16.62 24.98
C ARG A 106 -12.21 15.54 25.38
N VAL A 107 -12.59 14.73 26.36
CA VAL A 107 -11.63 13.80 26.94
C VAL A 107 -11.46 12.58 26.06
N ASN A 108 -12.54 12.10 25.43
CA ASN A 108 -12.58 10.82 24.75
C ASN A 108 -12.13 10.95 23.29
N PRO A 109 -11.45 9.94 22.75
CA PRO A 109 -11.02 10.00 21.34
C PRO A 109 -12.15 9.87 20.35
N ASP A 110 -13.35 9.47 20.78
CA ASP A 110 -14.52 9.35 19.94
C ASP A 110 -15.24 10.68 19.74
N GLU A 111 -15.45 11.41 20.83
CA GLU A 111 -16.18 12.67 20.80
C GLU A 111 -15.26 13.86 20.74
N PHE A 112 -13.96 13.65 20.54
CA PHE A 112 -13.09 14.77 20.21
C PHE A 112 -13.29 15.19 18.77
N GLU A 113 -13.25 14.24 17.85
CA GLU A 113 -13.30 14.56 16.44
C GLU A 113 -14.69 14.94 15.99
N ARG A 114 -15.74 14.46 16.64
CA ARG A 114 -17.07 14.84 16.19
C ARG A 114 -17.48 16.23 16.66
N LYS A 115 -16.69 16.86 17.54
CA LYS A 115 -16.82 18.28 17.82
C LYS A 115 -15.88 19.10 16.96
N TRP A 116 -14.72 18.53 16.63
CA TRP A 116 -13.74 19.23 15.81
C TRP A 116 -14.26 19.43 14.39
N LYS A 117 -14.83 18.37 13.80
CA LYS A 117 -15.44 18.51 12.48
C LYS A 117 -16.62 19.46 12.52
N SER A 118 -17.38 19.46 13.61
CA SER A 118 -18.57 20.29 13.72
C SER A 118 -18.23 21.76 13.75
N ASP A 119 -17.31 22.18 14.62
CA ASP A 119 -17.03 23.61 14.65
C ASP A 119 -16.09 24.04 13.54
N MET A 120 -15.28 23.12 12.97
CA MET A 120 -14.51 23.45 11.79
C MET A 120 -15.43 23.76 10.61
N SER A 121 -16.40 22.88 10.33
CA SER A 121 -17.33 23.14 9.24
C SER A 121 -18.41 24.14 9.61
N LYS A 122 -18.49 24.58 10.86
CA LYS A 122 -19.28 25.76 11.20
C LYS A 122 -18.50 27.03 10.93
N LEU A 123 -17.17 26.98 10.99
CA LEU A 123 -16.35 28.12 10.61
C LEU A 123 -16.07 28.19 9.11
N LEU A 124 -15.96 27.05 8.45
CA LEU A 124 -15.49 27.03 7.08
C LEU A 124 -16.61 27.29 6.09
N ASN A 125 -17.87 27.20 6.55
CA ASN A 125 -19.00 27.71 5.79
C ASN A 125 -18.99 29.23 5.76
N LEU A 126 -18.39 29.86 6.76
CA LEU A 126 -18.38 31.31 6.85
C LEU A 126 -17.41 31.93 5.85
N LYS A 127 -16.40 31.17 5.42
CA LYS A 127 -15.36 31.71 4.55
C LYS A 127 -15.87 31.93 3.13
N SER A 128 -16.76 31.07 2.66
CA SER A 128 -17.17 31.07 1.26
C SER A 128 -18.04 32.25 0.87
N ASP A 129 -18.44 33.10 1.81
CA ASP A 129 -19.27 34.25 1.50
C ASP A 129 -18.69 35.55 2.03
N LEU A 130 -17.41 35.56 2.39
CA LEU A 130 -16.70 36.81 2.66
C LEU A 130 -15.98 37.31 1.42
N LEU A 131 -16.70 37.37 0.30
CA LEU A 131 -16.21 37.92 -0.96
C LEU A 131 -16.70 39.34 -1.17
N ARG A 132 -17.95 39.63 -0.77
CA ARG A 132 -18.54 40.96 -0.82
C ARG A 132 -17.72 41.99 -0.06
N VAL A 133 -17.04 41.59 1.00
CA VAL A 133 -16.09 42.44 1.68
C VAL A 133 -14.65 42.11 1.31
N GLY A 134 -14.40 40.95 0.71
CA GLY A 134 -13.07 40.60 0.26
C GLY A 134 -12.06 40.28 1.33
N ILE A 135 -12.51 39.85 2.52
CA ILE A 135 -11.60 39.57 3.63
C ILE A 135 -11.17 38.10 3.58
N THR A 136 -9.87 37.86 3.65
CA THR A 136 -9.36 36.50 3.86
C THR A 136 -9.54 36.12 5.31
N LEU A 137 -10.33 35.08 5.56
CA LEU A 137 -10.54 34.53 6.90
C LEU A 137 -9.62 33.34 7.11
N VAL A 138 -9.00 33.27 8.28
CA VAL A 138 -8.25 32.10 8.70
C VAL A 138 -8.86 31.55 9.99
N PRO A 139 -9.37 30.34 9.99
CA PRO A 139 -9.94 29.75 11.20
C PRO A 139 -8.93 28.88 11.93
N VAL A 140 -9.08 28.84 13.25
CA VAL A 140 -8.28 27.95 14.08
C VAL A 140 -9.13 27.50 15.27
N VAL A 141 -9.06 26.21 15.55
CA VAL A 141 -9.79 25.60 16.66
C VAL A 141 -8.82 24.73 17.45
N ASP A 142 -8.75 24.95 18.75
CA ASP A 142 -7.94 24.12 19.62
C ASP A 142 -8.84 23.31 20.54
N GLY A 143 -8.75 22.00 20.42
CA GLY A 143 -9.35 21.08 21.36
C GLY A 143 -8.24 20.45 22.19
N ARG A 144 -8.49 20.31 23.47
CA ARG A 144 -7.52 19.68 24.34
C ARG A 144 -8.19 18.60 25.17
N SER A 145 -7.42 17.95 26.02
CA SER A 145 -7.89 16.79 26.76
C SER A 145 -7.96 17.04 28.25
N SER A 146 -7.81 18.29 28.69
CA SER A 146 -7.69 18.60 30.10
C SER A 146 -7.99 20.09 30.29
N TYR A 147 -7.85 20.57 31.52
CA TYR A 147 -8.04 21.98 31.81
C TYR A 147 -6.72 22.64 32.18
N SER A 148 -5.61 22.06 31.70
CA SER A 148 -4.27 22.42 32.17
C SER A 148 -3.90 23.79 31.61
N ASN A 149 -4.36 24.82 32.31
CA ASN A 149 -4.14 26.20 31.96
C ASN A 149 -2.84 26.72 32.56
N ARG A 150 -2.67 28.04 32.56
CA ARG A 150 -1.54 28.69 33.19
C ARG A 150 -1.90 29.33 34.52
N PHE A 151 -3.18 29.51 34.81
CA PHE A 151 -3.57 30.38 35.90
C PHE A 151 -3.50 29.66 37.24
N LEU A 152 -4.29 28.61 37.41
CA LEU A 152 -4.29 27.82 38.63
C LEU A 152 -3.94 26.38 38.28
N ALA A 153 -2.87 25.87 38.89
CA ALA A 153 -2.27 24.62 38.44
C ALA A 153 -1.42 24.03 39.57
N ASP A 154 -1.47 22.71 39.74
CA ASP A 154 -2.38 21.80 39.03
C ASP A 154 -2.99 20.82 40.03
N TRP A 155 -3.50 21.36 41.13
CA TRP A 155 -4.36 20.61 42.03
C TRP A 155 -5.81 21.00 41.81
N VAL A 156 -6.15 21.13 40.52
CA VAL A 156 -7.50 21.33 40.01
C VAL A 156 -8.40 20.11 40.28
N VAL A 157 -7.81 18.95 40.55
CA VAL A 157 -8.56 17.73 40.84
C VAL A 157 -9.36 17.82 42.14
N GLU A 158 -8.99 18.73 43.04
CA GLU A 158 -9.74 19.02 44.26
C GLU A 158 -10.52 20.32 44.12
N ARG A 159 -10.31 21.04 43.01
CA ARG A 159 -11.01 22.26 42.65
C ARG A 159 -12.36 21.86 42.03
N VAL A 160 -13.04 22.79 41.37
CA VAL A 160 -14.46 22.72 41.05
C VAL A 160 -14.79 21.61 40.05
N ARG A 161 -13.77 21.03 39.42
CA ARG A 161 -13.98 19.96 38.44
C ARG A 161 -14.54 18.70 39.09
N TRP A 162 -14.26 18.47 40.37
CA TRP A 162 -14.75 17.27 41.04
C TRP A 162 -16.02 17.50 41.85
N LEU A 163 -16.14 18.60 42.59
CA LEU A 163 -17.16 18.70 43.61
C LEU A 163 -18.34 19.57 43.23
N LEU A 164 -18.27 20.28 42.09
CA LEU A 164 -19.46 20.97 41.60
C LEU A 164 -20.54 19.98 41.19
N ILE A 165 -20.14 18.82 40.67
CA ILE A 165 -21.11 17.78 40.39
C ILE A 165 -21.61 17.13 41.68
N ASP A 166 -20.83 17.19 42.77
CA ASP A 166 -21.33 16.75 44.06
C ASP A 166 -22.41 17.70 44.57
N ILE A 167 -22.19 19.01 44.41
CA ILE A 167 -23.19 20.01 44.74
C ILE A 167 -24.44 19.85 43.87
N LEU A 168 -24.27 19.41 42.62
CA LEU A 168 -25.42 19.18 41.76
C LEU A 168 -26.20 17.93 42.18
N LYS A 169 -25.51 16.81 42.40
CA LYS A 169 -26.21 15.56 42.71
C LYS A 169 -26.83 15.59 44.09
N LYS A 170 -26.25 16.34 45.04
CA LYS A 170 -26.86 16.45 46.36
C LYS A 170 -28.10 17.31 46.31
N SER A 171 -27.96 18.57 45.93
CA SER A 171 -29.07 19.52 45.96
C SER A 171 -29.80 19.50 44.62
N LYS A 172 -30.46 18.37 44.35
CA LYS A 172 -31.22 18.21 43.12
C LYS A 172 -32.72 18.44 43.30
N PHE A 173 -33.22 18.30 44.52
CA PHE A 173 -34.66 18.41 44.77
C PHE A 173 -35.13 19.86 44.74
N ILE A 179 -35.07 23.11 44.45
CA ILE A 179 -34.74 23.86 43.25
C ILE A 179 -35.00 23.04 42.00
N GLU A 180 -35.19 23.72 40.88
CA GLU A 180 -35.61 23.09 39.63
C GLU A 180 -34.44 23.08 38.66
N GLU A 181 -33.92 21.89 38.39
CA GLU A 181 -33.02 21.68 37.26
C GLU A 181 -33.29 20.29 36.73
N GLN A 182 -33.27 20.15 35.40
CA GLN A 182 -33.54 18.86 34.77
C GLN A 182 -32.19 18.18 34.63
N GLU A 183 -31.87 17.34 35.60
CA GLU A 183 -30.52 16.87 35.84
C GLU A 183 -30.08 15.88 34.75
N TYR A 184 -28.78 15.90 34.45
CA TYR A 184 -28.24 15.23 33.28
C TYR A 184 -27.16 14.23 33.62
N GLN A 185 -26.98 13.26 32.73
CA GLN A 185 -25.72 12.52 32.64
C GLN A 185 -24.67 13.31 31.85
N ARG A 186 -25.10 14.36 31.17
CA ARG A 186 -24.18 15.30 30.53
C ARG A 186 -23.23 15.94 31.54
N LEU A 187 -23.76 16.39 32.68
CA LEU A 187 -22.92 17.11 33.64
C LEU A 187 -22.00 16.17 34.40
N ILE A 188 -22.40 14.91 34.64
CA ILE A 188 -21.49 13.95 35.23
C ILE A 188 -20.43 13.54 34.22
N HIS A 189 -20.85 13.22 33.01
CA HIS A 189 -19.96 12.73 31.97
C HIS A 189 -18.99 13.82 31.50
N SER A 190 -19.31 15.08 31.74
CA SER A 190 -18.45 16.19 31.36
C SER A 190 -17.47 16.58 32.47
N LEU A 191 -17.99 16.82 33.68
CA LEU A 191 -17.15 17.33 34.76
C LEU A 191 -16.22 16.27 35.32
N SER A 192 -16.59 14.99 35.23
CA SER A 192 -15.73 13.94 35.74
C SER A 192 -14.66 13.60 34.70
N ASN A 193 -13.96 12.49 34.91
CA ASN A 193 -12.87 12.09 34.04
C ASN A 193 -12.72 10.58 34.15
N THR A 194 -13.23 9.86 33.15
CA THR A 194 -13.02 8.41 33.03
C THR A 194 -12.20 8.14 31.79
N LYS A 195 -11.01 7.56 31.99
CA LYS A 195 -9.99 7.35 30.97
C LYS A 195 -9.66 8.60 30.16
N GLY A 200 -16.19 1.13 28.06
CA GLY A 200 -16.43 1.45 26.67
C GLY A 200 -16.96 0.28 25.87
N LEU A 201 -16.96 -0.90 26.50
CA LEU A 201 -17.40 -2.13 25.86
C LEU A 201 -18.92 -2.26 25.85
N GLU A 202 -19.41 -3.48 25.65
CA GLU A 202 -20.81 -3.78 25.38
C GLU A 202 -21.62 -3.70 26.68
N ASN A 203 -22.80 -4.33 26.70
CA ASN A 203 -23.90 -4.05 27.64
C ASN A 203 -24.33 -2.60 27.50
N ILE A 204 -24.83 -2.30 26.30
CA ILE A 204 -25.34 -0.98 25.92
C ILE A 204 -26.74 -0.74 26.47
N GLU A 205 -27.29 -1.71 27.21
CA GLU A 205 -28.66 -1.74 27.71
C GLU A 205 -28.98 -0.64 28.72
N CYS A 206 -28.01 0.15 29.16
CA CYS A 206 -28.27 1.25 30.06
C CYS A 206 -28.88 2.46 29.38
N LEU A 207 -28.90 2.50 28.04
CA LEU A 207 -29.53 3.60 27.35
C LEU A 207 -31.05 3.46 27.43
N LYS A 208 -31.76 4.49 26.96
CA LYS A 208 -33.16 4.63 27.35
C LYS A 208 -34.10 3.78 26.50
N LYS A 209 -33.85 3.67 25.18
CA LYS A 209 -34.72 2.98 24.21
C LYS A 209 -36.12 3.59 24.21
N ASN A 210 -36.18 4.81 23.70
CA ASN A 210 -37.47 5.30 23.26
C ASN A 210 -37.83 4.67 21.92
N SER A 211 -39.13 4.63 21.63
CA SER A 211 -39.64 4.00 20.42
C SER A 211 -40.53 4.99 19.69
N LEU A 212 -40.68 4.75 18.38
CA LEU A 212 -41.49 5.62 17.54
C LEU A 212 -42.45 4.77 16.72
N GLY A 213 -43.35 5.45 16.02
CA GLY A 213 -44.34 4.80 15.17
C GLY A 213 -43.77 4.16 13.93
N TYR A 214 -42.52 4.47 13.60
CA TYR A 214 -41.81 3.76 12.54
C TYR A 214 -41.33 2.39 12.99
N ASP A 215 -41.10 2.20 14.27
CA ASP A 215 -40.43 0.98 14.72
C ASP A 215 -41.39 -0.21 14.74
N GLU A 216 -42.69 0.03 14.91
CA GLU A 216 -43.64 -1.06 14.96
C GLU A 216 -43.86 -1.69 13.58
N ARG A 217 -43.93 -0.87 12.53
CA ARG A 217 -43.97 -1.41 11.18
C ARG A 217 -42.61 -1.88 10.72
N LEU A 218 -41.53 -1.46 11.40
CA LEU A 218 -40.22 -2.05 11.16
C LEU A 218 -40.16 -3.46 11.70
N ASN A 219 -40.85 -3.72 12.81
CA ASN A 219 -40.91 -5.06 13.37
C ASN A 219 -42.00 -5.94 12.75
N GLU A 220 -43.00 -5.33 12.10
CA GLU A 220 -43.97 -6.10 11.33
C GLU A 220 -43.45 -6.57 9.99
N SER A 221 -42.22 -6.22 9.62
CA SER A 221 -41.65 -6.66 8.36
C SER A 221 -40.41 -7.52 8.52
N LEU A 222 -39.89 -7.67 9.73
CA LEU A 222 -38.72 -8.50 9.97
C LEU A 222 -39.05 -9.78 10.71
N PHE A 223 -39.89 -9.72 11.73
CA PHE A 223 -40.13 -10.87 12.59
C PHE A 223 -41.60 -11.25 12.49
N VAL A 224 -41.98 -11.97 11.43
CA VAL A 224 -43.36 -12.42 11.28
C VAL A 224 -43.41 -13.91 10.99
N GLY A 225 -42.78 -14.33 9.91
CA GLY A 225 -42.88 -15.70 9.46
C GLY A 225 -41.72 -16.55 9.96
N VAL A 226 -40.72 -15.88 10.51
CA VAL A 226 -39.58 -16.57 11.10
C VAL A 226 -40.02 -17.04 12.47
N ARG A 227 -40.22 -18.34 12.63
CA ARG A 227 -40.59 -18.87 13.94
C ARG A 227 -39.57 -19.85 14.48
N GLY A 228 -39.25 -20.91 13.73
CA GLY A 228 -38.16 -21.76 14.13
C GLY A 228 -38.41 -22.65 15.32
N ASP A 229 -39.67 -22.98 15.62
CA ASP A 229 -40.00 -24.01 16.59
C ASP A 229 -40.76 -25.17 15.95
N ILE A 230 -40.63 -25.33 14.63
CA ILE A 230 -41.37 -26.32 13.87
C ILE A 230 -40.85 -27.71 14.21
N ARG A 231 -41.75 -28.68 14.30
CA ARG A 231 -41.32 -30.05 14.45
C ARG A 231 -40.77 -30.60 13.13
N GLU A 232 -39.99 -31.67 13.23
CA GLU A 232 -39.17 -32.11 12.11
C GLU A 232 -39.95 -32.82 11.02
N SER A 233 -40.97 -33.60 11.37
CA SER A 233 -41.67 -34.37 10.36
C SER A 233 -42.66 -33.55 9.55
N VAL A 234 -42.82 -32.26 9.84
CA VAL A 234 -43.42 -31.35 8.88
C VAL A 234 -42.40 -30.95 7.84
N ILE A 235 -41.18 -30.68 8.29
CA ILE A 235 -40.13 -30.14 7.45
C ILE A 235 -39.64 -31.17 6.45
N ARG A 236 -39.57 -32.44 6.88
CA ARG A 236 -39.15 -33.50 5.97
C ARG A 236 -40.16 -33.71 4.84
N GLU A 237 -41.45 -33.61 5.15
CA GLU A 237 -42.49 -33.70 4.13
C GLU A 237 -42.43 -32.52 3.16
N GLU A 238 -42.16 -31.31 3.69
CA GLU A 238 -42.00 -30.14 2.83
C GLU A 238 -40.82 -30.28 1.89
N LEU A 239 -39.73 -30.87 2.36
CA LEU A 239 -38.56 -31.02 1.51
C LEU A 239 -38.76 -32.09 0.44
N ILE A 240 -39.48 -33.18 0.77
CA ILE A 240 -39.79 -34.19 -0.26
C ILE A 240 -40.73 -33.61 -1.33
N LYS A 241 -41.71 -32.80 -0.92
CA LYS A 241 -42.58 -32.16 -1.90
C LYS A 241 -41.83 -31.15 -2.77
N LEU A 242 -40.85 -30.44 -2.18
CA LEU A 242 -40.05 -29.51 -2.95
C LEU A 242 -39.19 -30.23 -3.98
N ARG A 243 -38.64 -31.39 -3.61
CA ARG A 243 -37.87 -32.17 -4.58
C ARG A 243 -38.74 -32.68 -5.72
N PHE A 244 -39.98 -33.08 -5.41
CA PHE A 244 -40.91 -33.53 -6.46
C PHE A 244 -41.22 -32.41 -7.43
N TRP A 245 -41.53 -31.22 -6.91
CA TRP A 245 -41.79 -30.05 -7.77
C TRP A 245 -40.56 -29.69 -8.61
N PHE A 246 -39.36 -29.79 -8.02
CA PHE A 246 -38.16 -29.41 -8.74
C PHE A 246 -37.87 -30.36 -9.89
N LYS A 247 -37.95 -31.68 -9.64
CA LYS A 247 -37.68 -32.61 -10.73
C LYS A 247 -38.79 -32.61 -11.77
N LYS A 248 -40.01 -32.18 -11.43
CA LYS A 248 -41.00 -32.03 -12.49
C LYS A 248 -40.79 -30.78 -13.33
N GLU A 249 -40.82 -29.59 -12.72
CA GLU A 249 -40.95 -28.37 -13.51
C GLU A 249 -39.68 -27.52 -13.65
N ILE A 250 -38.53 -27.95 -13.13
CA ILE A 250 -37.30 -27.19 -13.40
C ILE A 250 -36.28 -28.10 -14.06
N PHE A 251 -35.87 -29.16 -13.38
CA PHE A 251 -35.06 -30.15 -14.04
C PHE A 251 -35.95 -31.04 -14.89
N ASP A 252 -35.34 -31.78 -15.82
CA ASP A 252 -35.92 -32.60 -16.89
C ASP A 252 -36.57 -31.77 -17.99
N LYS A 253 -36.65 -30.45 -17.83
CA LYS A 253 -36.92 -29.53 -18.92
C LYS A 253 -35.66 -28.82 -19.39
N GLN A 254 -34.50 -29.26 -18.88
CA GLN A 254 -33.18 -28.65 -19.10
C GLN A 254 -33.17 -27.17 -18.73
N LEU A 255 -33.65 -26.87 -17.52
CA LEU A 255 -33.51 -25.55 -16.93
C LEU A 255 -32.60 -25.55 -15.72
N GLY A 256 -31.83 -26.61 -15.52
CA GLY A 256 -30.82 -26.62 -14.48
C GLY A 256 -29.68 -25.70 -14.84
N LYS A 257 -28.84 -25.42 -13.84
CA LYS A 257 -27.72 -24.53 -14.03
C LYS A 257 -26.40 -25.25 -14.31
N PHE A 258 -26.27 -26.48 -13.87
CA PHE A 258 -25.05 -27.24 -14.08
C PHE A 258 -25.24 -28.24 -15.20
N LYS A 259 -24.14 -28.63 -15.84
CA LYS A 259 -24.21 -29.59 -16.91
C LYS A 259 -22.89 -30.34 -16.99
N PHE A 260 -22.88 -31.43 -17.73
CA PHE A 260 -21.65 -32.20 -17.92
C PHE A 260 -20.68 -31.45 -18.81
N SER A 261 -19.42 -31.87 -18.76
CA SER A 261 -18.38 -31.35 -19.65
C SER A 261 -18.07 -32.39 -20.70
N GLN A 262 -17.59 -31.92 -21.86
CA GLN A 262 -17.07 -32.78 -22.89
C GLN A 262 -15.68 -32.31 -23.29
N LYS A 263 -14.82 -33.26 -23.61
CA LYS A 263 -13.43 -32.97 -23.89
C LYS A 263 -13.19 -32.46 -25.32
N SER A 264 -14.21 -32.05 -26.03
CA SER A 264 -14.02 -31.46 -27.35
C SER A 264 -14.76 -30.14 -27.51
N ASN A 265 -15.95 -30.02 -26.93
CA ASN A 265 -16.72 -28.79 -27.05
C ASN A 265 -16.13 -27.68 -26.20
N LEU A 266 -15.38 -28.02 -25.15
CA LEU A 266 -14.64 -27.03 -24.38
C LEU A 266 -13.59 -26.32 -25.23
N ILE A 267 -12.67 -27.09 -25.81
CA ILE A 267 -11.61 -26.47 -26.57
C ILE A 267 -12.10 -25.99 -27.93
N ASN A 268 -13.26 -26.45 -28.39
CA ASN A 268 -13.82 -25.87 -29.60
C ASN A 268 -14.73 -24.68 -29.32
N ASP A 269 -14.97 -24.34 -28.06
CA ASP A 269 -15.51 -23.03 -27.74
C ASP A 269 -14.47 -22.09 -27.17
N LEU A 270 -13.32 -22.61 -26.74
CA LEU A 270 -12.23 -21.73 -26.35
C LEU A 270 -11.64 -21.01 -27.55
N ILE A 271 -11.38 -21.73 -28.65
CA ILE A 271 -10.79 -21.11 -29.82
C ILE A 271 -11.77 -20.25 -30.61
N LEU A 272 -13.02 -20.18 -30.17
CA LEU A 272 -13.96 -19.19 -30.68
C LEU A 272 -14.27 -18.14 -29.63
N LEU A 273 -13.47 -18.07 -28.58
CA LEU A 273 -13.65 -17.12 -27.49
C LEU A 273 -12.55 -16.10 -27.41
N GLY A 274 -11.30 -16.55 -27.35
CA GLY A 274 -10.18 -15.64 -27.28
C GLY A 274 -9.54 -15.46 -28.63
N SER A 275 -9.50 -16.53 -29.43
CA SER A 275 -8.84 -16.48 -30.72
C SER A 275 -9.66 -15.65 -31.71
N HIS A 276 -9.42 -14.35 -31.71
CA HIS A 276 -10.06 -13.45 -32.67
C HIS A 276 -9.62 -13.80 -34.08
N LYS A 277 -10.52 -14.41 -34.86
CA LYS A 277 -10.25 -14.71 -36.25
C LYS A 277 -10.54 -13.52 -37.15
N ASP A 278 -11.44 -12.64 -36.73
CA ASP A 278 -12.03 -11.61 -37.58
C ASP A 278 -11.49 -10.22 -37.28
N SER A 279 -10.21 -10.10 -36.95
CA SER A 279 -9.59 -8.81 -36.71
C SER A 279 -8.48 -8.57 -37.73
N ASP A 280 -8.24 -7.30 -38.04
CA ASP A 280 -7.24 -6.91 -39.01
C ASP A 280 -5.86 -6.71 -38.40
N VAL A 281 -5.67 -7.13 -37.16
CA VAL A 281 -4.37 -7.06 -36.49
C VAL A 281 -3.42 -8.04 -37.16
N PRO A 282 -2.18 -7.64 -37.45
CA PRO A 282 -1.25 -8.55 -38.15
C PRO A 282 -0.84 -9.72 -37.27
N SER A 283 -0.21 -10.71 -37.91
CA SER A 283 0.06 -11.96 -37.20
C SER A 283 1.35 -11.92 -36.41
N CYS A 284 2.35 -11.14 -36.81
CA CYS A 284 3.56 -11.12 -36.01
C CYS A 284 3.36 -10.24 -34.79
N PRO A 285 3.97 -10.59 -33.67
CA PRO A 285 3.71 -9.84 -32.43
C PRO A 285 4.38 -8.47 -32.40
N PHE A 286 5.49 -8.35 -33.12
CA PHE A 286 6.33 -7.16 -33.01
C PHE A 286 5.66 -5.95 -33.63
N CYS A 287 5.08 -6.10 -34.83
CA CYS A 287 4.42 -4.98 -35.50
C CYS A 287 3.17 -4.50 -34.78
N ALA A 288 2.60 -5.33 -33.90
CA ALA A 288 1.38 -4.97 -33.20
C ALA A 288 1.62 -4.03 -32.02
N ASN A 289 2.86 -3.97 -31.53
CA ASN A 289 3.18 -3.21 -30.32
C ASN A 289 4.34 -2.28 -30.62
N LYS A 290 4.21 -1.00 -30.24
CA LYS A 290 5.21 -0.02 -30.59
C LYS A 290 6.50 -0.16 -29.77
N LEU A 291 6.44 -0.83 -28.63
CA LEU A 291 7.59 -0.98 -27.75
C LEU A 291 8.31 -2.30 -27.95
N MET A 292 7.72 -3.23 -28.68
CA MET A 292 8.26 -4.57 -28.78
C MET A 292 9.09 -4.78 -30.03
N ASP A 293 9.01 -3.87 -31.00
CA ASP A 293 9.96 -3.91 -32.10
C ASP A 293 11.22 -3.12 -31.82
N VAL A 294 11.12 -2.09 -30.97
CA VAL A 294 12.29 -1.39 -30.47
C VAL A 294 13.21 -2.36 -29.74
N VAL A 295 12.62 -3.24 -28.94
CA VAL A 295 13.37 -4.33 -28.31
C VAL A 295 13.89 -5.30 -29.37
N TYR A 296 13.18 -5.45 -30.48
CA TYR A 296 13.69 -6.36 -31.51
C TYR A 296 14.79 -5.71 -32.33
N SER A 297 14.66 -4.41 -32.61
CA SER A 297 15.62 -3.75 -33.50
C SER A 297 16.98 -3.64 -32.84
N ILE A 298 17.03 -3.39 -31.54
CA ILE A 298 18.29 -3.27 -30.83
C ILE A 298 18.93 -4.63 -30.65
N ALA A 299 18.13 -5.70 -30.59
CA ALA A 299 18.62 -7.04 -30.33
C ALA A 299 19.46 -7.60 -31.48
N LEU A 300 19.42 -7.00 -32.65
CA LEU A 300 20.45 -7.18 -33.67
C LEU A 300 21.27 -5.91 -33.74
N HIS A 301 22.57 -6.03 -33.91
CA HIS A 301 23.42 -4.85 -34.04
C HIS A 301 23.13 -4.21 -35.39
N PRO A 302 22.41 -3.07 -35.45
CA PRO A 302 21.64 -2.61 -36.62
C PRO A 302 22.45 -2.31 -37.88
N ASP A 320 37.40 9.12 -19.75
CA ASP A 320 38.72 8.62 -20.10
C ASP A 320 39.52 9.74 -20.75
N ALA A 321 40.12 10.56 -19.87
CA ALA A 321 41.08 11.63 -20.13
C ALA A 321 40.48 12.88 -20.77
N VAL A 322 39.24 12.80 -21.25
CA VAL A 322 38.51 13.98 -21.71
C VAL A 322 37.18 14.01 -20.96
N GLU A 323 36.53 12.85 -20.87
CA GLU A 323 35.26 12.74 -20.16
C GLU A 323 35.40 13.03 -18.68
N ARG A 324 36.57 12.72 -18.10
CA ARG A 324 36.83 13.06 -16.71
C ARG A 324 36.91 14.56 -16.49
N CYS A 325 37.21 15.33 -17.54
CA CYS A 325 37.22 16.78 -17.47
C CYS A 325 35.85 17.38 -17.72
N TYR A 326 34.84 16.57 -17.95
CA TYR A 326 33.50 17.07 -18.21
C TYR A 326 32.50 16.63 -17.17
N LEU A 327 32.54 15.36 -16.74
CA LEU A 327 31.57 14.90 -15.77
C LEU A 327 31.81 15.51 -14.39
N GLN A 328 33.06 15.78 -14.04
CA GLN A 328 33.34 16.42 -12.75
C GLN A 328 32.87 17.87 -12.74
N ALA A 329 33.02 18.56 -13.87
CA ALA A 329 32.50 19.91 -14.00
C ALA A 329 30.97 19.90 -14.01
N LEU A 330 30.37 18.86 -14.57
CA LEU A 330 28.90 18.77 -14.52
C LEU A 330 28.41 18.45 -13.12
N SER A 331 29.20 17.70 -12.34
CA SER A 331 28.85 17.45 -10.95
C SER A 331 28.90 18.73 -10.13
N VAL A 332 29.94 19.55 -10.34
CA VAL A 332 30.01 20.87 -9.70
C VAL A 332 28.85 21.74 -10.18
N CYS A 333 28.47 21.62 -11.45
CA CYS A 333 27.41 22.42 -12.04
C CYS A 333 26.04 22.13 -11.41
N ASN A 334 25.68 20.86 -11.31
CA ASN A 334 24.38 20.64 -10.69
C ASN A 334 24.42 20.66 -9.17
N LYS A 335 25.61 20.65 -8.55
CA LYS A 335 25.69 21.07 -7.14
C LYS A 335 25.38 22.55 -7.00
N VAL A 336 25.81 23.37 -7.97
CA VAL A 336 25.40 24.79 -7.97
C VAL A 336 23.90 24.89 -8.23
N LYS A 337 23.35 24.00 -9.05
CA LYS A 337 21.90 23.99 -9.28
C LYS A 337 21.13 23.56 -8.03
N GLY A 338 21.76 22.77 -7.15
CA GLY A 338 21.08 22.36 -5.93
C GLY A 338 20.84 23.51 -4.98
N LEU A 339 21.90 24.20 -4.58
CA LEU A 339 21.77 25.36 -3.71
C LEU A 339 21.18 26.53 -4.47
N LYS A 340 20.17 27.18 -3.87
CA LYS A 340 19.62 28.39 -4.47
C LYS A 340 20.64 29.51 -4.43
N VAL A 341 21.00 30.02 -5.60
CA VAL A 341 22.02 31.05 -5.69
C VAL A 341 21.39 32.34 -6.21
N PHE A 342 20.84 32.28 -7.41
CA PHE A 342 20.42 33.47 -8.12
C PHE A 342 18.97 33.79 -7.80
N ASN A 343 18.37 34.68 -8.58
CA ASN A 343 16.99 35.10 -8.33
C ASN A 343 16.00 34.09 -8.90
N THR A 344 16.00 33.92 -10.21
CA THR A 344 15.00 33.11 -10.91
C THR A 344 15.56 31.73 -11.23
N ARG A 345 14.64 30.82 -11.57
CA ARG A 345 15.00 29.47 -11.98
C ARG A 345 15.26 29.37 -13.46
N ARG A 346 15.58 30.47 -14.12
CA ARG A 346 16.12 30.44 -15.46
C ARG A 346 17.50 31.05 -15.56
N ASN A 347 17.82 32.02 -14.69
CA ASN A 347 19.15 32.59 -14.68
C ASN A 347 20.17 31.58 -14.19
N THR A 348 19.73 30.65 -13.33
CA THR A 348 20.56 29.51 -12.97
C THR A 348 20.95 28.70 -14.20
N LEU A 349 19.96 28.41 -15.05
CA LEU A 349 20.23 27.59 -16.24
C LEU A 349 21.08 28.35 -17.26
N LEU A 350 20.90 29.66 -17.35
CA LEU A 350 21.69 30.45 -18.30
C LEU A 350 23.12 30.65 -17.83
N PHE A 351 23.32 30.86 -16.53
CA PHE A 351 24.68 30.92 -15.99
C PHE A 351 25.39 29.58 -16.14
N LEU A 352 24.68 28.49 -15.90
CA LEU A 352 25.31 27.19 -15.98
C LEU A 352 25.57 26.76 -17.43
N ASP A 353 24.73 27.15 -18.38
CA ASP A 353 25.14 26.77 -19.74
C ASP A 353 26.13 27.75 -20.33
N LEU A 354 26.26 28.96 -19.79
CA LEU A 354 27.41 29.80 -20.13
C LEU A 354 28.71 29.15 -19.67
N VAL A 355 28.71 28.60 -18.46
CA VAL A 355 29.87 27.86 -17.94
C VAL A 355 30.19 26.65 -18.82
N LEU A 356 29.16 25.84 -19.10
CA LEU A 356 29.38 24.63 -19.91
C LEU A 356 29.74 24.96 -21.35
N LEU A 357 29.26 26.09 -21.87
CA LEU A 357 29.53 26.50 -23.23
C LEU A 357 30.97 27.00 -23.38
N ASN A 358 31.46 27.72 -22.36
CA ASN A 358 32.87 28.12 -22.35
C ASN A 358 33.77 26.91 -22.20
N LEU A 359 33.34 25.91 -21.42
CA LEU A 359 34.12 24.69 -21.31
C LEU A 359 34.08 23.88 -22.60
N LEU A 360 32.98 23.99 -23.35
CA LEU A 360 32.90 23.41 -24.69
C LEU A 360 33.90 24.07 -25.63
N CYS A 361 34.01 25.40 -25.57
CA CYS A 361 34.98 26.09 -26.42
C CYS A 361 36.41 25.84 -25.98
N ASP A 362 36.62 25.54 -24.70
CA ASP A 362 37.97 25.36 -24.18
C ASP A 362 38.62 24.08 -24.71
N LEU A 363 37.96 22.94 -24.52
CA LEU A 363 38.56 21.66 -24.88
C LEU A 363 38.64 21.42 -26.38
N PHE A 364 37.97 22.25 -27.18
CA PHE A 364 38.03 22.10 -28.63
C PHE A 364 39.43 22.41 -29.17
N LYS A 365 40.16 23.28 -28.50
CA LYS A 365 41.46 23.73 -29.00
C LYS A 365 42.64 23.16 -28.25
N THR A 366 42.47 22.74 -26.99
CA THR A 366 43.59 22.19 -26.24
C THR A 366 43.95 20.79 -26.73
N TYR A 367 43.02 19.86 -26.60
CA TYR A 367 43.27 18.47 -26.96
C TYR A 367 43.27 18.29 -28.48
N ASP A 368 43.76 17.13 -28.92
CA ASP A 368 43.70 16.74 -30.31
C ASP A 368 42.53 15.81 -30.60
N GLY A 369 42.22 14.88 -29.69
CA GLY A 369 41.11 13.97 -29.86
C GLY A 369 39.80 14.67 -29.59
N ALA A 370 39.38 15.50 -30.54
CA ALA A 370 38.25 16.40 -30.39
C ALA A 370 36.93 15.69 -30.56
N ILE A 371 35.89 16.48 -30.81
CA ILE A 371 34.53 16.08 -31.17
C ILE A 371 34.48 14.89 -32.13
N VAL A 372 35.34 14.91 -33.15
CA VAL A 372 35.31 13.90 -34.20
C VAL A 372 35.71 12.53 -33.65
N ARG A 373 36.70 12.50 -32.76
CA ARG A 373 37.21 11.22 -32.30
C ARG A 373 36.63 10.80 -30.96
N LEU A 374 36.66 11.68 -29.96
CA LEU A 374 36.55 11.20 -28.58
C LEU A 374 35.45 11.87 -27.77
N ARG A 375 35.00 13.07 -28.12
CA ARG A 375 33.95 13.72 -27.35
C ARG A 375 32.57 13.25 -27.77
N ASN A 376 32.46 12.39 -28.78
CA ASN A 376 31.20 11.76 -29.11
C ASN A 376 30.99 10.46 -28.36
N ALA A 377 31.52 10.36 -27.13
CA ALA A 377 31.25 9.25 -26.22
C ALA A 377 30.15 9.60 -25.21
N GLY A 378 29.17 10.40 -25.61
CA GLY A 378 27.98 10.66 -24.81
C GLY A 378 27.71 12.11 -24.53
N ILE A 379 28.71 12.97 -24.66
CA ILE A 379 28.58 14.36 -24.22
C ILE A 379 27.86 15.19 -25.27
N VAL A 380 28.30 15.10 -26.51
CA VAL A 380 27.58 15.68 -27.64
C VAL A 380 27.02 14.55 -28.49
N VAL A 381 25.78 14.72 -28.95
CA VAL A 381 25.07 13.69 -29.70
C VAL A 381 24.92 14.07 -31.16
N GLY A 382 25.57 15.14 -31.59
CA GLY A 382 25.35 15.69 -32.91
C GLY A 382 24.45 16.89 -32.77
N GLN A 383 25.04 18.08 -32.75
CA GLN A 383 24.44 19.41 -32.68
C GLN A 383 23.84 19.72 -31.30
N MET A 384 23.79 18.76 -30.39
CA MET A 384 23.19 18.94 -29.08
C MET A 384 24.16 18.48 -28.01
N LEU A 385 24.20 19.18 -26.87
CA LEU A 385 25.11 18.80 -25.81
C LEU A 385 24.39 18.65 -24.48
N MET A 386 25.05 17.94 -23.58
CA MET A 386 24.59 17.59 -22.25
C MET A 386 24.51 18.85 -21.37
N LEU A 387 23.64 18.79 -20.36
CA LEU A 387 23.42 19.97 -19.55
C LEU A 387 23.06 19.51 -18.14
N VAL A 388 22.40 20.36 -17.36
CA VAL A 388 22.46 20.33 -15.91
C VAL A 388 21.77 19.13 -15.27
N ASN A 389 20.44 19.04 -15.35
CA ASN A 389 19.72 17.93 -14.75
C ASN A 389 19.25 17.03 -15.88
N ASP A 390 20.14 16.09 -16.25
CA ASP A 390 20.08 15.09 -17.32
C ASP A 390 19.31 15.57 -18.54
N ARG A 391 19.70 16.73 -19.04
CA ARG A 391 18.97 17.49 -20.04
C ARG A 391 19.88 17.68 -21.24
N LEU A 392 19.29 18.05 -22.38
CA LEU A 392 20.05 18.37 -23.57
C LEU A 392 19.63 19.73 -24.11
N LEU A 393 20.59 20.40 -24.75
CA LEU A 393 20.29 21.66 -25.42
C LEU A 393 21.19 21.74 -26.64
N ASP A 394 20.68 22.29 -27.73
CA ASP A 394 21.46 22.30 -28.95
C ASP A 394 22.37 23.52 -29.03
N ILE A 395 23.38 23.39 -29.89
CA ILE A 395 24.14 24.56 -30.30
C ILE A 395 23.26 25.39 -31.24
N LEU A 396 23.65 26.65 -31.45
CA LEU A 396 23.00 27.67 -32.28
C LEU A 396 21.58 28.02 -31.84
N GLU A 397 21.14 27.52 -30.68
CA GLU A 397 19.93 28.02 -30.04
C GLU A 397 20.26 28.29 -28.58
N ALA A 398 21.27 27.58 -28.06
CA ALA A 398 21.89 28.01 -26.82
C ALA A 398 22.53 29.38 -26.98
N ILE A 399 23.25 29.59 -28.08
CA ILE A 399 23.93 30.86 -28.23
C ILE A 399 22.98 31.94 -28.72
N LYS A 400 21.98 31.58 -29.53
CA LYS A 400 20.95 32.54 -29.92
C LYS A 400 20.08 32.91 -28.71
N LEU A 401 20.00 32.03 -27.73
CA LEU A 401 19.26 32.34 -26.51
C LEU A 401 20.09 33.16 -25.54
N ILE A 402 21.40 32.95 -25.51
CA ILE A 402 22.24 33.69 -24.57
C ILE A 402 22.60 35.08 -25.11
N ARG A 403 22.50 35.30 -26.43
CA ARG A 403 22.64 36.66 -26.95
C ARG A 403 21.39 37.50 -26.75
N LYS A 404 20.34 36.96 -26.15
CA LYS A 404 19.10 37.71 -25.96
C LYS A 404 19.27 38.78 -24.89
N LYS A 405 19.59 38.36 -23.67
CA LYS A 405 19.58 39.30 -22.55
C LYS A 405 20.97 39.83 -22.20
N LEU A 406 22.03 39.15 -22.64
CA LEU A 406 23.38 39.65 -22.42
C LEU A 406 23.65 40.92 -23.21
N MET A 407 22.89 41.15 -24.29
CA MET A 407 22.94 42.42 -24.99
C MET A 407 22.02 43.47 -24.37
N THR A 408 20.92 43.05 -23.74
CA THR A 408 20.06 44.03 -23.07
C THR A 408 20.61 44.36 -21.69
N SER A 409 20.72 43.35 -20.82
CA SER A 409 21.39 43.54 -19.54
C SER A 409 22.88 43.65 -19.80
N PRO A 410 23.53 44.77 -19.42
CA PRO A 410 24.94 44.99 -19.83
C PRO A 410 25.95 44.04 -19.21
N LYS A 411 25.98 43.90 -17.89
CA LYS A 411 27.03 43.10 -17.29
C LYS A 411 26.68 41.62 -17.34
N TRP A 412 25.74 41.20 -16.47
CA TRP A 412 25.14 39.87 -16.35
C TRP A 412 26.15 38.77 -15.99
N VAL A 413 27.44 39.04 -15.96
CA VAL A 413 28.42 38.02 -15.60
C VAL A 413 29.12 38.47 -14.33
N GLN A 414 29.81 39.62 -14.40
CA GLN A 414 30.42 40.18 -13.19
C GLN A 414 29.35 40.63 -12.21
N MET A 415 28.17 40.99 -12.71
CA MET A 415 27.03 41.23 -11.83
C MET A 415 26.52 39.92 -11.22
N CYS A 416 26.73 38.79 -11.91
CA CYS A 416 26.23 37.52 -11.41
C CYS A 416 27.29 36.60 -10.84
N SER A 417 28.52 36.63 -11.34
CA SER A 417 29.56 35.79 -10.75
C SER A 417 30.02 36.29 -9.39
N ARG A 418 29.70 37.55 -9.05
CA ARG A 418 29.97 38.01 -7.70
C ARG A 418 29.10 37.28 -6.69
N THR A 419 27.88 36.90 -7.08
CA THR A 419 27.00 36.15 -6.18
C THR A 419 27.50 34.74 -5.97
N LEU A 420 28.28 34.20 -6.89
CA LEU A 420 28.99 32.96 -6.63
C LEU A 420 30.37 33.21 -6.05
N LYS A 421 30.83 34.47 -6.03
CA LYS A 421 32.14 34.82 -5.48
C LYS A 421 32.11 34.97 -3.97
N ASN A 422 30.99 35.44 -3.40
CA ASN A 422 30.96 35.69 -1.96
C ASN A 422 29.65 35.29 -1.31
N SER A 423 28.93 34.32 -1.88
CA SER A 423 27.75 33.77 -1.23
C SER A 423 27.64 32.26 -1.33
N HIS A 424 28.53 31.61 -2.06
CA HIS A 424 28.68 30.16 -2.04
C HIS A 424 29.76 29.83 -1.00
N GLN A 425 30.32 28.62 -1.03
CA GLN A 425 31.45 28.30 -0.15
C GLN A 425 32.74 28.98 -0.62
N ASP A 426 32.73 29.55 -1.84
CA ASP A 426 33.69 30.55 -2.32
C ASP A 426 35.07 29.93 -2.54
N LEU A 427 35.08 28.66 -2.93
CA LEU A 427 36.23 28.01 -3.55
C LEU A 427 36.02 27.75 -5.03
N TRP A 428 34.75 27.71 -5.47
CA TRP A 428 34.20 27.61 -6.82
C TRP A 428 34.39 26.26 -7.48
N LEU A 429 35.29 25.41 -6.96
CA LEU A 429 35.75 24.17 -7.57
C LEU A 429 36.00 24.26 -9.08
N GLN A 430 36.48 25.39 -9.57
CA GLN A 430 36.46 25.66 -11.01
C GLN A 430 37.69 26.50 -11.37
N LEU A 431 37.65 27.08 -12.57
CA LEU A 431 38.79 27.68 -13.25
C LEU A 431 38.33 28.83 -14.12
N GLU A 432 39.08 29.10 -15.19
CA GLU A 432 38.79 30.17 -16.15
C GLU A 432 37.62 29.87 -17.08
N LYS A 433 36.77 28.90 -16.74
CA LYS A 433 35.58 28.64 -17.54
C LYS A 433 34.53 29.72 -17.34
N LEU A 434 34.21 30.06 -16.10
CA LEU A 434 33.21 31.09 -15.83
C LEU A 434 33.85 32.45 -16.08
N ILE A 435 33.61 32.99 -17.27
CA ILE A 435 34.21 34.26 -17.67
C ILE A 435 33.17 35.14 -18.34
N LYS A 436 33.63 36.27 -18.88
CA LYS A 436 32.80 37.29 -19.50
C LYS A 436 32.46 36.83 -20.91
N HIS A 437 31.91 37.74 -21.76
CA HIS A 437 31.30 37.56 -23.07
C HIS A 437 32.06 36.56 -23.94
N PRO A 438 31.46 35.40 -24.21
CA PRO A 438 32.22 34.29 -24.76
C PRO A 438 32.64 34.53 -26.19
N ASP A 439 33.70 33.82 -26.57
CA ASP A 439 34.24 33.90 -27.92
C ASP A 439 33.25 33.27 -28.88
N MET A 440 32.46 34.11 -29.54
CA MET A 440 31.45 33.65 -30.48
C MET A 440 32.07 33.29 -31.83
N ASP A 441 33.29 33.77 -32.08
CA ASP A 441 33.96 33.57 -33.36
C ASP A 441 34.32 32.10 -33.59
N ASN A 442 35.06 31.48 -32.66
CA ASN A 442 35.34 30.05 -32.77
C ASN A 442 34.13 29.21 -32.40
N LEU A 443 33.16 29.79 -31.70
CA LEU A 443 31.91 29.08 -31.41
C LEU A 443 31.08 28.91 -32.67
N MET A 444 31.23 29.79 -33.65
CA MET A 444 30.64 29.54 -34.96
C MET A 444 31.38 28.43 -35.71
N ILE A 445 32.69 28.30 -35.52
CA ILE A 445 33.39 27.14 -36.05
C ILE A 445 32.88 25.86 -35.40
N LEU A 446 32.58 25.91 -34.10
CA LEU A 446 31.93 24.78 -33.42
C LEU A 446 30.56 24.48 -34.02
N ALA A 447 29.73 25.50 -34.19
CA ALA A 447 28.38 25.31 -34.74
C ALA A 447 28.38 24.95 -36.23
N GLN A 448 29.52 25.06 -36.91
CA GLN A 448 29.60 24.58 -38.29
C GLN A 448 30.35 23.27 -38.45
N VAL A 449 31.12 22.84 -37.45
CA VAL A 449 31.60 21.46 -37.45
C VAL A 449 30.45 20.50 -37.12
N LEU A 450 29.71 20.82 -36.06
CA LEU A 450 28.53 20.08 -35.66
C LEU A 450 27.38 20.50 -36.57
N VAL A 451 27.24 19.82 -37.70
CA VAL A 451 26.39 20.36 -38.75
C VAL A 451 24.91 20.06 -38.50
N SER A 452 24.48 18.78 -38.59
CA SER A 452 23.08 18.43 -38.41
C SER A 452 22.85 16.93 -38.27
N ASP A 453 22.26 16.52 -37.13
CA ASP A 453 21.47 15.29 -37.06
C ASP A 453 20.58 15.46 -35.83
N ARG A 454 19.32 15.83 -36.03
CA ARG A 454 18.51 16.20 -34.88
C ARG A 454 17.25 15.35 -34.79
N PRO A 455 16.88 14.94 -33.59
CA PRO A 455 15.86 13.89 -33.44
C PRO A 455 14.45 14.39 -33.73
N VAL A 456 13.51 13.42 -33.78
CA VAL A 456 12.13 13.68 -34.16
C VAL A 456 11.16 13.54 -32.99
N MET A 457 11.12 12.37 -32.34
CA MET A 457 10.25 12.06 -31.19
C MET A 457 8.78 12.25 -31.57
N ARG A 458 8.33 11.33 -32.42
CA ARG A 458 7.04 11.43 -33.11
C ARG A 458 5.87 11.03 -32.22
N TYR A 459 4.82 11.88 -32.22
CA TYR A 459 3.68 11.61 -31.35
C TYR A 459 2.72 10.61 -31.99
N THR A 460 2.07 11.03 -33.07
CA THR A 460 0.92 10.34 -33.71
C THR A 460 -0.13 9.84 -32.72
N GLU A 466 4.07 -0.38 -42.28
CA GLU A 466 2.87 -0.80 -41.57
C GLU A 466 2.50 -2.22 -41.93
N LYS A 467 3.01 -2.70 -43.08
CA LYS A 467 2.69 -4.03 -43.55
C LYS A 467 3.87 -4.72 -44.20
N ILE A 468 5.08 -4.22 -43.99
CA ILE A 468 6.28 -4.83 -44.54
C ILE A 468 6.87 -5.69 -43.43
N CYS A 469 6.65 -7.00 -43.52
CA CYS A 469 7.07 -7.94 -42.49
C CYS A 469 8.56 -8.20 -42.65
N ARG A 470 9.36 -7.25 -42.17
CA ARG A 470 10.80 -7.44 -42.10
C ARG A 470 11.23 -8.12 -40.81
N HIS A 471 10.28 -8.48 -39.94
CA HIS A 471 10.57 -9.16 -38.71
C HIS A 471 10.66 -10.66 -38.96
N GLN A 472 11.80 -11.25 -38.62
CA GLN A 472 12.00 -12.67 -38.74
C GLN A 472 11.09 -13.40 -37.74
N PRO A 473 10.61 -14.60 -38.06
CA PRO A 473 9.77 -15.35 -37.11
C PRO A 473 10.55 -15.78 -35.88
N PHE A 474 9.90 -15.65 -34.72
CA PHE A 474 10.55 -15.83 -33.42
C PHE A 474 11.04 -17.25 -33.21
N SER A 475 10.37 -18.23 -33.81
CA SER A 475 10.75 -19.62 -33.63
C SER A 475 12.01 -20.01 -34.38
N SER A 476 12.54 -19.11 -35.20
CA SER A 476 13.75 -19.38 -35.99
C SER A 476 14.99 -18.72 -35.42
N LEU A 477 14.84 -17.78 -34.49
CA LEU A 477 15.97 -17.10 -33.88
C LEU A 477 16.75 -18.07 -33.00
N VAL A 478 18.07 -17.99 -33.06
CA VAL A 478 18.89 -18.86 -32.23
C VAL A 478 18.79 -18.38 -30.78
N GLU A 479 19.07 -19.30 -29.83
CA GLU A 479 18.79 -19.11 -28.40
C GLU A 479 19.44 -17.85 -27.83
N GLY A 480 20.62 -17.51 -28.34
CA GLY A 480 21.31 -16.31 -27.90
C GLY A 480 20.54 -15.05 -28.19
N GLU A 481 19.87 -14.99 -29.34
CA GLU A 481 19.16 -13.77 -29.66
C GLU A 481 17.83 -13.68 -28.92
N GLN A 482 17.25 -14.80 -28.52
CA GLN A 482 16.06 -14.78 -27.66
C GLN A 482 16.40 -14.27 -26.25
N LYS A 483 17.49 -14.80 -25.67
CA LYS A 483 17.98 -14.27 -24.40
C LYS A 483 18.40 -12.81 -24.51
N LYS A 484 18.89 -12.41 -25.69
CA LYS A 484 19.27 -11.03 -25.90
C LYS A 484 18.06 -10.11 -25.99
N LEU A 485 16.93 -10.61 -26.53
CA LEU A 485 15.70 -9.83 -26.44
C LEU A 485 15.22 -9.67 -25.01
N PHE A 486 15.56 -10.60 -24.12
CA PHE A 486 15.27 -10.34 -22.71
C PHE A 486 16.19 -9.26 -22.14
N ARG A 487 17.50 -9.30 -22.47
CA ARG A 487 18.46 -8.33 -21.95
C ARG A 487 18.11 -6.89 -22.33
N ILE A 488 17.68 -6.68 -23.58
CA ILE A 488 17.40 -5.31 -24.01
C ILE A 488 16.15 -4.77 -23.33
N LEU A 489 15.20 -5.64 -22.97
CA LEU A 489 14.04 -5.19 -22.21
C LEU A 489 14.42 -4.82 -20.79
N SER A 490 15.39 -5.55 -20.22
CA SER A 490 15.94 -5.17 -18.92
C SER A 490 16.53 -3.76 -18.94
N SER A 491 17.37 -3.49 -19.94
CA SER A 491 18.05 -2.19 -20.02
C SER A 491 17.08 -1.04 -20.29
N ILE A 492 16.12 -1.25 -21.21
CA ILE A 492 15.13 -0.23 -21.50
C ILE A 492 14.27 0.06 -20.29
N SER A 493 13.85 -0.99 -19.57
CA SER A 493 13.00 -0.81 -18.39
C SER A 493 13.71 -0.11 -17.25
N LEU A 494 15.01 -0.33 -17.11
CA LEU A 494 15.78 0.43 -16.12
C LEU A 494 15.85 1.91 -16.47
N ALA A 495 16.04 2.23 -17.76
CA ALA A 495 15.99 3.64 -18.15
C ALA A 495 14.59 4.23 -18.04
N LEU A 496 13.56 3.39 -18.20
CA LEU A 496 12.17 3.82 -18.05
C LEU A 496 11.86 4.19 -16.62
N VAL A 497 12.35 3.40 -15.66
CA VAL A 497 12.11 3.73 -14.26
C VAL A 497 12.93 4.94 -13.84
N ASN A 498 14.18 5.04 -14.32
CA ASN A 498 15.01 6.22 -14.02
C ASN A 498 14.49 7.50 -14.61
N SER A 499 13.62 7.44 -15.61
CA SER A 499 13.00 8.66 -16.13
C SER A 499 12.05 9.37 -15.14
N MET A 500 11.89 8.97 -13.88
CA MET A 500 11.16 9.74 -12.90
C MET A 500 12.09 10.41 -11.89
N LYS A 501 13.39 10.21 -12.01
CA LYS A 501 14.39 10.80 -11.13
C LYS A 501 14.53 12.30 -11.35
N THR A 502 14.14 12.79 -12.53
CA THR A 502 14.23 14.20 -12.86
C THR A 502 13.34 15.03 -11.94
N SER A 503 13.83 16.22 -11.57
CA SER A 503 13.18 17.07 -10.58
C SER A 503 11.80 17.52 -11.05
N PHE A 504 10.84 17.50 -10.13
CA PHE A 504 9.44 17.71 -10.46
C PHE A 504 9.05 19.17 -10.48
N SER A 505 10.02 20.09 -10.44
CA SER A 505 9.73 21.50 -10.57
C SER A 505 10.66 22.19 -11.56
N SER A 506 11.42 21.44 -12.33
CA SER A 506 12.36 22.00 -13.30
C SER A 506 11.76 21.93 -14.68
N ARG A 507 11.90 23.01 -15.44
CA ARG A 507 11.30 23.11 -16.76
C ARG A 507 12.39 23.50 -17.74
N LEU A 508 12.01 23.58 -19.01
CA LEU A 508 12.95 23.83 -20.09
C LEU A 508 13.20 25.33 -20.24
N LEU A 509 14.06 25.67 -21.20
CA LEU A 509 14.34 27.06 -21.54
C LEU A 509 13.42 27.57 -22.64
N ILE A 510 13.45 26.93 -23.80
CA ILE A 510 12.60 27.39 -24.90
C ILE A 510 11.17 26.91 -24.70
N ASN A 511 11.02 25.64 -24.33
CA ASN A 511 9.74 24.94 -24.07
C ASN A 511 8.85 24.98 -25.30
N GLY A 520 1.38 13.42 -35.40
CA GLY A 520 1.76 14.82 -35.25
C GLY A 520 3.18 14.99 -34.78
N ASN A 521 4.12 14.58 -35.62
CA ASN A 521 5.52 14.52 -35.23
C ASN A 521 6.15 15.91 -35.17
N VAL A 522 7.20 16.01 -34.36
CA VAL A 522 7.89 17.27 -34.08
C VAL A 522 9.37 17.14 -34.39
N ARG A 523 10.12 18.21 -34.12
CA ARG A 523 11.55 18.28 -34.36
C ARG A 523 12.18 18.83 -33.09
N LEU A 524 13.14 18.09 -32.55
CA LEU A 524 13.44 18.14 -31.12
C LEU A 524 14.60 19.10 -30.86
N ARG A 525 14.28 20.32 -30.46
CA ARG A 525 15.33 21.29 -30.13
C ARG A 525 15.98 20.96 -28.80
N GLU A 526 15.21 21.03 -27.71
CA GLU A 526 15.69 20.64 -26.40
C GLU A 526 14.74 19.61 -25.81
N CYS A 527 15.27 18.81 -24.90
CA CYS A 527 14.59 17.63 -24.37
C CYS A 527 15.41 17.15 -23.18
N TYR A 528 15.01 16.02 -22.61
CA TYR A 528 15.77 15.34 -21.58
C TYR A 528 16.45 14.15 -22.23
N VAL A 529 17.24 13.41 -21.45
CA VAL A 529 17.87 12.20 -21.96
C VAL A 529 18.18 11.31 -20.77
N GLN A 530 18.07 10.00 -20.98
CA GLN A 530 18.40 8.99 -19.98
C GLN A 530 19.17 7.90 -20.68
N ARG A 531 20.48 8.06 -20.80
CA ARG A 531 21.22 7.17 -21.66
C ARG A 531 21.57 5.87 -20.96
N PHE A 532 21.44 4.77 -21.70
CA PHE A 532 21.78 3.46 -21.20
C PHE A 532 22.83 2.82 -22.08
N HIS A 533 23.66 2.00 -21.47
CA HIS A 533 24.88 1.50 -22.08
C HIS A 533 24.68 0.07 -22.53
N LEU A 534 25.22 -0.28 -23.70
CA LEU A 534 25.04 -1.63 -24.23
C LEU A 534 26.36 -2.39 -24.38
N THR A 535 27.32 -1.90 -25.14
CA THR A 535 28.52 -2.68 -25.45
C THR A 535 29.69 -1.69 -25.41
N LYS A 536 30.83 -2.07 -26.00
CA LYS A 536 32.10 -1.36 -25.84
C LYS A 536 32.04 0.07 -26.36
N ASN A 537 31.36 0.29 -27.48
CA ASN A 537 31.21 1.62 -28.04
C ASN A 537 29.76 2.06 -28.20
N THR A 538 28.81 1.13 -28.31
CA THR A 538 27.41 1.47 -28.51
C THR A 538 26.79 2.06 -27.26
N PHE A 539 25.70 2.78 -27.45
CA PHE A 539 25.02 3.57 -26.43
C PHE A 539 23.54 3.29 -26.56
N GLY A 540 22.73 4.19 -26.04
CA GLY A 540 21.31 4.18 -26.35
C GLY A 540 20.65 5.29 -25.59
N LEU A 541 19.79 6.07 -26.22
CA LEU A 541 19.28 7.27 -25.60
C LEU A 541 17.79 7.13 -25.44
N LEU A 542 17.17 8.04 -24.71
CA LEU A 542 15.73 7.95 -24.44
C LEU A 542 15.21 9.36 -24.23
N PHE A 543 14.79 9.99 -25.32
CA PHE A 543 14.37 11.38 -25.25
C PHE A 543 12.96 11.46 -24.70
N TYR A 544 12.69 12.49 -23.91
CA TYR A 544 11.32 12.79 -23.49
C TYR A 544 11.22 14.27 -23.24
N GLN A 545 10.03 14.73 -22.89
CA GLN A 545 9.85 16.18 -22.82
C GLN A 545 8.97 16.63 -21.67
N LYS A 546 8.55 15.74 -20.77
CA LYS A 546 7.93 16.20 -19.52
C LYS A 546 8.52 15.47 -18.32
N THR A 547 8.23 16.02 -17.15
CA THR A 547 8.71 15.54 -15.86
C THR A 547 7.53 15.15 -15.00
N GLY A 548 7.65 14.03 -14.31
CA GLY A 548 6.57 13.58 -13.46
C GLY A 548 6.48 12.08 -13.48
N GLU A 549 5.42 11.56 -12.88
CA GLU A 549 5.29 10.13 -12.70
C GLU A 549 4.09 9.52 -13.41
N LYS A 550 3.90 9.86 -14.68
CA LYS A 550 2.82 9.29 -15.46
C LYS A 550 3.33 9.03 -16.87
N SER A 551 2.43 8.70 -17.79
CA SER A 551 2.83 8.20 -19.11
C SER A 551 3.11 9.34 -20.08
N ARG A 552 4.10 9.14 -20.96
CA ARG A 552 4.66 10.19 -21.79
C ARG A 552 5.05 9.62 -23.14
N CYS A 553 5.62 10.46 -23.99
CA CYS A 553 6.09 10.06 -25.32
C CYS A 553 7.59 9.83 -25.24
N TYR A 554 8.04 8.61 -25.50
CA TYR A 554 9.45 8.29 -25.40
C TYR A 554 9.98 7.91 -26.76
N SER A 555 11.30 8.00 -26.94
CA SER A 555 11.89 7.77 -28.26
C SER A 555 13.32 7.27 -28.12
N ILE A 556 13.48 5.97 -28.17
CA ILE A 556 14.80 5.37 -28.10
C ILE A 556 15.55 5.60 -29.41
N TYR A 557 16.74 6.15 -29.33
CA TYR A 557 17.72 6.14 -30.41
C TYR A 557 18.83 5.17 -30.11
N LEU A 558 19.85 5.19 -30.96
CA LEU A 558 21.00 4.30 -30.79
C LEU A 558 22.17 4.98 -31.46
N SER A 559 23.11 5.50 -30.68
CA SER A 559 24.27 6.21 -31.21
C SER A 559 25.50 5.37 -30.94
N THR A 560 25.98 4.65 -31.95
CA THR A 560 27.10 3.75 -31.74
C THR A 560 28.42 4.50 -31.68
N ASN A 561 28.85 5.09 -32.79
CA ASN A 561 30.14 5.78 -32.83
C ASN A 561 29.94 7.25 -33.15
N GLY A 562 29.00 7.89 -32.45
CA GLY A 562 28.61 9.23 -32.76
C GLY A 562 27.51 9.34 -33.81
N VAL A 563 27.29 8.28 -34.57
CA VAL A 563 26.24 8.26 -35.58
C VAL A 563 24.90 7.91 -34.92
N LEU A 564 23.98 8.86 -34.91
CA LEU A 564 22.66 8.58 -34.38
C LEU A 564 21.89 7.65 -35.32
N GLU A 565 20.82 7.08 -34.79
CA GLU A 565 19.98 6.17 -35.57
C GLU A 565 18.60 6.14 -34.94
N GLU A 566 17.58 6.13 -35.79
CA GLU A 566 16.20 5.98 -35.32
C GLU A 566 15.98 4.56 -34.82
N GLN A 567 15.22 4.41 -33.74
CA GLN A 567 14.80 3.07 -33.35
C GLN A 567 13.30 3.01 -33.13
N GLY A 568 12.67 4.09 -32.69
CA GLY A 568 11.24 4.07 -32.57
C GLY A 568 10.71 5.27 -31.82
N SER A 569 9.54 5.07 -31.22
CA SER A 569 8.80 5.99 -30.37
C SER A 569 7.65 5.19 -29.80
N PHE A 570 7.23 5.52 -28.58
CA PHE A 570 6.13 4.82 -27.95
C PHE A 570 5.59 5.58 -26.76
N TYR A 571 4.33 5.33 -26.42
CA TYR A 571 3.83 5.73 -25.13
C TYR A 571 3.96 4.54 -24.20
N CYS A 572 4.31 4.80 -22.95
CA CYS A 572 4.29 3.77 -21.92
C CYS A 572 4.17 4.46 -20.58
N ASP A 573 3.56 3.75 -19.63
CA ASP A 573 3.44 4.25 -18.28
C ASP A 573 4.64 3.71 -17.52
N PRO A 574 5.56 4.55 -17.04
CA PRO A 574 6.88 4.04 -16.65
C PRO A 574 6.88 3.28 -15.34
N LYS A 575 5.97 3.55 -14.43
CA LYS A 575 5.95 2.87 -13.16
C LYS A 575 5.23 1.54 -13.19
N ARG A 576 4.87 1.05 -14.37
CA ARG A 576 4.38 -0.30 -14.54
C ARG A 576 5.49 -1.28 -14.89
N PHE A 577 6.72 -0.79 -15.05
CA PHE A 577 7.83 -1.56 -15.59
C PHE A 577 8.88 -1.90 -14.55
N PHE A 578 8.48 -2.07 -13.30
CA PHE A 578 9.48 -2.32 -12.27
C PHE A 578 9.97 -3.76 -12.28
N LEU A 579 9.18 -4.71 -12.77
CA LEU A 579 9.57 -6.12 -12.63
C LEU A 579 10.81 -6.52 -13.43
N PRO A 580 10.94 -6.25 -14.77
CA PRO A 580 12.07 -6.85 -15.50
C PRO A 580 13.35 -6.05 -15.44
N ILE A 581 13.69 -5.50 -14.27
CA ILE A 581 14.80 -4.54 -14.20
C ILE A 581 16.14 -5.25 -14.22
N PHE A 582 16.45 -6.06 -13.22
CA PHE A 582 17.65 -6.85 -13.28
C PHE A 582 17.37 -8.33 -13.46
N SER A 583 16.13 -8.68 -13.81
CA SER A 583 15.68 -10.06 -13.90
C SER A 583 15.63 -10.49 -15.36
N GLU A 584 16.77 -10.82 -15.91
CA GLU A 584 16.84 -11.44 -17.23
C GLU A 584 17.38 -12.86 -17.12
N ASP A 585 17.56 -13.36 -15.90
CA ASP A 585 17.88 -14.76 -15.67
C ASP A 585 16.92 -15.43 -14.72
N VAL A 586 16.09 -14.67 -14.00
CA VAL A 586 14.97 -15.27 -13.27
C VAL A 586 13.95 -15.78 -14.27
N LEU A 587 13.61 -14.96 -15.27
CA LEU A 587 12.51 -15.28 -16.17
C LEU A 587 12.90 -16.37 -17.16
N ILE A 588 14.13 -16.38 -17.63
CA ILE A 588 14.55 -17.42 -18.55
C ILE A 588 14.65 -18.76 -17.84
N GLU A 589 15.12 -18.75 -16.59
CA GLU A 589 15.19 -20.02 -15.86
C GLU A 589 13.81 -20.48 -15.42
N MET A 590 12.88 -19.55 -15.21
CA MET A 590 11.48 -19.91 -14.93
C MET A 590 10.84 -20.59 -16.14
N CYS A 591 10.95 -19.97 -17.32
CA CYS A 591 10.42 -20.57 -18.54
C CYS A 591 11.10 -21.88 -18.87
N GLU A 592 12.38 -22.02 -18.55
CA GLU A 592 13.05 -23.28 -18.81
C GLU A 592 12.65 -24.34 -17.80
N GLU A 593 12.28 -23.96 -16.58
CA GLU A 593 11.78 -24.97 -15.65
C GLU A 593 10.42 -25.50 -16.09
N MET A 594 9.53 -24.59 -16.51
CA MET A 594 8.23 -25.02 -17.02
C MET A 594 8.37 -25.90 -18.24
N THR A 595 9.33 -25.60 -19.10
CA THR A 595 9.60 -26.50 -20.22
C THR A 595 10.17 -27.83 -19.74
N SER A 596 10.95 -27.83 -18.67
CA SER A 596 11.54 -29.08 -18.20
C SER A 596 10.53 -30.01 -17.56
N TRP A 597 9.38 -29.49 -17.13
CA TRP A 597 8.30 -30.38 -16.66
C TRP A 597 7.80 -31.30 -17.76
N LEU A 598 7.81 -30.85 -19.01
CA LEU A 598 7.40 -31.63 -20.17
C LEU A 598 8.55 -32.48 -20.70
N ASP A 599 9.14 -33.26 -19.82
CA ASP A 599 10.35 -34.00 -20.11
C ASP A 599 10.06 -35.29 -20.87
N PHE A 600 8.81 -35.77 -20.82
CA PHE A 600 8.46 -37.10 -21.31
C PHE A 600 8.59 -37.25 -22.81
N SER A 601 8.53 -36.15 -23.55
CA SER A 601 8.61 -36.24 -25.00
C SER A 601 9.27 -35.00 -25.56
N HIS A 602 10.29 -35.19 -26.38
CA HIS A 602 10.75 -34.14 -27.25
C HIS A 602 9.70 -33.87 -28.33
N GLU A 603 9.98 -32.85 -29.15
CA GLU A 603 9.04 -32.19 -30.08
C GLU A 603 7.68 -31.87 -29.44
N LEU A 604 7.70 -31.63 -28.13
CA LEU A 604 6.62 -31.02 -27.38
C LEU A 604 7.26 -29.91 -26.56
N MET A 605 8.52 -30.12 -26.19
CA MET A 605 9.28 -29.09 -25.52
C MET A 605 10.21 -28.35 -26.47
N THR A 606 10.39 -28.81 -27.71
CA THR A 606 11.01 -28.00 -28.74
C THR A 606 9.97 -27.24 -29.55
N MET A 607 8.74 -27.17 -29.05
CA MET A 607 7.64 -26.60 -29.80
C MET A 607 6.89 -25.62 -28.91
N THR A 608 6.88 -25.91 -27.62
CA THR A 608 6.29 -25.02 -26.62
C THR A 608 7.32 -24.12 -25.95
N ARG A 609 8.57 -24.20 -26.36
CA ARG A 609 9.59 -23.35 -25.78
C ARG A 609 9.54 -21.91 -26.31
N PRO A 610 9.47 -21.63 -27.63
CA PRO A 610 9.35 -20.23 -28.03
C PRO A 610 7.98 -19.61 -27.83
N ILE A 611 6.92 -20.41 -27.72
CA ILE A 611 5.60 -19.83 -27.49
C ILE A 611 5.52 -19.27 -26.09
N LEU A 612 6.11 -19.98 -25.13
CA LEU A 612 6.10 -19.51 -23.74
C LEU A 612 7.03 -18.32 -23.55
N ARG A 613 8.20 -18.33 -24.21
CA ARG A 613 9.09 -17.18 -24.14
C ARG A 613 8.45 -15.94 -24.71
N LEU A 614 7.76 -16.07 -25.85
CA LEU A 614 7.13 -14.89 -26.41
C LEU A 614 5.92 -14.49 -25.57
N LEU A 615 5.27 -15.44 -24.90
CA LEU A 615 4.16 -15.12 -24.01
C LEU A 615 4.64 -14.29 -22.83
N VAL A 616 5.72 -14.73 -22.17
CA VAL A 616 6.26 -14.00 -21.02
C VAL A 616 6.89 -12.68 -21.46
N LEU A 617 7.30 -12.58 -22.72
CA LEU A 617 7.87 -11.33 -23.20
C LEU A 617 6.79 -10.32 -23.54
N ALA A 618 5.73 -10.76 -24.22
CA ALA A 618 4.66 -9.87 -24.64
C ALA A 618 3.76 -9.44 -23.51
N VAL A 619 3.68 -10.24 -22.44
CA VAL A 619 2.95 -9.82 -21.25
C VAL A 619 3.64 -8.65 -20.56
N LEU A 620 4.97 -8.72 -20.45
CA LEU A 620 5.74 -7.66 -19.81
C LEU A 620 5.82 -6.40 -20.67
N CYS A 621 5.97 -6.56 -21.99
CA CYS A 621 6.06 -5.40 -22.89
C CYS A 621 4.75 -4.63 -23.00
N SER A 622 3.64 -5.19 -22.53
CA SER A 622 2.37 -4.45 -22.47
C SER A 622 1.61 -4.95 -21.26
N PRO A 623 1.76 -4.28 -20.11
CA PRO A 623 0.91 -4.60 -18.97
C PRO A 623 -0.41 -3.87 -19.06
N SER A 624 -1.48 -4.56 -18.65
CA SER A 624 -2.80 -3.94 -18.55
C SER A 624 -3.62 -4.75 -17.57
N LYS A 625 -4.73 -4.17 -17.12
CA LYS A 625 -5.65 -4.96 -16.31
C LYS A 625 -6.35 -6.00 -17.16
N ARG A 626 -6.51 -5.74 -18.46
CA ARG A 626 -7.16 -6.69 -19.35
C ARG A 626 -6.34 -7.96 -19.53
N ASN A 627 -5.01 -7.86 -19.48
CA ASN A 627 -4.19 -9.05 -19.60
C ASN A 627 -4.25 -9.90 -18.34
N GLN A 628 -4.32 -9.26 -17.17
CA GLN A 628 -4.57 -9.98 -15.92
C GLN A 628 -5.92 -10.68 -15.94
N THR A 629 -6.98 -9.94 -16.25
CA THR A 629 -8.31 -10.51 -16.22
C THR A 629 -8.51 -11.56 -17.29
N PHE A 630 -7.74 -11.54 -18.37
CA PHE A 630 -7.81 -12.71 -19.25
C PHE A 630 -7.07 -13.88 -18.62
N LEU A 631 -5.78 -13.71 -18.34
CA LEU A 631 -4.93 -14.85 -17.98
C LEU A 631 -5.29 -15.51 -16.67
N GLN A 632 -5.95 -14.81 -15.74
CA GLN A 632 -6.32 -15.48 -14.51
C GLN A 632 -7.57 -16.31 -14.66
N GLY A 633 -8.31 -16.14 -15.75
CA GLY A 633 -9.52 -16.88 -15.96
C GLY A 633 -9.33 -18.19 -16.68
N LEU A 634 -8.12 -18.63 -16.89
CA LEU A 634 -7.92 -19.90 -17.58
C LEU A 634 -7.79 -21.06 -16.62
N ARG A 635 -7.60 -20.81 -15.33
CA ARG A 635 -7.64 -21.89 -14.35
C ARG A 635 -9.04 -22.45 -14.19
N TYR A 636 -10.05 -21.62 -14.41
CA TYR A 636 -11.44 -22.10 -14.38
C TYR A 636 -11.71 -23.01 -15.56
N PHE A 637 -11.19 -22.65 -16.73
CA PHE A 637 -11.25 -23.53 -17.89
C PHE A 637 -10.53 -24.83 -17.64
N LEU A 638 -9.36 -24.77 -17.02
CA LEU A 638 -8.58 -25.98 -16.86
C LEU A 638 -9.22 -26.91 -15.84
N MET A 639 -9.86 -26.35 -14.81
CA MET A 639 -10.59 -27.19 -13.87
C MET A 639 -11.85 -27.78 -14.50
N ALA A 640 -12.55 -26.99 -15.34
CA ALA A 640 -13.73 -27.50 -16.03
C ALA A 640 -13.36 -28.58 -17.03
N TYR A 641 -12.18 -28.50 -17.61
CA TYR A 641 -11.69 -29.59 -18.45
C TYR A 641 -11.28 -30.77 -17.60
N ALA A 642 -10.87 -30.55 -16.36
CA ALA A 642 -10.39 -31.65 -15.54
C ALA A 642 -11.53 -32.38 -14.83
N ASN A 643 -12.47 -31.65 -14.25
CA ASN A 643 -13.58 -32.24 -13.52
C ASN A 643 -14.66 -32.68 -14.50
N GLN A 644 -15.85 -33.02 -14.03
CA GLN A 644 -16.91 -33.49 -14.92
C GLN A 644 -18.05 -32.51 -15.14
N ILE A 645 -18.41 -31.70 -14.16
CA ILE A 645 -19.62 -30.90 -14.21
C ILE A 645 -19.23 -29.43 -14.10
N HIS A 646 -19.86 -28.57 -14.89
CA HIS A 646 -19.54 -27.16 -14.82
C HIS A 646 -20.78 -26.32 -15.12
N HIS A 647 -20.72 -25.05 -14.72
CA HIS A 647 -21.86 -24.15 -14.83
C HIS A 647 -22.13 -23.84 -16.30
N VAL A 648 -23.32 -23.35 -16.61
CA VAL A 648 -23.61 -23.11 -18.02
C VAL A 648 -23.14 -21.74 -18.50
N ASP A 649 -22.95 -20.78 -17.60
CA ASP A 649 -22.42 -19.47 -17.98
C ASP A 649 -20.93 -19.37 -17.72
N LEU A 650 -20.19 -20.46 -17.93
CA LEU A 650 -18.75 -20.41 -17.73
C LEU A 650 -18.08 -19.65 -18.85
N MET A 651 -18.38 -20.00 -20.10
CA MET A 651 -17.72 -19.38 -21.23
C MET A 651 -18.16 -17.95 -21.49
N SER A 652 -19.16 -17.45 -20.77
CA SER A 652 -19.48 -16.04 -20.85
C SER A 652 -18.72 -15.20 -19.83
N LYS A 653 -18.03 -15.84 -18.88
CA LYS A 653 -17.24 -15.14 -17.89
C LYS A 653 -15.75 -15.16 -18.20
N LEU A 654 -15.29 -16.15 -18.97
CA LEU A 654 -13.90 -16.21 -19.38
C LEU A 654 -13.52 -15.14 -20.40
N ARG A 655 -14.48 -14.52 -21.06
CA ARG A 655 -14.22 -13.60 -22.16
C ARG A 655 -14.13 -12.18 -21.64
N VAL A 656 -12.94 -11.57 -21.75
CA VAL A 656 -12.78 -10.14 -21.52
C VAL A 656 -12.57 -9.47 -22.89
N ASP A 657 -13.28 -8.38 -23.12
CA ASP A 657 -13.27 -7.76 -24.43
C ASP A 657 -12.00 -6.95 -24.62
N CYS A 658 -11.64 -6.75 -25.89
CA CYS A 658 -10.31 -6.33 -26.23
C CYS A 658 -10.23 -4.86 -26.59
N MET A 659 -9.04 -4.30 -26.36
CA MET A 659 -8.65 -2.98 -26.85
C MET A 659 -7.21 -3.08 -27.34
N SER A 660 -6.86 -2.18 -28.26
CA SER A 660 -5.47 -1.82 -28.53
C SER A 660 -4.63 -2.96 -29.10
N GLY A 661 -5.22 -3.85 -29.88
CA GLY A 661 -4.45 -4.58 -30.86
C GLY A 661 -3.49 -5.66 -30.43
N SER A 662 -2.61 -5.37 -29.47
CA SER A 662 -1.68 -6.40 -29.02
C SER A 662 -2.36 -7.42 -28.13
N GLU A 663 -3.47 -7.04 -27.50
CA GLU A 663 -4.19 -7.95 -26.64
C GLU A 663 -4.83 -9.08 -27.43
N VAL A 664 -5.16 -8.83 -28.70
CA VAL A 664 -5.59 -9.90 -29.61
C VAL A 664 -4.51 -10.95 -29.74
N LEU A 665 -3.26 -10.53 -29.90
CA LEU A 665 -2.20 -11.51 -30.07
C LEU A 665 -1.85 -12.21 -28.77
N ILE A 666 -2.01 -11.52 -27.64
CA ILE A 666 -1.73 -12.22 -26.39
C ILE A 666 -2.84 -13.22 -26.08
N GLN A 667 -4.07 -12.95 -26.54
CA GLN A 667 -5.13 -13.94 -26.36
C GLN A 667 -4.95 -15.11 -27.31
N ARG A 668 -4.47 -14.85 -28.53
CA ARG A 668 -4.21 -15.94 -29.45
C ARG A 668 -3.09 -16.84 -28.94
N MET A 669 -2.07 -16.26 -28.32
CA MET A 669 -0.99 -17.10 -27.80
C MET A 669 -1.41 -17.85 -26.54
N ALA A 670 -2.28 -17.27 -25.73
CA ALA A 670 -2.82 -17.99 -24.58
C ALA A 670 -3.65 -19.19 -25.04
N VAL A 671 -4.66 -18.95 -25.88
CA VAL A 671 -5.54 -20.03 -26.30
C VAL A 671 -4.93 -20.94 -27.34
N GLU A 672 -3.73 -20.63 -27.83
CA GLU A 672 -3.03 -21.54 -28.72
C GLU A 672 -1.95 -22.31 -28.00
N LEU A 673 -1.52 -21.86 -26.83
CA LEU A 673 -0.64 -22.69 -26.03
C LEU A 673 -1.41 -23.81 -25.35
N PHE A 674 -2.71 -23.65 -25.14
CA PHE A 674 -3.51 -24.71 -24.52
C PHE A 674 -3.71 -25.89 -25.45
N GLN A 675 -4.16 -25.63 -26.67
CA GLN A 675 -4.49 -26.71 -27.58
C GLN A 675 -3.28 -27.35 -28.25
N ILE A 676 -2.08 -27.11 -27.72
CA ILE A 676 -0.89 -27.83 -28.13
C ILE A 676 -0.33 -28.67 -26.99
N ILE A 677 -0.78 -28.43 -25.76
CA ILE A 677 -0.40 -29.26 -24.62
C ILE A 677 -1.42 -30.38 -24.51
N LEU A 678 -2.66 -30.04 -24.19
CA LEU A 678 -3.77 -30.94 -24.40
C LEU A 678 -4.18 -30.90 -25.87
N SER A 679 -4.94 -31.92 -26.29
CA SER A 679 -5.41 -32.11 -27.67
C SER A 679 -4.24 -32.21 -28.65
N GLU A 680 -3.52 -33.32 -28.52
CA GLU A 680 -2.52 -33.77 -29.48
C GLU A 680 -2.98 -35.08 -30.07
N GLY A 681 -2.08 -35.84 -30.70
CA GLY A 681 -2.49 -36.99 -31.48
C GLY A 681 -2.87 -38.24 -30.69
N GLU A 682 -2.31 -39.40 -31.07
CA GLU A 682 -2.81 -40.66 -30.53
C GLU A 682 -2.36 -40.90 -29.09
N ASP A 683 -1.21 -40.34 -28.70
CA ASP A 683 -0.71 -40.43 -27.33
C ASP A 683 -0.95 -39.14 -26.58
N ALA A 684 -2.14 -38.55 -26.75
CA ALA A 684 -2.43 -37.19 -26.32
C ALA A 684 -2.29 -36.98 -24.82
N ASP A 685 -3.21 -37.53 -24.02
CA ASP A 685 -3.24 -37.23 -22.59
C ASP A 685 -2.40 -38.24 -21.83
N LEU A 686 -1.09 -38.20 -22.06
CA LEU A 686 -0.23 -39.30 -21.62
C LEU A 686 0.13 -39.15 -20.14
N TYR A 687 0.85 -38.09 -19.77
CA TYR A 687 1.03 -37.74 -18.36
C TYR A 687 0.20 -36.48 -18.15
N PHE A 688 -0.95 -36.60 -17.51
CA PHE A 688 -1.80 -35.43 -17.45
C PHE A 688 -1.50 -34.56 -16.22
N ALA A 689 -0.76 -35.07 -15.25
CA ALA A 689 -0.45 -34.25 -14.07
C ALA A 689 0.54 -33.16 -14.41
N ARG A 690 1.55 -33.50 -15.21
CA ARG A 690 2.53 -32.51 -15.67
C ARG A 690 1.87 -31.47 -16.55
N ARG A 691 0.99 -31.91 -17.45
CA ARG A 691 0.27 -30.97 -18.30
C ARG A 691 -0.67 -30.09 -17.49
N PHE A 692 -1.23 -30.62 -16.41
CA PHE A 692 -2.14 -29.83 -15.59
C PHE A 692 -1.38 -28.74 -14.84
N LYS A 693 -0.27 -29.09 -14.19
CA LYS A 693 0.44 -28.05 -13.45
C LYS A 693 1.16 -27.09 -14.38
N TYR A 694 1.54 -27.55 -15.59
CA TYR A 694 2.10 -26.65 -16.58
C TYR A 694 1.09 -25.60 -17.01
N LEU A 695 -0.12 -26.02 -17.38
CA LEU A 695 -1.06 -25.04 -17.87
C LEU A 695 -1.62 -24.18 -16.75
N LEU A 696 -1.64 -24.70 -15.53
CA LEU A 696 -2.04 -23.88 -14.39
C LEU A 696 -1.01 -22.80 -14.10
N ASN A 697 0.28 -23.13 -14.21
CA ASN A 697 1.30 -22.12 -13.98
C ASN A 697 1.40 -21.14 -15.14
N VAL A 698 1.05 -21.57 -16.36
CA VAL A 698 0.86 -20.61 -17.44
C VAL A 698 -0.28 -19.66 -17.12
N SER A 699 -1.35 -20.18 -16.52
CA SER A 699 -2.46 -19.32 -16.14
C SER A 699 -2.11 -18.35 -15.02
N TYR A 700 -1.13 -18.69 -14.19
CA TYR A 700 -0.73 -17.76 -13.14
C TYR A 700 0.33 -16.75 -13.59
N LEU A 701 0.49 -16.52 -14.89
CA LEU A 701 1.32 -15.42 -15.36
C LEU A 701 0.59 -14.09 -15.34
N CYS A 702 -0.58 -14.00 -14.71
CA CYS A 702 -1.21 -12.73 -14.50
C CYS A 702 -0.59 -11.96 -13.35
N HIS A 703 0.33 -12.58 -12.62
CA HIS A 703 1.06 -11.93 -11.55
C HIS A 703 2.33 -11.26 -12.04
N LEU A 704 2.69 -11.42 -13.31
CA LEU A 704 3.74 -10.59 -13.89
C LEU A 704 3.29 -9.15 -14.02
N VAL A 705 2.03 -8.94 -14.41
CA VAL A 705 1.49 -7.60 -14.55
C VAL A 705 1.23 -7.02 -13.17
N THR A 706 1.44 -5.70 -13.04
CA THR A 706 1.45 -5.02 -11.75
C THR A 706 0.07 -5.00 -11.11
N LYS A 707 0.04 -5.20 -9.79
CA LYS A 707 -1.19 -5.29 -9.03
C LYS A 707 -1.86 -3.92 -8.83
N GLU A 708 -1.15 -2.82 -9.01
CA GLU A 708 -1.72 -1.54 -8.65
C GLU A 708 -2.52 -0.95 -9.80
N THR A 709 -2.98 0.28 -9.62
CA THR A 709 -3.99 0.89 -10.46
C THR A 709 -3.35 1.60 -11.67
N PRO A 710 -4.03 1.58 -12.82
CA PRO A 710 -3.52 2.30 -13.99
C PRO A 710 -3.81 3.79 -13.94
N ASP A 711 -4.95 4.15 -13.37
CA ASP A 711 -5.33 5.53 -13.17
C ASP A 711 -6.22 5.55 -11.94
N ARG A 712 -6.17 6.65 -11.20
CA ARG A 712 -6.90 6.68 -9.95
C ARG A 712 -8.35 7.12 -10.14
N LEU A 713 -8.59 8.11 -11.00
CA LEU A 713 -9.94 8.63 -11.11
C LEU A 713 -10.86 7.66 -11.84
N THR A 714 -10.34 6.83 -12.74
CA THR A 714 -11.21 5.88 -13.39
C THR A 714 -11.60 4.73 -12.45
N ASP A 715 -10.72 4.36 -11.51
CA ASP A 715 -11.10 3.35 -10.54
C ASP A 715 -11.97 3.92 -9.45
N GLN A 716 -11.78 5.20 -9.11
CA GLN A 716 -12.65 5.86 -8.15
C GLN A 716 -14.03 6.13 -8.73
N ILE A 717 -14.18 6.14 -10.05
CA ILE A 717 -15.51 6.09 -10.65
C ILE A 717 -16.04 4.66 -10.69
N LYS A 718 -15.19 3.70 -11.08
CA LYS A 718 -15.62 2.32 -11.29
C LYS A 718 -15.99 1.63 -9.99
N CYS A 719 -15.55 2.14 -8.83
CA CYS A 719 -16.03 1.64 -7.54
C CYS A 719 -17.08 2.55 -6.93
N PHE A 720 -17.92 3.16 -7.76
CA PHE A 720 -19.13 3.82 -7.29
C PHE A 720 -20.29 3.35 -8.15
N GLU A 721 -20.01 3.01 -9.41
CA GLU A 721 -20.95 2.26 -10.23
C GLU A 721 -20.78 0.77 -10.06
N LYS A 722 -20.18 0.34 -8.96
CA LYS A 722 -20.24 -1.03 -8.51
C LYS A 722 -20.80 -1.09 -7.10
N PHE A 723 -20.90 0.06 -6.45
CA PHE A 723 -21.58 0.24 -5.18
C PHE A 723 -23.07 0.49 -5.35
N VAL A 724 -23.46 1.26 -6.35
CA VAL A 724 -24.84 1.71 -6.47
C VAL A 724 -25.63 0.96 -7.53
N GLU A 725 -24.99 0.15 -8.36
CA GLU A 725 -25.76 -0.60 -9.35
C GLU A 725 -26.64 -1.73 -8.82
N PRO A 726 -26.29 -2.48 -7.76
CA PRO A 726 -27.30 -3.40 -7.21
C PRO A 726 -28.44 -2.68 -6.51
N LYS A 727 -28.19 -1.54 -5.91
CA LYS A 727 -29.23 -0.85 -5.15
C LYS A 727 -30.23 -0.17 -6.04
N VAL A 728 -29.82 0.33 -7.21
CA VAL A 728 -30.76 0.97 -8.11
C VAL A 728 -31.62 -0.06 -8.80
N LYS A 729 -31.04 -1.21 -9.14
CA LYS A 729 -31.83 -2.31 -9.71
C LYS A 729 -32.81 -2.88 -8.69
N PHE A 730 -32.40 -2.98 -7.42
CA PHE A 730 -33.33 -3.48 -6.42
C PHE A 730 -34.34 -2.41 -6.01
N GLY A 731 -33.97 -1.14 -6.06
CA GLY A 731 -34.91 -0.04 -5.93
C GLY A 731 -35.16 0.48 -4.52
N CYS A 732 -34.12 0.52 -3.70
CA CYS A 732 -34.24 0.92 -2.29
C CYS A 732 -33.23 2.00 -1.95
N VAL A 733 -33.12 3.02 -2.79
CA VAL A 733 -32.17 4.11 -2.59
C VAL A 733 -32.92 5.34 -2.11
N VAL A 734 -32.56 5.83 -0.93
CA VAL A 734 -32.88 7.19 -0.53
C VAL A 734 -31.63 8.02 -0.64
N VAL A 735 -31.80 9.27 -1.02
CA VAL A 735 -30.67 10.19 -1.12
C VAL A 735 -30.90 11.31 -0.12
N ASN A 736 -29.82 11.69 0.57
CA ASN A 736 -29.73 12.69 1.61
C ASN A 736 -30.75 12.48 2.73
N PRO A 737 -30.55 11.52 3.64
CA PRO A 737 -31.42 11.42 4.81
C PRO A 737 -31.19 12.57 5.77
N PRO A 738 -32.14 12.86 6.67
CA PRO A 738 -31.95 14.00 7.59
C PRO A 738 -30.86 13.82 8.63
N LEU A 739 -30.36 12.60 8.81
CA LEU A 739 -29.00 12.31 9.28
C LEU A 739 -28.75 12.59 10.77
N ASN A 740 -29.68 13.21 11.48
CA ASN A 740 -29.56 13.31 12.93
C ASN A 740 -30.36 12.23 13.65
N GLY A 741 -30.52 11.06 13.04
CA GLY A 741 -31.56 10.18 13.47
C GLY A 741 -32.75 10.16 12.52
N SER A 742 -33.76 10.96 12.83
CA SER A 742 -35.11 10.87 12.28
C SER A 742 -35.16 10.98 10.75
N LEU A 743 -36.23 10.43 10.19
CA LEU A 743 -36.51 10.37 8.76
C LEU A 743 -37.85 11.02 8.45
N THR A 744 -38.09 11.22 7.16
CA THR A 744 -39.35 11.77 6.66
C THR A 744 -40.38 10.65 6.55
N LEU A 745 -41.45 10.87 5.80
CA LEU A 745 -42.45 9.81 5.65
C LEU A 745 -42.08 8.88 4.51
N GLU A 746 -41.79 9.43 3.33
CA GLU A 746 -41.58 8.60 2.16
C GLU A 746 -40.27 7.82 2.23
N GLN A 747 -39.30 8.27 3.02
CA GLN A 747 -38.07 7.50 3.18
C GLN A 747 -38.30 6.29 4.07
N GLU A 748 -39.14 6.43 5.10
CA GLU A 748 -39.63 5.28 5.83
C GLU A 748 -40.37 4.31 4.92
N ASP A 749 -41.18 4.85 4.01
CA ASP A 749 -41.98 3.99 3.13
C ASP A 749 -41.10 3.24 2.13
N THR A 750 -40.07 3.90 1.58
CA THR A 750 -39.13 3.20 0.69
C THR A 750 -38.35 2.14 1.44
N MET A 751 -38.01 2.40 2.70
CA MET A 751 -37.29 1.41 3.49
C MET A 751 -38.16 0.20 3.77
N ILE A 752 -39.44 0.43 4.09
CA ILE A 752 -40.38 -0.67 4.35
C ILE A 752 -40.68 -1.44 3.05
N ARG A 753 -40.74 -0.77 1.91
CA ARG A 753 -40.98 -1.49 0.66
C ARG A 753 -39.78 -2.32 0.25
N GLY A 754 -38.56 -1.84 0.50
CA GLY A 754 -37.39 -2.68 0.27
C GLY A 754 -37.34 -3.88 1.20
N LEU A 755 -37.75 -3.68 2.46
CA LEU A 755 -37.85 -4.80 3.39
C LEU A 755 -38.91 -5.81 2.94
N ASP A 756 -40.03 -5.34 2.40
CA ASP A 756 -41.09 -6.23 1.97
C ASP A 756 -40.72 -6.97 0.70
N ARG A 757 -39.91 -6.36 -0.18
CA ARG A 757 -39.41 -7.11 -1.32
C ARG A 757 -38.33 -8.10 -0.93
N PHE A 758 -37.61 -7.83 0.17
CA PHE A 758 -36.51 -8.72 0.53
C PHE A 758 -37.03 -10.05 1.02
N PHE A 759 -37.95 -10.03 1.99
CA PHE A 759 -38.48 -11.24 2.59
C PHE A 759 -39.75 -11.72 1.90
N SER A 760 -39.75 -11.81 0.57
CA SER A 760 -40.96 -12.28 -0.10
C SER A 760 -40.66 -13.17 -1.30
N LYS A 761 -39.51 -13.84 -1.34
CA LYS A 761 -39.32 -14.90 -2.31
C LYS A 761 -40.25 -16.05 -1.99
N GLU A 762 -40.70 -16.74 -3.02
CA GLU A 762 -41.70 -17.79 -2.88
C GLU A 762 -41.03 -19.12 -3.13
N ALA A 763 -41.38 -20.13 -2.34
CA ALA A 763 -40.60 -21.36 -2.30
C ALA A 763 -40.88 -22.30 -3.46
N LYS A 764 -41.66 -21.89 -4.46
CA LYS A 764 -42.03 -22.77 -5.57
C LYS A 764 -42.10 -22.00 -6.89
N THR A 765 -41.26 -21.00 -7.07
CA THR A 765 -41.23 -20.19 -8.28
C THR A 765 -39.87 -20.30 -8.96
N SER A 766 -39.66 -19.46 -9.97
CA SER A 766 -38.43 -19.47 -10.75
C SER A 766 -37.74 -18.12 -10.77
N SER A 767 -37.59 -17.51 -9.60
CA SER A 767 -36.70 -16.35 -9.44
C SER A 767 -35.37 -16.89 -8.90
N ASP A 768 -34.55 -17.36 -9.83
CA ASP A 768 -33.31 -18.07 -9.55
C ASP A 768 -32.20 -17.11 -9.15
N THR A 769 -30.95 -17.54 -9.26
CA THR A 769 -29.81 -16.76 -8.78
C THR A 769 -29.57 -15.49 -9.56
N GLN A 770 -30.52 -14.56 -9.48
CA GLN A 770 -30.34 -13.21 -9.99
C GLN A 770 -30.88 -12.14 -9.06
N ILE A 771 -31.83 -12.44 -8.18
CA ILE A 771 -32.58 -11.44 -7.45
C ILE A 771 -32.35 -11.64 -5.96
N PRO A 772 -31.97 -10.61 -5.21
CA PRO A 772 -31.62 -10.81 -3.80
C PRO A 772 -32.85 -10.87 -2.91
N GLY A 773 -32.86 -11.87 -2.04
CA GLY A 773 -33.92 -12.00 -1.06
C GLY A 773 -33.76 -13.28 -0.28
N VAL A 774 -34.83 -13.63 0.45
CA VAL A 774 -34.89 -14.86 1.23
C VAL A 774 -36.35 -15.24 1.46
N CYS A 775 -36.69 -16.51 1.24
CA CYS A 775 -38.01 -17.00 1.61
C CYS A 775 -38.01 -17.38 3.08
N LYS A 776 -39.09 -17.04 3.78
CA LYS A 776 -39.11 -17.28 5.21
C LYS A 776 -39.36 -18.74 5.57
N GLU A 777 -39.85 -19.56 4.63
CA GLU A 777 -40.15 -20.94 4.95
C GLU A 777 -38.88 -21.77 5.11
N ILE A 778 -37.96 -21.67 4.14
CA ILE A 778 -36.75 -22.49 4.22
C ILE A 778 -35.80 -21.92 5.26
N LEU A 779 -35.80 -20.60 5.46
CA LEU A 779 -35.04 -20.00 6.54
C LEU A 779 -35.56 -20.46 7.91
N SER A 780 -36.88 -20.54 8.06
CA SER A 780 -37.46 -21.03 9.31
C SER A 780 -37.18 -22.51 9.49
N PHE A 781 -37.08 -23.27 8.40
CA PHE A 781 -36.67 -24.67 8.50
C PHE A 781 -35.25 -24.78 9.04
N CYS A 782 -34.37 -23.89 8.56
CA CYS A 782 -32.97 -23.91 9.00
C CYS A 782 -32.83 -23.56 10.47
N ILE A 783 -33.54 -22.51 10.92
CA ILE A 783 -33.48 -22.11 12.32
C ILE A 783 -34.11 -23.19 13.22
N SER A 784 -35.22 -23.80 12.78
CA SER A 784 -35.90 -24.80 13.60
C SER A 784 -35.08 -26.06 13.75
N LEU A 785 -34.40 -26.50 12.69
CA LEU A 785 -33.49 -27.62 12.91
C LEU A 785 -32.18 -27.21 13.55
N PHE A 786 -31.88 -25.92 13.65
CA PHE A 786 -30.69 -25.57 14.42
C PHE A 786 -30.97 -25.51 15.92
N ASN A 787 -32.17 -25.05 16.31
CA ASN A 787 -32.47 -24.88 17.73
C ASN A 787 -32.48 -26.21 18.47
N ARG A 788 -33.33 -27.14 18.04
CA ARG A 788 -33.15 -28.51 18.48
C ARG A 788 -31.91 -29.08 17.80
N GLY A 789 -31.25 -30.02 18.47
CA GLY A 789 -29.96 -30.43 17.97
C GLY A 789 -30.04 -31.55 16.94
N ARG A 790 -30.08 -31.18 15.66
CA ARG A 790 -30.07 -32.15 14.58
C ARG A 790 -29.07 -31.84 13.48
N LEU A 791 -28.63 -30.60 13.33
CA LEU A 791 -27.56 -30.30 12.39
C LEU A 791 -26.22 -30.73 12.97
N LYS A 792 -25.18 -30.65 12.15
CA LYS A 792 -23.86 -31.05 12.61
C LYS A 792 -23.20 -29.99 13.48
N VAL A 793 -23.81 -28.81 13.63
CA VAL A 793 -23.37 -27.79 14.58
C VAL A 793 -24.58 -27.37 15.40
N THR A 794 -24.42 -27.28 16.72
CA THR A 794 -25.52 -26.98 17.62
C THR A 794 -25.18 -25.76 18.47
N GLY A 795 -26.07 -25.45 19.40
CA GLY A 795 -25.86 -24.35 20.33
C GLY A 795 -25.18 -24.81 21.61
N GLU A 796 -24.04 -25.49 21.44
CA GLU A 796 -23.22 -25.88 22.58
C GLU A 796 -22.72 -24.67 23.34
N LEU A 797 -22.00 -23.80 22.63
CA LEU A 797 -21.57 -22.47 23.07
C LEU A 797 -20.74 -22.55 24.36
N LYS A 798 -19.56 -23.12 24.21
CA LYS A 798 -18.53 -22.95 25.21
C LYS A 798 -18.10 -21.49 25.22
N SER A 799 -17.53 -21.05 26.36
CA SER A 799 -16.85 -19.76 26.48
C SER A 799 -17.74 -18.55 26.18
N ASN A 800 -18.61 -18.16 27.14
CA ASN A 800 -19.67 -17.15 27.16
C ASN A 800 -19.34 -15.92 26.31
N PRO A 801 -20.18 -15.61 25.31
CA PRO A 801 -19.79 -14.62 24.29
C PRO A 801 -19.78 -13.18 24.74
N TYR A 802 -20.04 -12.87 26.00
CA TYR A 802 -19.86 -11.52 26.51
C TYR A 802 -18.60 -11.52 27.36
N ARG A 803 -17.55 -10.89 26.85
CA ARG A 803 -16.24 -10.95 27.48
C ARG A 803 -15.40 -9.75 27.08
N VAL A 820 -5.23 10.77 11.59
CA VAL A 820 -5.77 11.68 12.58
C VAL A 820 -6.89 12.51 11.98
N ILE A 821 -8.06 12.49 12.65
CA ILE A 821 -9.34 13.14 12.32
C ILE A 821 -9.69 13.22 10.84
N PRO A 822 -9.79 12.10 10.11
CA PRO A 822 -9.97 12.17 8.66
C PRO A 822 -11.40 12.49 8.27
N LYS A 823 -11.56 13.15 7.14
CA LYS A 823 -12.88 13.36 6.59
C LYS A 823 -13.20 12.24 5.63
N LEU A 824 -14.49 11.96 5.48
CA LEU A 824 -14.96 10.77 4.80
C LEU A 824 -15.36 11.01 3.36
N ASP A 825 -15.49 12.26 2.94
CA ASP A 825 -15.75 12.54 1.54
C ASP A 825 -14.52 12.26 0.69
N GLU A 826 -13.34 12.55 1.22
CA GLU A 826 -12.11 12.62 0.44
C GLU A 826 -11.17 11.56 0.97
N LEU A 827 -11.34 10.32 0.54
CA LEU A 827 -10.43 9.27 0.94
C LEU A 827 -9.38 9.02 -0.12
N GLY A 828 -8.17 8.68 0.34
CA GLY A 828 -7.07 8.44 -0.55
C GLY A 828 -6.41 9.67 -1.13
N ASN A 829 -7.01 10.85 -0.99
CA ASN A 829 -6.37 12.05 -1.48
C ASN A 829 -5.17 12.39 -0.61
N ILE A 830 -4.31 13.26 -1.14
CA ILE A 830 -3.12 13.63 -0.42
C ILE A 830 -3.43 14.62 0.69
N LEU A 831 -4.09 15.71 0.34
CA LEU A 831 -4.38 16.76 1.31
C LEU A 831 -5.88 16.95 1.35
N SER A 832 -6.46 16.85 2.55
CA SER A 832 -7.87 17.08 2.75
C SER A 832 -8.16 18.58 2.76
N VAL A 833 -9.42 18.96 2.97
CA VAL A 833 -9.72 20.37 3.12
C VAL A 833 -9.37 20.84 4.52
N TYR A 834 -9.83 20.07 5.52
CA TYR A 834 -9.58 20.36 6.93
C TYR A 834 -8.09 20.45 7.22
N ASP A 835 -7.31 19.55 6.64
CA ASP A 835 -5.87 19.54 6.86
C ASP A 835 -5.19 20.75 6.22
N LYS A 836 -5.71 21.21 5.07
CA LYS A 836 -5.12 22.37 4.43
C LYS A 836 -5.38 23.64 5.22
N GLU A 837 -6.59 23.81 5.75
CA GLU A 837 -6.76 25.02 6.55
C GLU A 837 -6.11 24.92 7.93
N LYS A 838 -5.92 23.71 8.46
CA LYS A 838 -5.03 23.53 9.61
C LYS A 838 -3.65 24.08 9.31
N LEU A 839 -3.11 23.74 8.14
CA LEU A 839 -1.71 24.01 7.89
C LEU A 839 -1.48 25.48 7.53
N VAL A 840 -2.42 26.07 6.78
CA VAL A 840 -2.37 27.50 6.50
C VAL A 840 -2.56 28.30 7.79
N SER A 841 -3.45 27.85 8.68
CA SER A 841 -3.62 28.51 9.97
C SER A 841 -2.35 28.43 10.81
N THR A 842 -1.69 27.25 10.78
CA THR A 842 -0.44 27.04 11.50
C THR A 842 0.64 28.01 11.03
N CYS A 843 0.86 28.10 9.72
CA CYS A 843 1.97 28.91 9.25
C CYS A 843 1.68 30.40 9.33
N VAL A 844 0.42 30.82 9.14
CA VAL A 844 0.12 32.24 9.29
C VAL A 844 0.21 32.67 10.75
N SER A 845 -0.34 31.87 11.67
CA SER A 845 -0.26 32.25 13.08
C SER A 845 1.12 32.04 13.67
N THR A 846 1.97 31.25 13.01
CA THR A 846 3.34 31.08 13.50
C THR A 846 4.25 32.18 13.00
N MET A 847 4.24 32.45 11.70
CA MET A 847 5.13 33.43 11.15
C MET A 847 4.48 34.81 11.10
N ALA A 848 3.31 34.99 11.68
CA ALA A 848 2.76 36.32 11.88
C ALA A 848 3.14 36.90 13.22
N GLU A 849 3.70 36.09 14.12
CA GLU A 849 4.22 36.58 15.38
C GLU A 849 5.71 36.32 15.53
N ARG A 850 6.34 35.64 14.56
CA ARG A 850 7.78 35.54 14.56
C ARG A 850 8.42 36.89 14.25
N PHE A 851 8.02 37.52 13.14
CA PHE A 851 8.40 38.93 12.97
C PHE A 851 7.33 39.88 13.49
N LYS A 852 6.93 39.64 14.73
CA LYS A 852 6.34 40.64 15.60
C LYS A 852 7.19 40.90 16.83
N THR A 853 7.91 39.88 17.29
CA THR A 853 8.77 39.98 18.47
C THR A 853 10.24 39.96 18.12
N LYS A 854 10.60 39.94 16.83
CA LYS A 854 11.99 39.80 16.44
C LYS A 854 12.33 40.80 15.35
N GLY A 855 11.32 41.29 14.65
CA GLY A 855 11.59 42.23 13.57
C GLY A 855 10.60 43.37 13.48
N ARG A 856 10.46 43.94 12.30
CA ARG A 856 9.49 44.99 12.01
C ARG A 856 8.68 44.63 10.76
N TYR A 857 8.25 43.37 10.68
CA TYR A 857 7.47 42.80 9.56
C TYR A 857 8.22 42.88 8.23
N ASN A 858 9.54 42.72 8.25
CA ASN A 858 10.37 43.03 7.10
C ASN A 858 11.28 41.87 6.72
N LEU A 859 10.95 40.65 7.15
CA LEU A 859 11.91 39.55 7.04
C LEU A 859 11.12 38.26 6.86
N ASP A 860 10.91 37.86 5.62
CA ASP A 860 10.25 36.58 5.31
C ASP A 860 10.99 35.87 4.20
N PRO A 861 12.08 35.18 4.54
CA PRO A 861 12.89 34.48 3.54
C PRO A 861 12.31 33.10 3.27
N ASP A 862 13.05 32.32 2.49
CA ASP A 862 12.74 30.91 2.28
C ASP A 862 12.93 29.98 3.48
N SER A 863 12.76 30.50 4.70
CA SER A 863 12.53 29.68 5.88
C SER A 863 11.06 29.36 6.09
N MET A 864 10.14 30.08 5.42
CA MET A 864 8.75 29.66 5.40
C MET A 864 8.60 28.31 4.73
N ASP A 865 9.39 28.05 3.69
CA ASP A 865 9.41 26.73 3.10
C ASP A 865 9.94 25.70 4.07
N TYR A 866 10.79 26.10 5.01
CA TYR A 866 11.23 25.16 6.04
C TYR A 866 10.13 24.90 7.06
N LEU A 867 9.30 25.91 7.38
CA LEU A 867 8.09 25.67 8.17
C LEU A 867 7.17 24.66 7.51
N ILE A 868 6.84 24.90 6.24
CA ILE A 868 5.93 24.03 5.48
C ILE A 868 6.49 22.62 5.42
N LEU A 869 7.76 22.47 5.04
CA LEU A 869 8.34 21.15 4.86
C LEU A 869 8.51 20.41 6.18
N LYS A 870 8.77 21.09 7.30
CA LYS A 870 8.83 20.34 8.54
C LYS A 870 7.45 20.06 9.12
N ASN A 871 6.42 20.79 8.68
CA ASN A 871 5.08 20.35 9.05
C ASN A 871 4.61 19.16 8.22
N LEU A 872 4.91 19.16 6.91
CA LEU A 872 4.54 18.03 6.06
C LEU A 872 5.35 16.78 6.39
N THR A 873 6.66 16.82 6.20
CA THR A 873 7.45 15.61 6.32
C THR A 873 7.93 15.33 7.73
N GLY A 874 7.49 16.11 8.71
CA GLY A 874 7.95 15.93 10.07
C GLY A 874 9.39 16.34 10.27
N LEU A 875 10.26 15.36 10.45
CA LEU A 875 11.70 15.57 10.65
C LEU A 875 12.36 14.26 10.24
N VAL A 876 13.62 14.07 10.67
CA VAL A 876 14.47 12.85 10.52
C VAL A 876 14.37 12.10 9.19
N THR A 884 20.04 21.65 8.20
CA THR A 884 19.13 22.79 8.19
C THR A 884 19.43 23.70 7.00
N ASN A 885 18.40 24.43 6.53
CA ASN A 885 18.55 25.68 5.78
C ASN A 885 19.35 25.48 4.49
N GLN A 886 18.66 24.86 3.52
CA GLN A 886 19.00 24.58 2.11
C GLN A 886 19.85 23.32 1.93
N GLU A 887 20.03 22.51 2.97
CA GLU A 887 20.48 21.14 2.76
C GLU A 887 19.42 20.15 3.20
N GLU A 888 18.94 20.22 4.44
CA GLU A 888 17.84 19.33 4.76
C GLU A 888 16.52 19.87 4.22
N LEU A 889 16.46 21.16 3.87
CA LEU A 889 15.33 21.63 3.08
C LEU A 889 15.36 20.98 1.70
N SER A 890 16.55 20.74 1.17
CA SER A 890 16.67 20.03 -0.10
C SER A 890 16.32 18.56 0.05
N VAL A 891 16.72 17.92 1.16
CA VAL A 891 16.39 16.51 1.31
C VAL A 891 14.94 16.31 1.70
N MET A 892 14.26 17.35 2.20
CA MET A 892 12.83 17.25 2.42
C MET A 892 12.06 17.50 1.14
N TYR A 893 12.50 18.45 0.30
CA TYR A 893 11.78 18.69 -0.95
C TYR A 893 12.02 17.57 -1.96
N GLU A 894 13.15 16.89 -1.90
CA GLU A 894 13.35 15.76 -2.79
C GLU A 894 12.82 14.45 -2.24
N SER A 895 11.84 14.51 -1.34
CA SER A 895 11.15 13.31 -0.88
C SER A 895 9.65 13.44 -1.06
N LEU A 896 9.20 14.44 -1.80
CA LEU A 896 7.79 14.61 -2.10
C LEU A 896 7.52 14.10 -3.51
N THR A 897 6.55 13.20 -3.65
CA THR A 897 6.04 12.73 -4.92
C THR A 897 5.38 13.90 -5.66
N GLU A 898 5.23 13.77 -6.99
CA GLU A 898 4.84 14.89 -7.85
C GLU A 898 3.51 15.51 -7.45
N ASP A 899 2.51 14.68 -7.15
CA ASP A 899 1.21 15.20 -6.77
C ASP A 899 1.28 15.91 -5.42
N GLN A 900 2.12 15.44 -4.51
CA GLN A 900 2.25 16.16 -3.27
C GLN A 900 3.27 17.29 -3.34
N VAL A 901 4.10 17.33 -4.39
CA VAL A 901 4.82 18.58 -4.72
C VAL A 901 3.84 19.66 -5.13
N ARG A 902 2.84 19.29 -5.93
CA ARG A 902 1.79 20.25 -6.29
C ARG A 902 0.95 20.64 -5.08
N ALA A 903 0.77 19.72 -4.13
CA ALA A 903 0.10 20.06 -2.87
C ALA A 903 0.90 21.09 -2.07
N PHE A 904 2.22 20.87 -1.93
CA PHE A 904 3.13 21.86 -1.33
C PHE A 904 3.05 23.23 -1.98
N GLU A 905 3.08 23.26 -3.31
CA GLU A 905 3.06 24.53 -4.02
C GLU A 905 1.73 25.26 -3.82
N GLY A 906 0.63 24.50 -3.80
CA GLY A 906 -0.67 25.07 -3.53
C GLY A 906 -0.85 25.53 -2.10
N ILE A 907 -0.10 24.97 -1.15
CA ILE A 907 -0.15 25.53 0.20
C ILE A 907 0.67 26.80 0.27
N ARG A 908 1.88 26.79 -0.30
CA ARG A 908 2.79 27.89 -0.04
C ARG A 908 2.37 29.16 -0.77
N ASN A 909 1.76 29.05 -1.96
CA ASN A 909 1.26 30.28 -2.56
C ASN A 909 0.05 30.83 -1.81
N ASP A 910 -0.68 29.96 -1.11
CA ASP A 910 -1.81 30.42 -0.31
C ASP A 910 -1.33 31.12 0.96
N VAL A 911 -0.29 30.58 1.60
CA VAL A 911 0.28 31.21 2.79
C VAL A 911 0.92 32.55 2.43
N GLN A 912 1.63 32.61 1.30
CA GLN A 912 2.19 33.86 0.82
C GLN A 912 1.12 34.87 0.46
N MET A 913 -0.02 34.41 -0.08
CA MET A 913 -1.11 35.33 -0.40
C MET A 913 -1.75 35.91 0.86
N THR A 914 -1.93 35.07 1.89
CA THR A 914 -2.48 35.55 3.15
C THR A 914 -1.53 36.50 3.85
N LEU A 915 -0.22 36.20 3.86
CA LEU A 915 0.71 37.12 4.50
C LEU A 915 0.92 38.39 3.70
N ALA A 916 0.76 38.33 2.37
CA ALA A 916 0.73 39.56 1.60
C ALA A 916 -0.48 40.40 1.95
N LYS A 917 -1.58 39.75 2.34
CA LYS A 917 -2.77 40.47 2.77
C LYS A 917 -2.72 40.82 4.25
N MET A 918 -1.74 40.30 4.99
CA MET A 918 -1.62 40.54 6.42
C MET A 918 -1.23 41.97 6.75
N ALA A 919 -0.65 42.69 5.80
CA ALA A 919 -0.07 44.00 6.08
C ALA A 919 -1.07 45.12 5.87
N ASN A 920 -1.01 46.10 6.77
CA ASN A 920 -1.80 47.32 6.68
C ASN A 920 -0.93 48.53 6.38
N SER A 921 0.07 48.77 7.21
CA SER A 921 0.95 49.93 7.05
C SER A 921 2.18 49.59 6.23
N GLU A 942 -10.09 50.08 -2.64
CA GLU A 942 -10.00 51.52 -2.51
C GLU A 942 -11.09 52.23 -3.32
N SER A 943 -11.53 51.56 -4.40
CA SER A 943 -12.70 51.94 -5.21
C SER A 943 -12.58 53.33 -5.82
N LEU A 944 -11.37 53.78 -6.16
CA LEU A 944 -11.24 55.03 -6.91
C LEU A 944 -10.28 54.96 -8.08
N GLU A 945 -9.51 53.88 -8.25
CA GLU A 945 -8.63 53.75 -9.41
C GLU A 945 -8.41 52.27 -9.67
N LEU A 946 -9.14 51.72 -10.65
CA LEU A 946 -8.93 50.36 -11.15
C LEU A 946 -8.70 50.54 -12.65
N LEU A 947 -7.44 50.54 -13.08
CA LEU A 947 -7.11 51.07 -14.39
C LEU A 947 -7.45 50.07 -15.49
N TRP A 948 -6.65 48.99 -15.58
CA TRP A 948 -6.88 47.85 -16.47
C TRP A 948 -5.99 46.74 -15.96
N ALA A 949 -6.57 45.62 -15.51
CA ALA A 949 -5.66 44.56 -15.12
C ALA A 949 -5.24 43.76 -16.36
N PRO A 950 -6.16 43.32 -17.28
CA PRO A 950 -5.76 43.29 -18.70
C PRO A 950 -6.23 44.54 -19.42
N PHE A 951 -5.56 44.90 -20.51
CA PHE A 951 -5.95 46.07 -21.28
C PHE A 951 -7.26 45.83 -22.02
N GLY A 952 -8.09 46.87 -22.07
CA GLY A 952 -9.42 46.78 -22.64
C GLY A 952 -9.47 47.15 -24.11
N VAL A 953 -8.37 46.93 -24.83
CA VAL A 953 -8.31 47.07 -26.28
C VAL A 953 -7.98 45.76 -26.97
N MET A 954 -7.72 44.70 -26.21
CA MET A 954 -7.45 43.38 -26.78
C MET A 954 -8.77 42.68 -27.06
N ARG A 955 -8.72 41.38 -27.31
CA ARG A 955 -9.90 40.62 -27.72
C ARG A 955 -10.83 40.22 -26.58
N GLU A 956 -10.68 40.80 -25.38
CA GLU A 956 -11.48 40.40 -24.23
C GLU A 956 -11.42 41.47 -23.16
N ILE A 957 -12.54 41.71 -22.50
CA ILE A 957 -12.57 42.40 -21.21
C ILE A 957 -13.02 41.46 -20.09
N LYS A 958 -14.25 40.96 -20.14
CA LYS A 958 -14.73 40.04 -19.12
C LYS A 958 -15.64 38.99 -19.76
N ALA A 959 -15.34 38.60 -21.00
CA ALA A 959 -16.18 37.64 -21.70
C ALA A 959 -15.97 36.23 -21.17
N GLU A 960 -14.72 35.84 -20.92
CA GLU A 960 -14.42 34.56 -20.33
C GLU A 960 -13.71 34.65 -18.99
N VAL A 961 -13.31 35.84 -18.55
CA VAL A 961 -12.86 36.03 -17.18
C VAL A 961 -14.00 36.52 -16.29
N SER A 962 -15.24 36.36 -16.74
CA SER A 962 -16.40 36.49 -15.84
C SER A 962 -16.54 35.32 -14.89
N MET A 963 -15.66 34.32 -14.98
CA MET A 963 -15.60 33.24 -13.99
C MET A 963 -14.81 33.65 -12.75
N HIS A 964 -15.14 34.83 -12.22
CA HIS A 964 -14.52 35.44 -11.07
C HIS A 964 -15.55 36.04 -10.13
N GLU A 965 -16.80 36.19 -10.58
CA GLU A 965 -17.87 36.77 -9.78
C GLU A 965 -19.13 35.91 -9.80
N VAL A 966 -19.19 34.90 -10.66
CA VAL A 966 -20.28 33.91 -10.59
C VAL A 966 -19.74 32.48 -10.52
N LYS A 967 -18.99 32.06 -11.54
CA LYS A 967 -18.52 30.69 -11.61
C LYS A 967 -17.10 30.62 -11.07
N ASP A 968 -16.73 29.47 -10.49
CA ASP A 968 -15.38 29.16 -10.00
C ASP A 968 -14.93 30.19 -8.98
N PHE A 969 -15.61 30.18 -7.82
CA PHE A 969 -15.84 31.25 -6.81
C PHE A 969 -14.61 32.13 -6.60
N ASP A 970 -13.42 31.56 -6.48
CA ASP A 970 -12.22 32.35 -6.24
C ASP A 970 -11.36 32.39 -7.51
N PRO A 971 -10.66 33.50 -7.74
CA PRO A 971 -9.80 33.61 -8.93
C PRO A 971 -8.47 32.86 -8.83
N ASP A 972 -8.28 32.01 -7.84
CA ASP A 972 -7.07 31.21 -7.73
C ASP A 972 -7.12 29.97 -8.59
N VAL A 973 -8.32 29.50 -8.97
CA VAL A 973 -8.46 28.27 -9.73
C VAL A 973 -9.05 28.67 -11.09
N PHE A 974 -8.73 29.88 -11.53
CA PHE A 974 -9.09 30.34 -12.87
C PHE A 974 -8.41 29.51 -13.94
N ARG A 975 -9.18 29.02 -14.91
CA ARG A 975 -8.67 28.02 -15.83
C ARG A 975 -7.82 28.65 -16.92
N SER A 976 -6.86 27.87 -17.45
CA SER A 976 -6.22 28.15 -18.73
C SER A 976 -6.00 26.82 -19.46
N ASP A 977 -7.01 26.38 -20.21
CA ASP A 977 -6.85 25.21 -21.06
C ASP A 977 -7.17 25.59 -22.51
N VAL A 978 -8.29 26.29 -22.70
CA VAL A 978 -8.69 26.77 -24.01
C VAL A 978 -7.84 27.99 -24.38
N TYR A 979 -7.30 28.66 -23.36
CA TYR A 979 -6.24 29.64 -23.59
C TYR A 979 -4.92 28.92 -23.64
N LYS A 980 -4.50 28.53 -24.85
CA LYS A 980 -3.45 27.52 -25.00
C LYS A 980 -2.03 28.01 -24.67
N GLU A 981 -1.46 28.92 -25.45
CA GLU A 981 -0.08 29.30 -25.19
C GLU A 981 0.26 30.77 -25.36
N LEU A 982 -0.56 31.58 -26.05
CA LEU A 982 -0.20 32.99 -26.20
C LEU A 982 -1.40 33.92 -26.05
N CYS A 983 -2.48 33.48 -25.41
CA CYS A 983 -3.54 34.42 -25.06
C CYS A 983 -3.10 35.32 -23.92
N ASP A 984 -2.25 34.80 -23.03
CA ASP A 984 -1.90 35.44 -21.76
C ASP A 984 -0.74 36.41 -21.90
N THR A 985 0.26 36.10 -22.73
CA THR A 985 1.45 36.93 -22.84
C THR A 985 1.20 38.24 -23.58
N VAL A 986 0.14 38.31 -24.41
CA VAL A 986 -0.23 39.57 -25.04
C VAL A 986 -0.81 40.52 -24.00
N TYR A 987 -1.54 39.97 -23.02
CA TYR A 987 -2.04 40.75 -21.90
C TYR A 987 -0.92 41.23 -20.99
N LEU A 988 0.23 40.60 -21.03
CA LEU A 988 1.37 40.97 -20.21
C LEU A 988 2.30 41.93 -20.93
N SER A 989 1.75 43.04 -21.42
CA SER A 989 2.55 44.17 -21.88
C SER A 989 1.89 45.48 -21.49
N PRO A 990 2.08 45.93 -20.23
CA PRO A 990 2.02 47.36 -19.96
C PRO A 990 3.40 47.99 -20.11
N TYR A 991 3.55 49.26 -19.76
CA TYR A 991 4.86 49.90 -19.76
C TYR A 991 5.50 49.89 -18.36
N LYS A 992 5.32 48.78 -17.62
CA LYS A 992 5.93 48.51 -16.31
C LYS A 992 5.48 49.53 -15.27
N LEU A 993 4.16 49.62 -15.10
CA LEU A 993 3.55 50.59 -14.21
C LEU A 993 3.61 50.15 -12.75
N THR A 994 2.78 50.76 -11.92
CA THR A 994 2.66 50.39 -10.51
C THR A 994 2.14 48.98 -10.29
N TYR A 995 1.53 48.33 -11.28
CA TYR A 995 1.10 46.95 -11.11
C TYR A 995 2.28 45.99 -11.05
N PHE A 996 3.41 46.37 -11.64
CA PHE A 996 4.64 45.62 -11.45
C PHE A 996 5.57 46.38 -10.50
N LEU A 997 6.61 45.70 -10.06
CA LEU A 997 7.62 46.30 -9.20
C LEU A 997 8.91 46.40 -10.00
N GLU A 998 9.74 47.38 -9.65
CA GLU A 998 10.89 47.73 -10.47
C GLU A 998 11.99 46.69 -10.40
N ALA A 999 12.14 46.00 -9.27
CA ALA A 999 13.25 45.09 -9.09
C ALA A 999 12.78 43.80 -8.43
N PRO A 1000 13.41 42.67 -8.76
CA PRO A 1000 13.16 41.44 -8.01
C PRO A 1000 13.85 41.48 -6.65
N GLN A 1001 13.10 41.11 -5.62
CA GLN A 1001 13.60 41.12 -4.25
C GLN A 1001 14.03 39.71 -3.86
N ASP A 1002 14.40 39.54 -2.61
CA ASP A 1002 14.54 38.21 -2.03
C ASP A 1002 13.84 38.09 -0.68
N ILE A 1003 13.89 39.14 0.15
CA ILE A 1003 13.35 39.15 1.51
C ILE A 1003 12.35 40.32 1.59
N CYS A 1004 11.51 40.44 0.56
CA CYS A 1004 10.61 41.58 0.39
C CYS A 1004 9.68 41.77 1.58
N PRO A 1005 9.51 43.01 2.05
CA PRO A 1005 8.60 43.24 3.18
C PRO A 1005 7.15 43.05 2.79
N LEU A 1006 6.33 42.86 3.81
CA LEU A 1006 4.89 42.75 3.61
C LEU A 1006 4.33 44.11 3.21
N GLY A 1007 3.18 44.08 2.54
CA GLY A 1007 2.63 45.27 1.93
C GLY A 1007 3.13 45.52 0.53
N LEU A 1008 4.16 44.78 0.10
CA LEU A 1008 4.63 44.83 -1.28
C LEU A 1008 5.02 43.44 -1.78
N LEU A 1009 4.48 42.37 -1.20
CA LEU A 1009 4.82 41.02 -1.67
C LEU A 1009 4.28 40.74 -3.06
N LEU A 1010 3.04 41.12 -3.33
CA LEU A 1010 2.44 40.67 -4.59
C LEU A 1010 3.03 41.41 -5.79
N LYS A 1011 3.60 42.60 -5.60
CA LYS A 1011 4.33 43.25 -6.68
C LYS A 1011 5.63 42.52 -6.97
N ASN A 1012 6.32 42.07 -5.91
CA ASN A 1012 7.49 41.19 -6.07
C ASN A 1012 7.11 39.90 -6.76
N LEU A 1013 5.94 39.35 -6.43
CA LEU A 1013 5.55 38.06 -6.99
C LEU A 1013 5.19 38.17 -8.46
N THR A 1014 4.50 39.24 -8.84
CA THR A 1014 4.18 39.40 -10.25
C THR A 1014 5.41 39.79 -11.06
N THR A 1015 6.38 40.49 -10.47
CA THR A 1015 7.60 40.78 -11.21
C THR A 1015 8.49 39.53 -11.34
N ILE A 1016 8.55 38.72 -10.29
CA ILE A 1016 9.36 37.50 -10.36
C ILE A 1016 8.67 36.42 -11.19
N ALA A 1017 7.37 36.56 -11.46
CA ALA A 1017 6.73 35.69 -12.42
C ALA A 1017 6.76 36.23 -13.84
N TYR A 1018 6.89 37.56 -14.01
CA TYR A 1018 7.10 38.11 -15.35
C TYR A 1018 8.49 37.76 -15.86
N GLN A 1019 9.52 37.99 -15.06
CA GLN A 1019 10.90 37.74 -15.46
C GLN A 1019 11.18 36.25 -15.67
N GLU A 1020 10.36 35.37 -15.10
CA GLU A 1020 10.58 33.93 -15.09
C GLU A 1020 10.33 33.27 -16.45
N GLU A 1021 9.68 33.97 -17.38
CA GLU A 1021 8.94 33.37 -18.49
C GLU A 1021 8.02 32.27 -17.97
N GLU A 1022 7.13 32.68 -17.07
CA GLU A 1022 6.08 31.84 -16.53
C GLU A 1022 4.88 32.78 -16.49
N PHE A 1023 4.12 32.81 -17.58
CA PHE A 1023 3.30 33.97 -17.88
C PHE A 1023 1.89 33.90 -17.27
N PHE A 1024 1.25 32.74 -17.26
CA PHE A 1024 -0.12 32.68 -16.75
C PHE A 1024 -0.18 32.90 -15.25
N GLU A 1025 0.88 32.50 -14.53
CA GLU A 1025 1.03 32.86 -13.14
C GLU A 1025 1.08 34.37 -12.95
N CYS A 1026 1.82 35.06 -13.81
CA CYS A 1026 1.87 36.52 -13.74
C CYS A 1026 0.53 37.16 -14.06
N PHE A 1027 -0.25 36.54 -14.95
CA PHE A 1027 -1.59 37.06 -15.22
C PHE A 1027 -2.50 36.89 -14.02
N LYS A 1028 -2.40 35.76 -13.33
CA LYS A 1028 -3.19 35.57 -12.12
C LYS A 1028 -2.76 36.51 -11.01
N TYR A 1029 -1.46 36.82 -10.92
CA TYR A 1029 -1.02 37.80 -9.92
C TYR A 1029 -1.49 39.20 -10.27
N LEU A 1030 -1.58 39.55 -11.55
CA LEU A 1030 -2.16 40.83 -11.92
C LEU A 1030 -3.65 40.88 -11.58
N LEU A 1031 -4.35 39.77 -11.78
CA LEU A 1031 -5.78 39.80 -11.55
C LEU A 1031 -6.11 39.74 -10.06
N ILE A 1032 -5.19 39.22 -9.24
CA ILE A 1032 -5.26 39.44 -7.81
C ILE A 1032 -4.91 40.89 -7.48
N GLN A 1033 -3.91 41.44 -8.19
CA GLN A 1033 -3.50 42.84 -8.01
C GLN A 1033 -4.57 43.82 -8.46
N GLY A 1034 -5.35 43.48 -9.47
CA GLY A 1034 -6.38 44.36 -9.96
C GLY A 1034 -7.71 44.35 -9.21
N HIS A 1035 -7.70 43.83 -7.98
CA HIS A 1035 -8.87 43.76 -7.09
C HIS A 1035 -10.02 42.98 -7.70
N TYR A 1036 -9.73 41.93 -8.45
CA TYR A 1036 -10.77 41.06 -9.00
C TYR A 1036 -10.88 39.79 -8.15
N ASP A 1037 -11.45 39.96 -6.96
CA ASP A 1037 -11.98 38.84 -6.21
C ASP A 1037 -13.35 39.09 -5.60
N GLN A 1038 -13.74 40.35 -5.39
CA GLN A 1038 -15.07 40.67 -4.91
C GLN A 1038 -16.11 40.34 -5.95
N LYS A 1039 -17.35 40.15 -5.50
CA LYS A 1039 -18.51 40.14 -6.39
C LYS A 1039 -19.14 41.52 -6.40
N LEU A 1040 -18.32 42.51 -6.77
CA LEU A 1040 -18.66 43.93 -6.84
C LEU A 1040 -19.16 44.46 -5.49
N GLY A 1041 -18.28 44.36 -4.49
CA GLY A 1041 -18.57 44.95 -3.20
C GLY A 1041 -18.21 46.42 -3.16
N SER A 1042 -17.14 46.77 -3.89
CA SER A 1042 -16.61 48.14 -4.06
C SER A 1042 -16.31 48.84 -2.74
N PHE A 1085 -35.78 25.64 34.25
CA PHE A 1085 -36.11 26.47 33.10
C PHE A 1085 -34.85 26.75 32.30
N THR A 1086 -33.72 26.84 32.99
CA THR A 1086 -32.41 26.83 32.36
C THR A 1086 -31.96 25.38 32.18
N ASN A 1087 -30.66 25.21 31.87
CA ASN A 1087 -29.99 23.91 31.71
C ASN A 1087 -30.64 23.09 30.59
N ALA A 1088 -31.16 23.76 29.57
CA ALA A 1088 -31.90 23.09 28.49
C ALA A 1088 -31.06 22.93 27.22
N ALA A 1089 -30.61 24.05 26.64
CA ALA A 1089 -29.86 24.01 25.40
C ALA A 1089 -28.64 24.92 25.46
N LEU A 1090 -28.06 25.09 26.64
CA LEU A 1090 -26.81 25.84 26.78
C LEU A 1090 -25.65 24.87 26.54
N ARG A 1091 -25.41 24.62 25.26
CA ARG A 1091 -24.22 23.96 24.77
C ARG A 1091 -23.10 24.97 24.44
N ASN A 1092 -23.17 26.16 25.04
CA ASN A 1092 -22.20 27.23 24.89
C ASN A 1092 -21.04 27.11 25.86
N LEU A 1093 -20.74 25.90 26.32
CA LEU A 1093 -19.64 25.62 27.22
C LEU A 1093 -18.47 25.03 26.45
N CYS A 1094 -17.35 24.96 27.14
CA CYS A 1094 -16.16 24.34 26.59
C CYS A 1094 -16.09 22.86 26.87
N PHE A 1095 -16.95 22.35 27.75
CA PHE A 1095 -16.89 20.94 28.13
C PHE A 1095 -18.24 20.22 28.15
N TYR A 1096 -19.35 20.92 27.92
CA TYR A 1096 -20.67 20.30 27.89
C TYR A 1096 -20.76 19.34 26.72
N SER A 1097 -20.78 18.04 27.01
CA SER A 1097 -20.48 17.02 26.01
C SER A 1097 -21.77 16.52 25.36
N ASP A 1098 -22.27 17.30 24.40
CA ASP A 1098 -23.50 16.96 23.69
C ASP A 1098 -23.35 15.71 22.83
N ASP A 1099 -22.14 15.41 22.39
CA ASP A 1099 -21.91 14.26 21.50
C ASP A 1099 -21.67 12.98 22.30
N SER A 1100 -22.63 12.64 23.15
CA SER A 1100 -22.51 11.45 23.96
C SER A 1100 -23.87 10.77 24.01
N PRO A 1101 -23.92 9.45 23.83
CA PRO A 1101 -25.21 8.76 23.69
C PRO A 1101 -25.94 8.62 25.03
N THR A 1102 -27.22 8.98 25.03
CA THR A 1102 -28.10 8.70 26.16
C THR A 1102 -29.31 7.85 25.77
N GLU A 1103 -30.00 8.20 24.68
CA GLU A 1103 -31.18 7.49 24.21
C GLU A 1103 -30.87 6.87 22.86
N PHE A 1104 -31.74 5.96 22.41
CA PHE A 1104 -31.56 5.40 21.07
C PHE A 1104 -32.88 4.91 20.53
N THR A 1105 -33.12 5.18 19.25
CA THR A 1105 -34.28 4.69 18.52
C THR A 1105 -33.84 3.39 17.83
N SER A 1106 -34.62 2.90 16.88
CA SER A 1106 -34.19 1.77 16.07
C SER A 1106 -33.23 2.16 14.97
N ILE A 1107 -33.09 3.45 14.68
CA ILE A 1107 -32.23 3.93 13.61
C ILE A 1107 -31.05 4.72 14.13
N SER A 1108 -31.12 5.27 15.34
CA SER A 1108 -30.17 6.25 15.83
C SER A 1108 -29.49 5.76 17.09
N SER A 1109 -28.60 6.59 17.61
CA SER A 1109 -27.99 6.37 18.91
C SER A 1109 -27.81 7.68 19.65
N ASN A 1110 -28.69 8.65 19.40
CA ASN A 1110 -28.70 10.04 19.85
C ASN A 1110 -27.54 10.86 19.28
N THR A 1111 -26.63 10.27 18.51
CA THR A 1111 -25.49 10.95 17.95
C THR A 1111 -25.60 11.13 16.45
N GLY A 1112 -25.79 10.04 15.70
CA GLY A 1112 -25.87 10.12 14.25
C GLY A 1112 -26.43 8.88 13.61
N ASN A 1113 -25.87 8.45 12.48
CA ASN A 1113 -26.41 7.30 11.77
C ASN A 1113 -25.34 6.39 11.22
N LEU A 1114 -24.18 6.29 11.87
CA LEU A 1114 -23.10 5.35 11.53
C LEU A 1114 -22.57 5.57 10.11
N LYS A 1115 -21.88 6.69 9.92
CA LYS A 1115 -21.32 7.05 8.62
C LYS A 1115 -20.27 6.05 8.17
N PHE A 1116 -20.06 6.02 6.86
CA PHE A 1116 -19.01 5.23 6.23
C PHE A 1116 -18.45 6.02 5.06
N GLY A 1117 -17.38 5.50 4.49
CA GLY A 1117 -16.78 6.13 3.32
C GLY A 1117 -16.15 5.07 2.45
N LEU A 1118 -16.03 5.38 1.16
CA LEU A 1118 -15.65 4.42 0.14
C LEU A 1118 -14.22 4.59 -0.34
N SER A 1119 -13.58 3.47 -0.63
CA SER A 1119 -12.33 3.44 -1.37
C SER A 1119 -12.24 2.07 -2.04
N TYR A 1120 -11.14 1.83 -2.74
CA TYR A 1120 -10.89 0.55 -3.38
C TYR A 1120 -9.62 -0.06 -2.78
N LYS A 1121 -9.29 -1.27 -3.20
CA LYS A 1121 -8.26 -2.00 -2.49
C LYS A 1121 -7.24 -2.69 -3.40
N GLU A 1122 -7.45 -2.66 -4.73
CA GLU A 1122 -6.43 -3.03 -5.72
C GLU A 1122 -6.00 -4.50 -5.58
N GLN A 1123 -6.92 -5.40 -5.92
CA GLN A 1123 -6.56 -6.79 -6.11
C GLN A 1123 -5.97 -6.99 -7.51
N VAL A 1124 -5.73 -8.25 -7.88
CA VAL A 1124 -5.18 -8.52 -9.20
C VAL A 1124 -6.24 -8.84 -10.24
N GLY A 1125 -7.41 -9.31 -9.85
CA GLY A 1125 -8.44 -9.45 -10.84
C GLY A 1125 -9.17 -8.14 -11.10
N SER A 1126 -9.93 -7.70 -10.12
CA SER A 1126 -10.62 -6.43 -10.19
C SER A 1126 -10.63 -5.83 -8.80
N ASN A 1127 -10.62 -4.51 -8.74
CA ASN A 1127 -10.41 -3.78 -7.50
C ASN A 1127 -11.62 -3.95 -6.59
N ARG A 1128 -11.47 -4.67 -5.49
CA ARG A 1128 -12.57 -4.79 -4.55
C ARG A 1128 -12.76 -3.47 -3.81
N GLU A 1129 -14.00 -3.20 -3.47
CA GLU A 1129 -14.34 -2.00 -2.72
C GLU A 1129 -13.93 -2.18 -1.26
N LEU A 1130 -13.97 -1.09 -0.51
CA LEU A 1130 -13.42 -1.06 0.83
C LEU A 1130 -14.11 0.06 1.58
N TYR A 1131 -14.73 -0.25 2.71
CA TYR A 1131 -15.49 0.75 3.45
C TYR A 1131 -14.73 1.08 4.72
N VAL A 1132 -14.54 2.36 4.99
CA VAL A 1132 -13.97 2.78 6.25
C VAL A 1132 -15.07 3.47 7.03
N GLY A 1133 -14.85 3.61 8.34
CA GLY A 1133 -15.85 4.16 9.20
C GLY A 1133 -15.29 5.25 10.10
N ASP A 1134 -16.21 6.09 10.58
CA ASP A 1134 -15.94 7.09 11.60
C ASP A 1134 -15.46 6.41 12.89
N LEU A 1135 -14.85 7.18 13.79
CA LEU A 1135 -14.31 6.59 15.01
C LEU A 1135 -15.38 6.06 15.94
N ASN A 1136 -16.56 6.68 15.95
CA ASN A 1136 -17.65 6.16 16.77
C ASN A 1136 -18.26 4.90 16.18
N THR A 1137 -18.10 4.68 14.89
CA THR A 1137 -18.69 3.53 14.21
C THR A 1137 -17.64 2.48 13.92
N LYS A 1138 -16.47 2.61 14.51
CA LYS A 1138 -15.43 1.62 14.37
C LYS A 1138 -15.29 0.79 15.64
N LEU A 1139 -15.95 1.18 16.73
CA LEU A 1139 -16.01 0.31 17.90
C LEU A 1139 -17.30 -0.49 17.99
N MET A 1140 -18.42 0.05 17.50
CA MET A 1140 -19.67 -0.73 17.44
C MET A 1140 -19.50 -1.96 16.56
N THR A 1141 -18.95 -1.75 15.37
CA THR A 1141 -18.58 -2.84 14.47
C THR A 1141 -17.63 -3.82 15.14
N ARG A 1142 -16.72 -3.31 15.98
CA ARG A 1142 -15.79 -4.18 16.68
C ARG A 1142 -16.50 -5.04 17.72
N LEU A 1143 -17.52 -4.47 18.39
CA LEU A 1143 -18.33 -5.23 19.34
C LEU A 1143 -19.03 -6.40 18.66
N VAL A 1144 -19.70 -6.12 17.54
CA VAL A 1144 -20.48 -7.15 16.85
C VAL A 1144 -19.57 -8.20 16.22
N GLU A 1145 -18.46 -7.78 15.60
CA GLU A 1145 -17.54 -8.74 15.01
C GLU A 1145 -16.86 -9.61 16.07
N ASP A 1146 -16.57 -9.05 17.25
CA ASP A 1146 -15.95 -9.87 18.29
C ASP A 1146 -16.94 -10.86 18.88
N PHE A 1147 -18.20 -10.45 19.02
CA PHE A 1147 -19.25 -11.35 19.47
C PHE A 1147 -19.42 -12.54 18.52
N SER A 1148 -19.52 -12.26 17.23
CA SER A 1148 -19.74 -13.36 16.29
C SER A 1148 -18.47 -14.17 16.06
N GLU A 1149 -17.30 -13.59 16.28
CA GLU A 1149 -16.07 -14.36 16.29
C GLU A 1149 -16.06 -15.36 17.43
N ALA A 1150 -16.57 -14.94 18.60
CA ALA A 1150 -16.66 -15.85 19.74
C ALA A 1150 -17.63 -16.99 19.48
N VAL A 1151 -18.84 -16.65 19.01
CA VAL A 1151 -19.88 -17.65 18.76
C VAL A 1151 -19.45 -18.64 17.69
N GLY A 1152 -18.82 -18.14 16.61
CA GLY A 1152 -18.30 -19.05 15.61
C GLY A 1152 -17.09 -19.84 16.07
N SER A 1153 -16.33 -19.30 17.04
CA SER A 1153 -15.19 -20.02 17.57
C SER A 1153 -15.63 -21.18 18.44
N SER A 1154 -16.86 -21.13 18.96
CA SER A 1154 -17.41 -22.33 19.59
C SER A 1154 -17.70 -23.44 18.59
N MET A 1155 -17.97 -23.12 17.32
CA MET A 1155 -18.43 -24.08 16.34
C MET A 1155 -17.25 -24.89 15.79
N ARG A 1156 -17.48 -25.66 14.72
CA ARG A 1156 -16.54 -26.71 14.35
C ARG A 1156 -16.14 -26.72 12.88
N TYR A 1157 -16.96 -26.20 11.96
CA TYR A 1157 -16.70 -26.33 10.53
C TYR A 1157 -16.35 -25.05 9.80
N THR A 1158 -16.47 -23.89 10.43
CA THR A 1158 -16.01 -22.66 9.79
C THR A 1158 -14.50 -22.67 9.69
N CYS A 1159 -13.97 -21.83 8.82
CA CYS A 1159 -12.55 -21.91 8.52
C CYS A 1159 -11.93 -20.54 8.30
N LEU A 1160 -12.64 -19.47 8.64
CA LEU A 1160 -12.21 -18.12 8.30
C LEU A 1160 -11.08 -17.66 9.20
N ASN A 1161 -11.23 -17.83 10.50
CA ASN A 1161 -10.32 -17.28 11.49
C ASN A 1161 -9.80 -18.37 12.40
N SER A 1162 -9.25 -19.43 11.78
CA SER A 1162 -8.59 -20.50 12.49
C SER A 1162 -7.57 -21.13 11.57
N GLU A 1163 -6.77 -22.04 12.12
CA GLU A 1163 -5.80 -22.77 11.31
C GLU A 1163 -5.85 -24.27 11.52
N LYS A 1164 -6.36 -24.74 12.66
CA LYS A 1164 -6.39 -26.17 12.96
C LYS A 1164 -7.32 -26.91 12.00
N GLU A 1165 -8.53 -26.41 11.84
CA GLU A 1165 -9.40 -27.06 10.87
C GLU A 1165 -9.08 -26.66 9.44
N PHE A 1166 -8.24 -25.67 9.20
CA PHE A 1166 -7.81 -25.46 7.82
C PHE A 1166 -6.81 -26.53 7.41
N GLU A 1167 -5.89 -26.89 8.30
CA GLU A 1167 -5.04 -28.04 7.99
C GLU A 1167 -5.84 -29.33 8.00
N ARG A 1168 -6.92 -29.39 8.80
CA ARG A 1168 -7.74 -30.59 8.78
C ARG A 1168 -8.59 -30.69 7.51
N ALA A 1169 -9.03 -29.55 6.96
CA ALA A 1169 -9.71 -29.54 5.66
C ALA A 1169 -8.77 -29.94 4.55
N ILE A 1170 -7.51 -29.50 4.63
CA ILE A 1170 -6.51 -29.94 3.67
C ILE A 1170 -6.28 -31.44 3.77
N CYS A 1171 -6.19 -31.97 4.99
CA CYS A 1171 -5.91 -33.40 5.15
C CYS A 1171 -7.11 -34.25 4.76
N ASP A 1172 -8.32 -33.72 4.87
CA ASP A 1172 -9.48 -34.42 4.35
C ASP A 1172 -9.55 -34.35 2.83
N MET A 1173 -9.18 -33.20 2.25
CA MET A 1173 -9.38 -32.97 0.83
C MET A 1173 -8.33 -33.69 -0.02
N LYS A 1174 -7.10 -33.84 0.49
CA LYS A 1174 -6.12 -34.71 -0.15
C LYS A 1174 -6.62 -36.14 -0.21
N MET A 1175 -7.23 -36.60 0.88
CA MET A 1175 -7.76 -37.96 0.94
C MET A 1175 -8.97 -38.13 0.02
N ALA A 1176 -9.81 -37.10 -0.08
CA ALA A 1176 -11.01 -37.19 -0.91
C ALA A 1176 -10.66 -37.19 -2.39
N VAL A 1177 -9.63 -36.46 -2.79
CA VAL A 1177 -9.19 -36.55 -4.19
C VAL A 1177 -8.45 -37.85 -4.42
N ASN A 1178 -7.73 -38.35 -3.43
CA ASN A 1178 -6.94 -39.54 -3.66
C ASN A 1178 -7.77 -40.82 -3.59
N ASN A 1179 -8.98 -40.77 -3.03
CA ASN A 1179 -9.85 -41.94 -3.01
C ASN A 1179 -10.94 -41.90 -4.07
N GLY A 1180 -11.45 -40.72 -4.41
CA GLY A 1180 -12.39 -40.66 -5.51
C GLY A 1180 -13.75 -40.12 -5.16
N ASP A 1181 -13.85 -39.37 -4.08
CA ASP A 1181 -15.12 -38.76 -3.75
C ASP A 1181 -15.38 -37.57 -4.67
N LEU A 1182 -16.65 -37.23 -4.82
CA LEU A 1182 -17.02 -36.06 -5.60
C LEU A 1182 -16.65 -34.81 -4.82
N SER A 1183 -15.66 -34.07 -5.32
CA SER A 1183 -15.07 -32.94 -4.62
C SER A 1183 -15.40 -31.68 -5.36
N CYS A 1184 -16.50 -31.04 -5.00
CA CYS A 1184 -16.98 -29.88 -5.71
C CYS A 1184 -16.44 -28.58 -5.11
N SER A 1185 -15.89 -27.72 -5.96
CA SER A 1185 -15.29 -26.47 -5.53
C SER A 1185 -16.26 -25.34 -5.88
N TYR A 1186 -16.81 -24.70 -4.87
CA TYR A 1186 -17.83 -23.67 -5.02
C TYR A 1186 -17.24 -22.29 -4.77
N ASP A 1187 -17.92 -21.28 -5.31
CA ASP A 1187 -17.56 -19.88 -5.12
C ASP A 1187 -18.84 -19.08 -5.22
N HIS A 1188 -19.17 -18.31 -4.19
CA HIS A 1188 -20.37 -17.50 -4.22
C HIS A 1188 -20.07 -16.13 -4.83
N SER A 1189 -21.09 -15.50 -5.39
CA SER A 1189 -20.94 -14.24 -6.11
C SER A 1189 -21.72 -13.13 -5.43
N LYS A 1190 -21.09 -11.95 -5.38
CA LYS A 1190 -21.65 -10.74 -4.81
C LYS A 1190 -22.09 -10.95 -3.37
N TRP A 1191 -21.19 -11.55 -2.59
CA TRP A 1191 -21.44 -11.79 -1.17
C TRP A 1191 -21.55 -10.49 -0.41
N GLY A 1192 -20.80 -9.47 -0.81
CA GLY A 1192 -20.86 -8.16 -0.23
C GLY A 1192 -22.19 -7.47 -0.42
N PRO A 1193 -22.52 -7.07 -1.66
CA PRO A 1193 -23.71 -6.23 -1.85
C PRO A 1193 -25.05 -6.91 -1.65
N THR A 1194 -25.15 -8.23 -1.73
CA THR A 1194 -26.46 -8.87 -1.66
C THR A 1194 -26.90 -9.25 -0.25
N MET A 1195 -25.96 -9.52 0.66
CA MET A 1195 -26.33 -9.71 2.07
C MET A 1195 -26.87 -8.40 2.66
N SER A 1196 -27.61 -8.52 3.74
CA SER A 1196 -28.19 -7.32 4.35
C SER A 1196 -28.30 -7.56 5.84
N PRO A 1197 -28.20 -6.51 6.66
CA PRO A 1197 -28.35 -6.69 8.12
C PRO A 1197 -29.73 -7.13 8.56
N ALA A 1198 -30.76 -6.90 7.73
CA ALA A 1198 -32.08 -7.44 8.03
C ALA A 1198 -32.08 -8.96 8.03
N LEU A 1199 -31.27 -9.56 7.16
CA LEU A 1199 -31.14 -11.01 7.15
C LEU A 1199 -30.49 -11.52 8.43
N PHE A 1200 -29.50 -10.80 8.96
CA PHE A 1200 -28.85 -11.26 10.18
C PHE A 1200 -29.73 -11.02 11.40
N LEU A 1201 -30.53 -9.95 11.40
CA LEU A 1201 -31.52 -9.75 12.44
C LEU A 1201 -32.55 -10.87 12.47
N SER A 1202 -33.17 -11.15 11.33
CA SER A 1202 -34.20 -12.18 11.30
C SER A 1202 -33.63 -13.56 11.51
N PHE A 1203 -32.36 -13.79 11.19
CA PHE A 1203 -31.75 -15.07 11.53
C PHE A 1203 -31.51 -15.19 13.03
N LEU A 1204 -30.85 -14.20 13.63
CA LEU A 1204 -30.44 -14.31 15.02
C LEU A 1204 -31.58 -14.13 16.01
N HIS A 1205 -32.74 -13.62 15.58
CA HIS A 1205 -33.81 -13.30 16.54
C HIS A 1205 -34.37 -14.51 17.26
N THR A 1206 -34.36 -15.68 16.65
CA THR A 1206 -34.96 -16.86 17.26
C THR A 1206 -33.96 -17.98 17.46
N LEU A 1207 -32.67 -17.67 17.56
CA LEU A 1207 -31.73 -18.70 17.96
C LEU A 1207 -31.79 -18.91 19.46
N GLU A 1208 -31.05 -19.92 19.94
CA GLU A 1208 -31.01 -20.19 21.36
C GLU A 1208 -29.65 -19.94 21.98
N LEU A 1209 -28.61 -20.67 21.54
CA LEU A 1209 -27.21 -20.47 21.94
C LEU A 1209 -27.03 -20.57 23.46
N LYS A 1210 -27.20 -21.77 23.97
CA LYS A 1210 -27.23 -21.96 25.42
C LYS A 1210 -25.82 -21.88 26.02
N ASN A 1211 -25.68 -21.10 27.11
CA ASN A 1211 -24.47 -20.80 27.89
C ASN A 1211 -23.69 -22.04 28.33
N PRO A 1212 -22.37 -21.95 28.57
CA PRO A 1212 -21.62 -23.16 28.92
C PRO A 1212 -21.87 -23.66 30.34
N ARG A 1213 -21.89 -22.77 31.33
CA ARG A 1213 -21.99 -23.21 32.71
C ARG A 1213 -23.41 -23.63 33.07
N ASP A 1214 -24.35 -22.69 33.02
CA ASP A 1214 -25.69 -22.91 33.52
C ASP A 1214 -26.71 -23.29 32.45
N ARG A 1215 -26.35 -23.14 31.16
CA ARG A 1215 -27.22 -23.41 30.01
C ARG A 1215 -28.51 -22.60 30.09
N THR A 1216 -28.35 -21.29 30.06
CA THR A 1216 -29.45 -20.35 30.03
C THR A 1216 -29.33 -19.55 28.73
N LYS A 1217 -30.45 -19.03 28.25
CA LYS A 1217 -30.48 -18.29 26.99
C LYS A 1217 -29.66 -17.02 27.06
N VAL A 1218 -28.81 -16.81 26.06
CA VAL A 1218 -28.06 -15.57 25.93
C VAL A 1218 -29.00 -14.46 25.53
N ASN A 1219 -28.90 -13.31 26.19
CA ASN A 1219 -29.70 -12.15 25.82
C ASN A 1219 -29.07 -11.55 24.57
N LEU A 1220 -29.64 -11.85 23.41
CA LEU A 1220 -29.12 -11.34 22.15
C LEU A 1220 -29.63 -9.96 21.81
N GLU A 1221 -30.25 -9.24 22.74
CA GLU A 1221 -30.85 -7.96 22.42
C GLU A 1221 -29.88 -6.81 22.15
N PRO A 1222 -28.69 -6.68 22.78
CA PRO A 1222 -27.74 -5.65 22.33
C PRO A 1222 -27.26 -5.80 20.90
N VAL A 1223 -27.00 -7.02 20.43
CA VAL A 1223 -26.57 -7.13 19.05
C VAL A 1223 -27.72 -6.89 18.09
N MET A 1224 -28.98 -7.07 18.53
CA MET A 1224 -30.09 -6.63 17.69
C MET A 1224 -30.12 -5.13 17.56
N ASN A 1225 -29.90 -4.43 18.68
CA ASN A 1225 -29.94 -2.98 18.60
C ASN A 1225 -28.72 -2.39 17.90
N ILE A 1226 -27.62 -3.13 17.79
CA ILE A 1226 -26.53 -2.62 16.96
C ILE A 1226 -26.77 -2.95 15.48
N LEU A 1227 -27.30 -4.14 15.18
CA LEU A 1227 -27.54 -4.48 13.79
C LEU A 1227 -28.67 -3.67 13.17
N LYS A 1228 -29.58 -3.12 13.97
CA LYS A 1228 -30.53 -2.18 13.39
C LYS A 1228 -29.84 -0.88 12.98
N TRP A 1229 -28.86 -0.44 13.77
CA TRP A 1229 -28.06 0.74 13.39
C TRP A 1229 -27.27 0.47 12.12
N HIS A 1230 -26.65 -0.71 12.03
CA HIS A 1230 -26.00 -1.14 10.78
C HIS A 1230 -26.95 -1.21 9.62
N LEU A 1231 -28.21 -1.59 9.86
CA LEU A 1231 -29.19 -1.59 8.77
C LEU A 1231 -29.45 -0.19 8.27
N HIS A 1232 -29.53 0.78 9.18
CA HIS A 1232 -29.87 2.14 8.81
C HIS A 1232 -28.65 3.05 8.69
N LYS A 1233 -27.52 2.50 8.25
CA LYS A 1233 -26.29 3.26 8.13
C LYS A 1233 -26.33 4.14 6.90
N VAL A 1234 -25.40 5.08 6.82
CA VAL A 1234 -25.32 6.04 5.74
C VAL A 1234 -23.88 6.02 5.23
N VAL A 1235 -23.71 6.30 3.94
CA VAL A 1235 -22.39 6.41 3.36
C VAL A 1235 -22.28 7.77 2.67
N GLU A 1236 -21.07 8.10 2.25
CA GLU A 1236 -20.78 9.39 1.66
C GLU A 1236 -20.44 9.18 0.20
N VAL A 1237 -21.05 9.95 -0.68
CA VAL A 1237 -20.63 9.95 -2.08
C VAL A 1237 -19.26 10.60 -2.17
N PRO A 1238 -18.25 9.94 -2.76
CA PRO A 1238 -16.92 10.53 -2.82
C PRO A 1238 -16.93 11.78 -3.68
N ILE A 1239 -16.11 12.77 -3.29
CA ILE A 1239 -16.23 14.07 -3.91
C ILE A 1239 -15.60 14.07 -5.30
N ASN A 1240 -14.67 13.15 -5.56
CA ASN A 1240 -14.02 13.08 -6.86
C ASN A 1240 -14.88 12.41 -7.91
N VAL A 1241 -15.95 11.72 -7.53
CA VAL A 1241 -16.85 11.17 -8.52
C VAL A 1241 -18.05 12.09 -8.59
N ALA A 1242 -18.33 12.81 -7.50
CA ALA A 1242 -19.41 13.78 -7.53
C ALA A 1242 -19.02 15.05 -8.26
N GLU A 1243 -17.73 15.25 -8.55
CA GLU A 1243 -17.36 16.29 -9.50
C GLU A 1243 -17.22 15.76 -10.91
N ALA A 1244 -16.80 14.52 -11.08
CA ALA A 1244 -16.61 13.96 -12.42
C ALA A 1244 -17.91 13.51 -13.06
N TYR A 1245 -19.01 13.49 -12.30
CA TYR A 1245 -20.31 13.32 -12.94
C TYR A 1245 -20.98 14.64 -13.28
N CYS A 1246 -20.75 15.69 -12.49
CA CYS A 1246 -21.33 16.98 -12.85
C CYS A 1246 -20.53 17.67 -13.95
N VAL A 1247 -19.24 17.36 -14.08
CA VAL A 1247 -18.48 17.78 -15.26
C VAL A 1247 -19.03 17.08 -16.50
N GLY A 1248 -19.39 15.80 -16.37
CA GLY A 1248 -19.81 15.03 -17.52
C GLY A 1248 -21.19 15.46 -18.02
N LYS A 1249 -21.32 15.43 -19.36
CA LYS A 1249 -22.51 15.68 -20.18
C LYS A 1249 -22.94 17.15 -20.24
N LEU A 1250 -22.32 18.01 -19.41
CA LEU A 1250 -22.22 19.47 -19.62
C LEU A 1250 -23.56 20.17 -19.79
N LYS A 1251 -24.63 19.60 -19.20
CA LYS A 1251 -26.03 19.95 -19.48
C LYS A 1251 -26.35 19.92 -20.97
N GLY A 1265 -24.87 7.89 -19.73
CA GLY A 1265 -24.31 6.70 -20.37
C GLY A 1265 -23.77 5.68 -19.38
N GLU A 1266 -24.09 5.87 -18.10
CA GLU A 1266 -23.67 4.97 -17.03
C GLU A 1266 -24.85 4.77 -16.08
N GLU A 1267 -24.92 3.58 -15.47
CA GLU A 1267 -26.05 3.26 -14.60
C GLU A 1267 -26.02 4.07 -13.31
N PHE A 1268 -24.83 4.39 -12.82
CA PHE A 1268 -24.72 5.33 -11.70
C PHE A 1268 -25.00 6.75 -12.14
N PHE A 1269 -24.65 7.09 -13.38
CA PHE A 1269 -24.84 8.45 -13.84
C PHE A 1269 -26.32 8.76 -14.08
N HIS A 1270 -27.12 7.74 -14.40
CA HIS A 1270 -28.57 7.91 -14.45
C HIS A 1270 -29.12 8.34 -13.10
N GLN A 1271 -28.71 7.67 -12.03
CA GLN A 1271 -29.05 8.09 -10.67
C GLN A 1271 -27.98 9.03 -10.14
N TYR A 1272 -27.66 10.03 -10.95
CA TYR A 1272 -27.02 11.24 -10.47
C TYR A 1272 -27.57 12.48 -11.16
N LEU A 1273 -28.13 12.36 -12.36
CA LEU A 1273 -28.70 13.46 -13.11
C LEU A 1273 -30.17 13.67 -12.78
N GLN A 1274 -30.88 12.61 -12.43
CA GLN A 1274 -32.32 12.69 -12.26
C GLN A 1274 -32.74 13.28 -10.93
N SER A 1275 -31.82 13.41 -9.96
CA SER A 1275 -32.20 13.87 -8.64
C SER A 1275 -32.47 15.37 -8.64
N ARG A 1276 -33.63 15.76 -8.11
CA ARG A 1276 -34.12 17.12 -8.11
C ARG A 1276 -33.83 17.85 -6.80
N ASP A 1277 -32.90 17.34 -6.00
CA ASP A 1277 -32.35 18.05 -4.85
C ASP A 1277 -31.26 19.00 -5.32
N GLN A 1278 -30.43 19.45 -4.39
CA GLN A 1278 -29.24 20.19 -4.79
C GLN A 1278 -28.19 19.28 -5.42
N VAL A 1279 -27.90 18.14 -4.78
CA VAL A 1279 -26.90 17.16 -5.21
C VAL A 1279 -27.10 15.93 -4.31
N PRO A 1280 -26.86 14.71 -4.79
CA PRO A 1280 -26.83 13.56 -3.88
C PRO A 1280 -25.45 13.40 -3.26
N SER A 1281 -25.42 13.21 -1.95
CA SER A 1281 -24.17 12.96 -1.24
C SER A 1281 -24.24 11.82 -0.25
N HIS A 1282 -25.42 11.43 0.22
CA HIS A 1282 -25.56 10.36 1.19
C HIS A 1282 -26.48 9.28 0.66
N ILE A 1283 -26.06 8.01 0.78
CA ILE A 1283 -26.80 6.89 0.23
C ILE A 1283 -27.12 5.92 1.35
N MET A 1284 -28.39 5.60 1.53
CA MET A 1284 -28.87 4.71 2.58
C MET A 1284 -29.76 3.67 1.94
N SER A 1285 -29.59 2.41 2.31
CA SER A 1285 -30.35 1.35 1.65
C SER A 1285 -30.43 0.13 2.54
N VAL A 1286 -31.35 -0.77 2.17
CA VAL A 1286 -31.52 -2.03 2.88
C VAL A 1286 -30.35 -2.95 2.62
N LEU A 1287 -29.74 -2.85 1.45
CA LEU A 1287 -28.73 -3.79 1.02
C LEU A 1287 -27.35 -3.53 1.60
N ASP A 1288 -26.37 -4.15 0.95
CA ASP A 1288 -24.94 -3.88 0.85
C ASP A 1288 -23.96 -4.40 1.90
N MET A 1289 -24.38 -4.67 3.17
CA MET A 1289 -23.60 -5.41 4.20
C MET A 1289 -22.09 -5.16 4.16
N GLY A 1290 -21.64 -3.98 4.60
CA GLY A 1290 -20.34 -3.41 4.25
C GLY A 1290 -19.12 -4.31 4.09
N GLN A 1291 -18.33 -4.06 3.04
CA GLN A 1291 -17.36 -5.03 2.54
C GLN A 1291 -16.25 -5.27 3.55
N GLY A 1292 -16.42 -6.31 4.37
CA GLY A 1292 -15.55 -6.56 5.50
C GLY A 1292 -16.07 -6.02 6.82
N ILE A 1293 -17.21 -5.33 6.81
CA ILE A 1293 -17.68 -4.63 7.99
C ILE A 1293 -18.52 -5.55 8.88
N LEU A 1294 -19.26 -6.48 8.31
CA LEU A 1294 -19.99 -7.42 9.15
C LEU A 1294 -19.61 -8.84 8.79
N HIS A 1295 -18.30 -9.09 8.74
CA HIS A 1295 -17.76 -10.24 8.03
C HIS A 1295 -17.94 -11.54 8.82
N ASN A 1296 -17.73 -11.50 10.14
CA ASN A 1296 -17.83 -12.72 10.93
C ASN A 1296 -19.27 -13.16 11.15
N THR A 1297 -20.20 -12.20 11.21
CA THR A 1297 -21.61 -12.54 11.32
C THR A 1297 -22.09 -13.29 10.08
N SER A 1298 -21.68 -12.86 8.90
CA SER A 1298 -22.03 -13.59 7.70
C SER A 1298 -21.29 -14.89 7.60
N ASP A 1299 -20.14 -15.03 8.27
CA ASP A 1299 -19.56 -16.37 8.36
C ASP A 1299 -20.44 -17.30 9.18
N LEU A 1300 -21.05 -16.79 10.26
CA LEU A 1300 -22.02 -17.60 11.01
C LEU A 1300 -23.20 -18.02 10.16
N TYR A 1301 -23.76 -17.07 9.42
CA TYR A 1301 -24.91 -17.34 8.57
C TYR A 1301 -24.58 -18.36 7.49
N GLY A 1302 -23.47 -18.16 6.78
CA GLY A 1302 -23.04 -19.10 5.78
C GLY A 1302 -22.52 -20.41 6.33
N LEU A 1303 -22.28 -20.52 7.64
CA LEU A 1303 -21.98 -21.82 8.22
C LEU A 1303 -23.25 -22.59 8.53
N ILE A 1304 -24.20 -21.95 9.19
CA ILE A 1304 -25.39 -22.65 9.66
C ILE A 1304 -26.28 -23.07 8.49
N THR A 1305 -26.44 -22.18 7.49
CA THR A 1305 -27.27 -22.54 6.35
C THR A 1305 -26.59 -23.58 5.47
N GLU A 1306 -25.27 -23.61 5.44
CA GLU A 1306 -24.59 -24.65 4.69
C GLU A 1306 -24.75 -26.01 5.36
N GLN A 1307 -24.70 -26.04 6.69
CA GLN A 1307 -24.98 -27.31 7.38
C GLN A 1307 -26.41 -27.76 7.17
N PHE A 1308 -27.35 -26.81 7.05
CA PHE A 1308 -28.72 -27.16 6.71
C PHE A 1308 -28.83 -27.80 5.33
N LEU A 1309 -28.10 -27.26 4.36
CA LEU A 1309 -28.15 -27.86 3.02
C LEU A 1309 -27.46 -29.21 3.00
N CYS A 1310 -26.48 -29.42 3.89
CA CYS A 1310 -25.93 -30.76 4.08
C CYS A 1310 -26.98 -31.72 4.61
N TYR A 1311 -27.82 -31.26 5.54
CA TYR A 1311 -28.91 -32.11 6.03
C TYR A 1311 -29.89 -32.46 4.92
N ALA A 1312 -30.26 -31.48 4.10
CA ALA A 1312 -31.25 -31.73 3.05
C ALA A 1312 -30.70 -32.68 1.99
N LEU A 1313 -29.43 -32.55 1.64
CA LEU A 1313 -28.89 -33.48 0.67
C LEU A 1313 -28.59 -34.85 1.27
N ASP A 1314 -28.38 -34.94 2.59
CA ASP A 1314 -28.27 -36.26 3.20
C ASP A 1314 -29.63 -36.94 3.31
N LEU A 1315 -30.68 -36.15 3.53
CA LEU A 1315 -32.03 -36.68 3.59
C LEU A 1315 -32.49 -37.19 2.23
N LEU A 1316 -32.39 -36.35 1.20
CA LEU A 1316 -33.04 -36.62 -0.07
C LEU A 1316 -32.25 -37.55 -0.98
N TYR A 1317 -31.04 -37.94 -0.61
CA TYR A 1317 -30.21 -38.81 -1.44
C TYR A 1317 -29.53 -39.82 -0.53
N ASP A 1318 -28.53 -40.53 -1.07
CA ASP A 1318 -27.77 -41.50 -0.31
C ASP A 1318 -26.44 -40.96 0.18
N VAL A 1319 -26.11 -39.71 -0.15
CA VAL A 1319 -24.79 -39.15 0.07
C VAL A 1319 -24.59 -38.78 1.53
N ILE A 1320 -23.35 -38.52 1.92
CA ILE A 1320 -23.03 -37.99 3.24
C ILE A 1320 -22.07 -36.83 3.02
N PRO A 1321 -22.52 -35.59 3.08
CA PRO A 1321 -21.66 -34.46 2.75
C PRO A 1321 -20.94 -33.90 3.98
N VAL A 1322 -19.93 -33.07 3.71
CA VAL A 1322 -19.20 -32.32 4.72
C VAL A 1322 -18.59 -31.09 4.07
N THR A 1323 -18.79 -29.91 4.67
CA THR A 1323 -18.36 -28.66 4.06
C THR A 1323 -17.39 -27.91 4.95
N TYR A 1324 -16.72 -26.94 4.35
CA TYR A 1324 -15.67 -26.18 5.01
C TYR A 1324 -15.76 -24.71 4.66
N THR A 1325 -16.93 -24.10 4.87
CA THR A 1325 -17.18 -22.72 4.49
C THR A 1325 -16.21 -21.74 5.14
N SER A 1326 -15.88 -20.67 4.41
CA SER A 1326 -14.86 -19.72 4.79
C SER A 1326 -15.30 -18.30 4.47
N SER A 1327 -16.59 -18.04 4.62
CA SER A 1327 -17.30 -16.76 4.50
C SER A 1327 -17.42 -16.21 3.09
N ASP A 1328 -16.75 -16.79 2.15
CA ASP A 1328 -17.02 -16.45 0.78
C ASP A 1328 -17.17 -17.68 -0.09
N ASP A 1329 -16.40 -18.72 0.17
CA ASP A 1329 -16.41 -19.91 -0.66
C ASP A 1329 -16.40 -21.13 0.24
N GLN A 1330 -16.51 -22.29 -0.38
CA GLN A 1330 -16.49 -23.53 0.38
C GLN A 1330 -16.00 -24.66 -0.51
N VAL A 1331 -15.79 -25.81 0.09
CA VAL A 1331 -15.57 -27.05 -0.62
C VAL A 1331 -16.46 -28.08 0.06
N SER A 1332 -16.94 -29.07 -0.69
CA SER A 1332 -17.87 -30.04 -0.15
C SER A 1332 -17.46 -31.43 -0.63
N LEU A 1333 -17.02 -32.28 0.27
CA LEU A 1333 -16.43 -33.56 -0.13
C LEU A 1333 -17.51 -34.64 0.02
N ILE A 1334 -18.31 -34.78 -1.03
CA ILE A 1334 -19.46 -35.69 -1.03
C ILE A 1334 -19.03 -37.04 -1.58
N LYS A 1335 -19.41 -38.12 -0.90
CA LYS A 1335 -19.11 -39.47 -1.33
C LYS A 1335 -20.38 -40.25 -1.62
N ILE A 1336 -20.27 -41.19 -2.54
CA ILE A 1336 -21.39 -41.98 -3.04
C ILE A 1336 -21.20 -43.42 -2.54
N PRO A 1337 -22.21 -44.03 -1.90
CA PRO A 1337 -21.99 -45.32 -1.22
C PRO A 1337 -21.66 -46.50 -2.12
N CYS A 1338 -22.49 -46.77 -3.13
CA CYS A 1338 -22.36 -48.01 -3.87
C CYS A 1338 -22.39 -47.71 -5.36
N LEU A 1339 -22.46 -48.79 -6.15
CA LEU A 1339 -22.58 -48.79 -7.61
C LEU A 1339 -21.37 -48.09 -8.25
N SER A 1340 -20.20 -48.66 -7.97
CA SER A 1340 -18.97 -48.31 -8.67
C SER A 1340 -18.69 -49.29 -9.79
N ASP A 1341 -19.68 -49.53 -10.65
CA ASP A 1341 -19.62 -50.57 -11.67
C ASP A 1341 -20.20 -50.00 -12.95
N GLU A 1342 -19.98 -50.71 -14.05
CA GLU A 1342 -20.46 -50.28 -15.36
C GLU A 1342 -21.98 -50.40 -15.44
N LYS A 1343 -22.54 -49.78 -16.50
CA LYS A 1343 -23.97 -49.72 -16.80
C LYS A 1343 -24.74 -49.11 -15.63
N CYS A 1344 -24.45 -47.82 -15.40
CA CYS A 1344 -24.98 -47.14 -14.22
C CYS A 1344 -26.44 -46.75 -14.43
N GLN A 1345 -26.68 -45.81 -15.36
CA GLN A 1345 -27.97 -45.29 -15.82
C GLN A 1345 -28.74 -44.50 -14.76
N ASP A 1346 -28.28 -44.49 -13.52
CA ASP A 1346 -28.94 -43.78 -12.44
C ASP A 1346 -27.91 -42.98 -11.65
N ARG A 1347 -26.67 -43.46 -11.65
CA ARG A 1347 -25.62 -42.81 -10.89
C ARG A 1347 -25.06 -41.60 -11.61
N THR A 1348 -25.17 -41.58 -12.95
CA THR A 1348 -24.69 -40.47 -13.76
C THR A 1348 -25.74 -39.35 -13.86
N GLU A 1349 -26.72 -39.36 -12.97
CA GLU A 1349 -27.72 -38.30 -12.89
C GLU A 1349 -27.59 -37.62 -11.55
N LEU A 1350 -26.36 -37.24 -11.21
CA LEU A 1350 -26.05 -36.34 -10.11
C LEU A 1350 -26.52 -34.92 -10.37
N LEU A 1351 -26.96 -34.61 -11.59
CA LEU A 1351 -27.24 -33.23 -11.97
C LEU A 1351 -28.42 -32.65 -11.22
N GLU A 1352 -29.46 -33.45 -10.94
CA GLU A 1352 -30.58 -32.89 -10.20
C GLU A 1352 -30.22 -32.64 -8.75
N MET A 1353 -29.28 -33.44 -8.20
CA MET A 1353 -28.76 -33.20 -6.87
C MET A 1353 -28.05 -31.86 -6.77
N VAL A 1354 -27.12 -31.61 -7.69
CA VAL A 1354 -26.28 -30.43 -7.57
C VAL A 1354 -27.03 -29.19 -8.03
N CYS A 1355 -27.89 -29.32 -9.05
CA CYS A 1355 -28.79 -28.23 -9.40
C CYS A 1355 -29.80 -27.93 -8.29
N PHE A 1356 -30.17 -28.93 -7.48
CA PHE A 1356 -31.07 -28.67 -6.38
C PHE A 1356 -30.35 -28.00 -5.21
N HIS A 1357 -29.08 -28.38 -4.97
CA HIS A 1357 -28.24 -27.64 -4.03
C HIS A 1357 -28.14 -26.17 -4.42
N GLU A 1358 -27.92 -25.92 -5.71
CA GLU A 1358 -27.84 -24.56 -6.22
C GLU A 1358 -29.18 -23.83 -6.10
N PHE A 1359 -30.28 -24.56 -6.26
CA PHE A 1359 -31.62 -23.99 -6.12
C PHE A 1359 -31.90 -23.57 -4.67
N LEU A 1360 -31.64 -24.46 -3.72
CA LEU A 1360 -31.83 -24.11 -2.31
C LEU A 1360 -30.88 -23.02 -1.85
N SER A 1361 -29.65 -22.99 -2.37
CA SER A 1361 -28.73 -21.93 -2.01
C SER A 1361 -29.20 -20.59 -2.53
N SER A 1362 -29.86 -20.57 -3.70
CA SER A 1362 -30.57 -19.36 -4.12
C SER A 1362 -31.69 -19.02 -3.15
N LYS A 1363 -32.35 -20.05 -2.61
CA LYS A 1363 -33.47 -19.79 -1.70
C LYS A 1363 -33.01 -19.22 -0.37
N LEU A 1364 -31.79 -19.50 0.06
CA LEU A 1364 -31.40 -18.97 1.37
C LEU A 1364 -30.93 -17.53 1.27
N ASN A 1365 -29.73 -17.25 0.77
CA ASN A 1365 -29.46 -16.05 -0.02
C ASN A 1365 -28.24 -16.28 -0.90
N LYS A 1366 -27.67 -17.47 -0.84
CA LYS A 1366 -26.29 -17.68 -1.28
C LYS A 1366 -26.26 -18.01 -2.76
N PHE A 1367 -25.96 -17.02 -3.59
CA PHE A 1367 -25.94 -17.24 -5.03
C PHE A 1367 -24.62 -17.86 -5.45
N ILE A 1368 -24.67 -18.90 -6.26
CA ILE A 1368 -23.48 -19.60 -6.71
C ILE A 1368 -23.04 -19.06 -8.05
N SER A 1369 -21.77 -18.68 -8.16
CA SER A 1369 -21.19 -18.05 -9.34
C SER A 1369 -20.83 -19.10 -10.38
N PRO A 1370 -20.69 -18.69 -11.65
CA PRO A 1370 -20.30 -19.65 -12.69
C PRO A 1370 -18.87 -20.18 -12.60
N LYS A 1371 -18.07 -19.73 -11.64
CA LYS A 1371 -16.70 -20.18 -11.49
C LYS A 1371 -16.59 -21.30 -10.47
N SER A 1372 -17.48 -22.29 -10.55
CA SER A 1372 -17.66 -23.24 -9.46
C SER A 1372 -17.85 -24.61 -10.08
N VAL A 1373 -16.82 -25.45 -10.00
CA VAL A 1373 -16.70 -26.63 -10.84
C VAL A 1373 -16.74 -27.85 -9.95
N ILE A 1374 -17.46 -28.88 -10.39
CA ILE A 1374 -17.93 -29.97 -9.56
C ILE A 1374 -17.47 -31.27 -10.17
N GLY A 1375 -16.88 -32.14 -9.37
CA GLY A 1375 -16.50 -33.43 -9.87
C GLY A 1375 -15.29 -33.95 -9.14
N THR A 1376 -14.72 -35.02 -9.68
CA THR A 1376 -13.54 -35.62 -9.12
C THR A 1376 -12.32 -35.17 -9.92
N PHE A 1377 -11.15 -35.68 -9.52
CA PHE A 1377 -9.77 -35.48 -9.99
C PHE A 1377 -9.12 -34.18 -9.54
N VAL A 1378 -9.88 -33.16 -9.13
CA VAL A 1378 -9.31 -31.85 -8.81
C VAL A 1378 -10.20 -31.18 -7.77
N ALA A 1379 -9.61 -30.76 -6.65
CA ALA A 1379 -10.30 -29.94 -5.67
C ALA A 1379 -9.47 -28.71 -5.34
N GLU A 1380 -10.15 -27.63 -4.99
CA GLU A 1380 -9.53 -26.32 -4.82
C GLU A 1380 -10.22 -25.59 -3.69
N PHE A 1381 -9.46 -25.08 -2.74
CA PHE A 1381 -10.02 -24.33 -1.63
C PHE A 1381 -8.95 -23.35 -1.14
N LYS A 1382 -9.28 -22.06 -1.19
CA LYS A 1382 -8.34 -20.96 -0.97
C LYS A 1382 -7.10 -21.09 -1.84
N SER A 1383 -7.30 -21.49 -3.09
CA SER A 1383 -6.26 -21.64 -4.12
C SER A 1383 -5.13 -22.56 -3.67
N ARG A 1384 -5.48 -23.82 -3.45
CA ARG A 1384 -4.49 -24.80 -3.06
C ARG A 1384 -4.35 -25.97 -4.03
N PHE A 1385 -5.42 -26.35 -4.75
CA PHE A 1385 -5.35 -27.16 -5.96
C PHE A 1385 -4.76 -28.56 -5.73
N PHE A 1386 -5.51 -29.37 -5.01
CA PHE A 1386 -5.06 -30.74 -4.80
C PHE A 1386 -5.48 -31.64 -5.94
N VAL A 1387 -4.78 -32.76 -6.07
CA VAL A 1387 -4.71 -33.56 -7.29
C VAL A 1387 -4.44 -34.99 -6.83
N MET A 1388 -4.82 -35.97 -7.67
CA MET A 1388 -4.53 -37.38 -7.46
C MET A 1388 -3.15 -37.70 -6.90
N GLY A 1389 -2.10 -37.21 -7.54
CA GLY A 1389 -0.77 -37.50 -7.04
C GLY A 1389 -0.35 -36.81 -5.77
N GLU A 1390 0.02 -35.52 -5.85
CA GLU A 1390 0.43 -34.79 -4.66
C GLU A 1390 -0.43 -33.57 -4.40
N GLU A 1391 -0.28 -32.54 -5.22
CA GLU A 1391 -0.74 -31.17 -5.11
C GLU A 1391 -0.07 -30.54 -6.34
N THR A 1392 -0.52 -29.35 -6.73
CA THR A 1392 0.20 -28.71 -7.81
C THR A 1392 0.94 -27.50 -7.29
N PRO A 1393 2.27 -27.48 -7.35
CA PRO A 1393 3.01 -26.29 -6.97
C PRO A 1393 2.79 -25.16 -7.95
N LEU A 1394 2.75 -23.96 -7.42
CA LEU A 1394 2.56 -22.74 -8.19
C LEU A 1394 3.89 -22.01 -8.24
N LEU A 1395 4.70 -22.34 -9.24
CA LEU A 1395 5.97 -21.65 -9.46
C LEU A 1395 5.76 -20.17 -9.73
N THR A 1396 4.79 -19.85 -10.56
CA THR A 1396 4.72 -18.52 -11.12
C THR A 1396 4.21 -17.51 -10.10
N LYS A 1397 3.28 -17.94 -9.25
CA LYS A 1397 2.72 -17.05 -8.24
C LYS A 1397 3.78 -16.61 -7.25
N PHE A 1398 4.62 -17.55 -6.83
CA PHE A 1398 5.62 -17.21 -5.82
C PHE A 1398 6.81 -16.48 -6.41
N VAL A 1399 7.25 -16.84 -7.62
CA VAL A 1399 8.34 -16.08 -8.23
C VAL A 1399 7.91 -14.65 -8.55
N SER A 1400 6.72 -14.48 -9.12
CA SER A 1400 6.24 -13.15 -9.43
C SER A 1400 5.77 -12.38 -8.21
N ALA A 1401 5.64 -13.05 -7.06
CA ALA A 1401 5.47 -12.36 -5.81
C ALA A 1401 6.80 -11.94 -5.20
N ALA A 1402 7.86 -12.72 -5.46
CA ALA A 1402 9.17 -12.34 -4.97
C ALA A 1402 9.75 -11.17 -5.75
N LEU A 1403 9.46 -11.08 -7.05
CA LEU A 1403 10.11 -10.07 -7.87
C LEU A 1403 9.62 -8.65 -7.57
N HIS A 1404 8.35 -8.32 -7.74
CA HIS A 1404 7.94 -6.95 -7.43
C HIS A 1404 7.23 -6.85 -6.08
N ASN A 1405 7.97 -7.23 -5.06
CA ASN A 1405 7.65 -6.94 -3.66
C ASN A 1405 8.90 -6.41 -2.97
N VAL A 1406 9.52 -5.44 -3.60
CA VAL A 1406 10.70 -4.77 -3.06
C VAL A 1406 10.21 -3.42 -2.58
N LYS A 1407 9.82 -3.35 -1.31
CA LYS A 1407 9.54 -2.09 -0.65
C LYS A 1407 10.66 -1.89 0.36
N CYS A 1408 11.22 -0.68 0.37
CA CYS A 1408 12.57 -0.42 0.83
C CYS A 1408 12.57 0.61 1.95
N LYS A 1409 13.15 0.24 3.10
CA LYS A 1409 13.49 1.20 4.13
C LYS A 1409 14.98 1.28 4.37
N THR A 1410 15.64 0.18 4.68
CA THR A 1410 17.08 0.08 4.81
C THR A 1410 17.50 -1.17 4.06
N PRO A 1411 18.77 -1.33 3.72
CA PRO A 1411 19.17 -2.57 3.05
C PRO A 1411 19.07 -3.80 3.91
N THR A 1412 19.26 -3.71 5.23
CA THR A 1412 19.11 -4.92 6.03
C THR A 1412 17.64 -5.30 6.22
N GLN A 1413 16.74 -4.31 6.25
CA GLN A 1413 15.31 -4.58 6.32
C GLN A 1413 14.82 -5.31 5.08
N LEU A 1414 15.10 -4.79 3.90
CA LEU A 1414 14.67 -5.47 2.69
C LEU A 1414 15.46 -6.74 2.45
N SER A 1415 16.63 -6.87 3.07
CA SER A 1415 17.37 -8.12 3.00
C SER A 1415 16.68 -9.24 3.77
N GLU A 1416 16.24 -8.98 5.02
CA GLU A 1416 15.51 -10.06 5.68
C GLU A 1416 14.11 -10.25 5.12
N THR A 1417 13.52 -9.22 4.51
CA THR A 1417 12.22 -9.40 3.86
C THR A 1417 12.32 -10.34 2.67
N ILE A 1418 13.34 -10.17 1.83
CA ILE A 1418 13.50 -11.10 0.73
C ILE A 1418 14.01 -12.46 1.24
N ASP A 1419 14.62 -12.52 2.42
CA ASP A 1419 14.89 -13.84 2.99
C ASP A 1419 13.62 -14.58 3.37
N THR A 1420 12.63 -13.89 3.96
CA THR A 1420 11.40 -14.58 4.32
C THR A 1420 10.59 -14.97 3.08
N ILE A 1421 10.62 -14.14 2.03
CA ILE A 1421 9.90 -14.50 0.81
C ILE A 1421 10.57 -15.68 0.10
N CYS A 1422 11.91 -15.67 0.00
CA CYS A 1422 12.60 -16.82 -0.58
C CYS A 1422 12.59 -18.02 0.36
N ASP A 1423 12.24 -17.84 1.62
CA ASP A 1423 11.99 -18.98 2.50
C ASP A 1423 10.65 -19.63 2.20
N GLN A 1424 9.58 -18.84 2.17
CA GLN A 1424 8.26 -19.45 1.97
C GLN A 1424 8.01 -19.84 0.53
N CYS A 1425 8.83 -19.41 -0.41
CA CYS A 1425 8.66 -19.90 -1.76
C CYS A 1425 9.54 -21.10 -2.08
N ILE A 1426 10.49 -21.45 -1.22
CA ILE A 1426 11.23 -22.70 -1.43
C ILE A 1426 10.60 -23.83 -0.62
N ALA A 1427 9.59 -23.52 0.19
CA ALA A 1427 8.81 -24.57 0.82
C ALA A 1427 7.91 -25.28 -0.17
N ASN A 1428 7.64 -24.66 -1.30
CA ASN A 1428 6.57 -25.06 -2.19
C ASN A 1428 7.10 -25.59 -3.52
N GLY A 1429 8.36 -26.03 -3.54
CA GLY A 1429 8.86 -26.80 -4.65
C GLY A 1429 9.55 -26.06 -5.77
N VAL A 1430 9.95 -24.80 -5.59
CA VAL A 1430 10.75 -24.15 -6.62
C VAL A 1430 12.17 -24.69 -6.46
N SER A 1431 13.00 -24.50 -7.46
CA SER A 1431 14.35 -25.02 -7.31
C SER A 1431 15.21 -23.97 -6.65
N THR A 1432 16.45 -24.35 -6.34
CA THR A 1432 17.34 -23.41 -5.69
C THR A 1432 17.95 -22.41 -6.65
N HIS A 1433 17.91 -22.68 -7.96
CA HIS A 1433 18.50 -21.76 -8.92
C HIS A 1433 17.66 -20.51 -9.10
N ILE A 1434 16.34 -20.64 -9.08
CA ILE A 1434 15.52 -19.45 -9.16
C ILE A 1434 15.63 -18.63 -7.89
N VAL A 1435 15.83 -19.30 -6.75
CA VAL A 1435 16.02 -18.57 -5.49
C VAL A 1435 17.33 -17.80 -5.53
N SER A 1436 18.41 -18.44 -6.02
CA SER A 1436 19.69 -17.75 -6.09
C SER A 1436 19.66 -16.60 -7.09
N LYS A 1437 18.85 -16.70 -8.14
CA LYS A 1437 18.82 -15.58 -9.07
C LYS A 1437 17.92 -14.45 -8.57
N ILE A 1438 16.93 -14.74 -7.72
CA ILE A 1438 16.23 -13.63 -7.06
C ILE A 1438 17.16 -12.97 -6.03
N SER A 1439 18.03 -13.75 -5.42
CA SER A 1439 19.02 -13.20 -4.49
C SER A 1439 19.99 -12.27 -5.18
N ILE A 1440 20.51 -12.69 -6.34
CA ILE A 1440 21.42 -11.86 -7.13
C ILE A 1440 20.71 -10.60 -7.60
N ARG A 1441 19.42 -10.70 -7.94
CA ARG A 1441 18.68 -9.51 -8.32
C ARG A 1441 18.55 -8.51 -7.18
N VAL A 1442 18.29 -8.99 -5.96
CA VAL A 1442 18.10 -8.00 -4.90
C VAL A 1442 19.42 -7.45 -4.39
N ASN A 1443 20.52 -8.21 -4.50
CA ASN A 1443 21.85 -7.66 -4.24
C ASN A 1443 22.18 -6.56 -5.23
N GLN A 1444 22.03 -6.81 -6.53
CA GLN A 1444 22.33 -5.78 -7.50
C GLN A 1444 21.30 -4.66 -7.50
N LEU A 1445 20.17 -4.85 -6.85
CA LEU A 1445 19.19 -3.79 -6.75
C LEU A 1445 19.42 -2.90 -5.54
N ILE A 1446 20.17 -3.37 -4.55
CA ILE A 1446 20.65 -2.47 -3.50
C ILE A 1446 21.82 -1.63 -4.01
N ARG A 1447 22.81 -2.27 -4.62
CA ARG A 1447 24.06 -1.73 -5.16
C ARG A 1447 23.85 -0.69 -6.28
N TYR A 1448 22.62 -0.42 -6.70
CA TYR A 1448 22.34 0.73 -7.56
C TYR A 1448 22.07 1.97 -6.73
N SER A 1449 22.70 2.07 -5.58
CA SER A 1449 22.61 3.20 -4.69
C SER A 1449 23.94 3.30 -3.96
N GLY A 1450 23.94 3.92 -2.79
CA GLY A 1450 25.18 4.17 -2.10
C GLY A 1450 25.93 2.94 -1.63
N TYR A 1451 25.23 1.87 -1.27
CA TYR A 1451 25.88 0.71 -0.68
C TYR A 1451 26.79 0.01 -1.64
N ARG A 1452 27.98 -0.34 -1.17
CA ARG A 1452 29.02 -0.85 -2.06
C ARG A 1452 28.97 -2.37 -2.11
N GLU A 1453 29.24 -3.02 -0.97
CA GLU A 1453 28.96 -4.42 -0.70
C GLU A 1453 29.25 -4.71 0.76
N THR A 1454 28.32 -5.32 1.45
CA THR A 1454 28.39 -5.76 2.83
C THR A 1454 28.68 -7.25 2.87
N PRO A 1455 29.51 -7.77 3.78
CA PRO A 1455 29.68 -9.23 3.86
C PRO A 1455 28.44 -9.95 4.32
N PHE A 1456 27.53 -9.27 5.00
CA PHE A 1456 26.26 -9.88 5.36
C PHE A 1456 25.36 -9.96 4.15
N GLY A 1457 25.50 -9.01 3.24
CA GLY A 1457 24.80 -8.89 1.98
C GLY A 1457 23.30 -8.85 2.20
N ALA A 1458 22.57 -9.32 1.20
CA ALA A 1458 21.17 -9.59 1.46
C ALA A 1458 20.98 -11.06 1.83
N ILE A 1459 21.23 -11.95 0.87
CA ILE A 1459 20.89 -13.34 1.04
C ILE A 1459 21.85 -14.23 0.27
N GLU A 1460 21.79 -15.51 0.58
CA GLU A 1460 22.77 -16.48 0.16
C GLU A 1460 22.61 -16.80 -1.32
N GLU A 1461 23.48 -16.22 -2.13
CA GLU A 1461 23.78 -16.76 -3.44
C GLU A 1461 24.53 -18.06 -3.23
N GLN A 1462 24.35 -19.02 -4.14
CA GLN A 1462 25.00 -20.35 -4.12
C GLN A 1462 24.63 -21.13 -2.84
N ASP A 1463 23.36 -21.53 -2.77
CA ASP A 1463 22.82 -22.28 -1.65
C ASP A 1463 22.29 -23.64 -2.08
N VAL A 1464 22.26 -24.61 -1.14
CA VAL A 1464 21.56 -25.86 -1.41
C VAL A 1464 20.63 -26.35 -0.29
N LYS A 1465 21.15 -26.56 0.92
CA LYS A 1465 20.47 -27.32 1.98
C LYS A 1465 20.19 -26.43 3.18
N ASP A 1466 20.58 -25.17 3.11
CA ASP A 1466 20.58 -24.20 4.18
C ASP A 1466 19.19 -23.66 4.48
N TRP A 1467 18.14 -24.32 3.99
CA TRP A 1467 16.76 -23.87 4.10
C TRP A 1467 15.90 -24.81 4.93
N VAL A 1468 16.18 -26.12 4.93
CA VAL A 1468 15.40 -27.05 5.72
C VAL A 1468 15.88 -27.07 7.17
N ASP A 1469 17.14 -27.40 7.40
CA ASP A 1469 17.73 -27.45 8.74
C ASP A 1469 18.55 -26.19 9.02
N GLY A 1470 17.94 -25.03 8.86
CA GLY A 1470 18.71 -23.82 8.99
C GLY A 1470 17.80 -22.64 9.28
N SER A 1471 18.42 -21.50 9.48
CA SER A 1471 17.66 -20.27 9.64
C SER A 1471 18.49 -19.14 9.04
N ARG A 1472 18.12 -17.90 9.35
CA ARG A 1472 18.84 -16.73 8.86
C ARG A 1472 20.28 -16.74 9.34
N GLY A 1473 20.50 -17.19 10.57
CA GLY A 1473 21.85 -17.28 11.10
C GLY A 1473 22.71 -18.29 10.37
N TYR A 1474 22.14 -19.42 9.95
CA TYR A 1474 22.97 -20.41 9.28
C TYR A 1474 23.24 -20.01 7.84
N ARG A 1475 22.37 -19.18 7.26
CA ARG A 1475 22.66 -18.72 5.92
C ARG A 1475 23.71 -17.62 5.92
N LEU A 1476 23.66 -16.71 6.92
CA LEU A 1476 24.75 -15.74 7.04
C LEU A 1476 26.06 -16.42 7.42
N GLN A 1477 26.00 -17.47 8.23
CA GLN A 1477 27.21 -18.24 8.54
C GLN A 1477 27.80 -18.90 7.32
N ARG A 1478 26.96 -19.47 6.45
CA ARG A 1478 27.51 -20.05 5.23
C ARG A 1478 28.03 -18.99 4.27
N LYS A 1479 27.46 -17.78 4.31
CA LYS A 1479 27.95 -16.71 3.46
C LYS A 1479 29.36 -16.27 3.89
N ILE A 1480 29.54 -16.08 5.20
CA ILE A 1480 30.86 -15.68 5.73
C ILE A 1480 31.87 -16.81 5.62
N GLU A 1481 31.46 -18.07 5.77
CA GLU A 1481 32.38 -19.16 5.52
C GLU A 1481 32.71 -19.32 4.04
N ALA A 1482 31.84 -18.84 3.16
CA ALA A 1482 32.13 -18.91 1.74
C ALA A 1482 33.03 -17.78 1.27
N ILE A 1483 33.13 -16.68 2.03
CA ILE A 1483 34.18 -15.69 1.73
C ILE A 1483 35.57 -16.32 1.91
N PHE A 1484 35.85 -16.85 3.10
CA PHE A 1484 37.09 -17.55 3.40
C PHE A 1484 37.02 -18.95 2.79
N SER A 1485 37.27 -19.03 1.50
CA SER A 1485 37.13 -20.30 0.78
C SER A 1485 38.41 -21.12 0.83
N ASP A 1486 38.94 -21.32 2.03
CA ASP A 1486 40.03 -22.25 2.26
C ASP A 1486 39.81 -23.12 3.49
N ASP A 1487 38.87 -22.77 4.38
CA ASP A 1487 38.49 -23.52 5.57
C ASP A 1487 39.68 -23.71 6.51
N LYS A 1488 40.41 -22.63 6.73
CA LYS A 1488 41.55 -22.62 7.64
C LYS A 1488 41.56 -21.44 8.60
N GLU A 1489 40.88 -20.34 8.26
CA GLU A 1489 40.78 -19.17 9.12
C GLU A 1489 39.46 -19.09 9.88
N THR A 1490 38.34 -19.48 9.26
CA THR A 1490 37.08 -19.54 9.99
C THR A 1490 37.09 -20.66 11.01
N MET A 1491 37.71 -21.79 10.67
CA MET A 1491 38.19 -22.67 11.72
C MET A 1491 39.35 -21.98 12.41
N PHE A 1492 39.44 -22.18 13.74
CA PHE A 1492 40.04 -21.41 14.84
C PHE A 1492 39.05 -20.36 15.37
N ILE A 1493 37.89 -20.16 14.75
CA ILE A 1493 36.78 -19.48 15.41
C ILE A 1493 35.70 -20.46 15.82
N ARG A 1494 35.45 -21.48 15.01
CA ARG A 1494 34.53 -22.53 15.41
C ARG A 1494 35.07 -23.36 16.56
N ASN A 1495 36.39 -23.55 16.63
CA ASN A 1495 36.97 -24.28 17.76
C ASN A 1495 36.85 -23.47 19.05
N CYS A 1496 37.02 -22.15 18.97
CA CYS A 1496 36.81 -21.28 20.11
C CYS A 1496 35.36 -21.30 20.56
N ALA A 1497 34.42 -21.33 19.60
CA ALA A 1497 33.00 -21.41 19.95
C ALA A 1497 32.68 -22.75 20.58
N ARG A 1498 33.34 -23.82 20.12
CA ARG A 1498 33.12 -25.14 20.72
C ARG A 1498 33.67 -25.19 22.14
N LYS A 1499 34.80 -24.52 22.39
CA LYS A 1499 35.36 -24.49 23.74
C LYS A 1499 34.49 -23.69 24.69
N VAL A 1500 34.02 -22.50 24.27
CA VAL A 1500 33.18 -21.71 25.18
C VAL A 1500 31.81 -22.37 25.35
N PHE A 1501 31.31 -23.08 24.33
CA PHE A 1501 30.01 -23.72 24.47
C PHE A 1501 30.09 -24.99 25.31
N ASN A 1502 31.18 -25.74 25.20
CA ASN A 1502 31.36 -26.88 26.09
C ASN A 1502 31.71 -26.44 27.51
N ASP A 1503 32.23 -25.23 27.69
CA ASP A 1503 32.52 -24.78 29.04
C ASP A 1503 31.39 -23.96 29.65
N ILE A 1504 30.31 -23.70 28.93
CA ILE A 1504 29.14 -23.21 29.63
C ILE A 1504 28.29 -24.38 30.16
N LYS A 1505 28.37 -25.54 29.52
CA LYS A 1505 27.53 -26.66 29.95
C LYS A 1505 28.29 -27.84 30.58
N ARG A 1506 29.49 -28.19 30.12
CA ARG A 1506 30.15 -29.41 30.59
C ARG A 1506 31.56 -29.17 31.11
N GLY A 1507 31.67 -29.03 32.43
CA GLY A 1507 32.88 -29.44 33.12
C GLY A 1507 34.04 -28.48 33.29
N LYS A 1508 34.44 -28.32 34.56
CA LYS A 1508 35.76 -27.88 35.02
C LYS A 1508 36.07 -26.41 34.79
N ILE A 1509 35.25 -25.75 33.98
CA ILE A 1509 35.22 -24.30 33.78
C ILE A 1509 33.75 -23.96 33.58
N PHE A 1510 33.28 -22.88 34.20
CA PHE A 1510 31.96 -22.37 33.88
C PHE A 1510 32.01 -20.86 33.89
N GLU A 1511 31.37 -20.24 32.91
CA GLU A 1511 31.41 -18.80 32.73
C GLU A 1511 30.08 -18.19 33.15
N GLU A 1512 30.16 -17.12 33.96
CA GLU A 1512 28.96 -16.44 34.44
C GLU A 1512 29.13 -14.93 34.46
N ASN A 1513 30.23 -14.39 33.93
CA ASN A 1513 30.54 -12.97 33.96
C ASN A 1513 30.93 -12.47 32.57
N LEU A 1514 29.93 -12.13 31.76
CA LEU A 1514 30.19 -11.77 30.37
C LEU A 1514 29.48 -10.53 29.87
N ILE A 1515 28.48 -10.00 30.58
CA ILE A 1515 27.74 -8.84 30.10
C ILE A 1515 28.63 -7.59 30.08
N ASN A 1516 29.64 -7.52 30.95
CA ASN A 1516 30.58 -6.42 30.88
C ASN A 1516 31.56 -6.56 29.72
N LEU A 1517 31.70 -7.76 29.16
CA LEU A 1517 32.61 -7.98 28.05
C LEU A 1517 31.92 -7.81 26.70
N ILE A 1518 30.62 -8.10 26.62
CA ILE A 1518 29.87 -7.88 25.38
C ILE A 1518 29.73 -6.39 25.11
N SER A 1519 29.46 -5.61 26.13
CA SER A 1519 29.10 -4.22 25.94
C SER A 1519 30.29 -3.28 25.76
N ARG A 1520 31.52 -3.78 25.66
CA ARG A 1520 32.68 -2.90 25.54
C ARG A 1520 33.14 -2.71 24.10
N GLY A 1521 32.41 -3.23 23.12
CA GLY A 1521 32.58 -2.78 21.75
C GLY A 1521 32.80 -3.83 20.68
N GLY A 1522 33.58 -4.86 20.96
CA GLY A 1522 33.74 -5.90 19.96
C GLY A 1522 35.16 -6.36 19.68
N ASP A 1523 36.11 -5.43 19.57
CA ASP A 1523 37.47 -5.81 19.21
C ASP A 1523 38.17 -6.46 20.40
N GLU A 1524 38.27 -5.70 21.50
CA GLU A 1524 38.73 -6.25 22.76
C GLU A 1524 37.83 -7.34 23.29
N ALA A 1525 36.53 -7.30 22.94
CA ALA A 1525 35.63 -8.38 23.30
C ALA A 1525 35.97 -9.68 22.60
N LEU A 1526 36.31 -9.60 21.31
CA LEU A 1526 36.69 -10.79 20.57
C LEU A 1526 38.02 -11.32 21.07
N SER A 1527 38.94 -10.43 21.45
CA SER A 1527 40.18 -10.89 22.05
C SER A 1527 39.95 -11.51 23.43
N GLY A 1528 38.94 -11.03 24.17
CA GLY A 1528 38.63 -11.62 25.45
C GLY A 1528 38.01 -13.00 25.35
N PHE A 1529 37.12 -13.20 24.37
CA PHE A 1529 36.57 -14.53 24.16
C PHE A 1529 37.56 -15.49 23.53
N LEU A 1530 38.55 -14.99 22.78
CA LEU A 1530 39.66 -15.86 22.40
C LEU A 1530 40.62 -16.12 23.54
N GLN A 1531 40.62 -15.27 24.57
CA GLN A 1531 41.49 -15.51 25.72
C GLN A 1531 41.01 -16.70 26.55
N TYR A 1532 39.69 -16.94 26.61
CA TYR A 1532 39.16 -18.10 27.32
C TYR A 1532 39.60 -19.41 26.70
N ALA A 1533 39.79 -19.44 25.39
CA ALA A 1533 40.19 -20.67 24.74
C ALA A 1533 41.68 -20.96 24.94
N GLY A 1534 42.48 -19.92 25.07
CA GLY A 1534 43.91 -20.11 25.20
C GLY A 1534 44.58 -19.89 23.86
N CYS A 1535 45.11 -18.70 23.65
CA CYS A 1535 45.65 -18.31 22.36
C CYS A 1535 46.92 -17.50 22.56
N SER A 1536 47.79 -17.53 21.56
CA SER A 1536 48.99 -16.71 21.60
C SER A 1536 48.65 -15.30 21.15
N GLU A 1537 49.54 -14.37 21.47
CA GLU A 1537 49.43 -13.03 20.95
C GLU A 1537 49.87 -12.97 19.49
N ASP A 1538 50.64 -13.96 19.03
CA ASP A 1538 51.03 -14.02 17.62
C ASP A 1538 49.86 -14.34 16.70
N GLU A 1539 48.73 -14.81 17.23
CA GLU A 1539 47.56 -15.13 16.42
C GLU A 1539 46.26 -14.48 16.88
N ILE A 1540 46.23 -13.88 18.08
CA ILE A 1540 45.00 -13.22 18.50
C ILE A 1540 44.84 -11.87 17.80
N ARG A 1541 45.92 -11.30 17.28
CA ARG A 1541 45.83 -10.11 16.47
C ARG A 1541 45.92 -10.41 14.98
N GLN A 1542 46.37 -11.62 14.62
CA GLN A 1542 46.36 -12.03 13.23
C GLN A 1542 44.94 -12.19 12.71
N THR A 1543 44.05 -12.77 13.51
CA THR A 1543 42.65 -12.92 13.16
C THR A 1543 41.84 -11.67 13.44
N LEU A 1544 42.45 -10.66 14.01
CA LEU A 1544 41.77 -9.40 14.28
C LEU A 1544 41.87 -8.46 13.08
N ASP A 1545 42.52 -8.90 12.01
CA ASP A 1545 42.94 -8.08 10.87
C ASP A 1545 41.89 -8.00 9.76
N TYR A 1546 41.23 -9.12 9.45
CA TYR A 1546 40.22 -9.17 8.39
C TYR A 1546 39.03 -8.32 8.80
N ARG A 1547 38.74 -7.26 8.04
CA ARG A 1547 37.73 -6.34 8.55
C ARG A 1547 36.99 -5.64 7.43
N TRP A 1548 35.78 -5.17 7.77
CA TRP A 1548 34.81 -4.67 6.82
C TRP A 1548 34.33 -3.29 7.25
N VAL A 1549 34.02 -2.47 6.27
CA VAL A 1549 33.58 -1.11 6.55
C VAL A 1549 32.08 -1.10 6.81
N ASN A 1550 31.70 -0.52 7.94
CA ASN A 1550 30.32 -0.34 8.32
C ASN A 1550 29.87 1.03 7.85
N LEU A 1551 28.56 1.25 7.82
CA LEU A 1551 28.03 2.59 7.68
C LEU A 1551 26.99 2.91 8.74
N ALA A 1552 26.60 1.96 9.56
CA ALA A 1552 25.63 2.16 10.62
C ALA A 1552 26.28 1.95 11.98
N SER A 1553 27.48 2.49 12.15
CA SER A 1553 28.24 2.30 13.38
C SER A 1553 27.80 3.26 14.46
N PHE A 1554 27.74 4.55 14.15
CA PHE A 1554 27.35 5.55 15.12
C PHE A 1554 25.85 5.79 15.11
N GLY A 1555 25.06 4.82 14.66
CA GLY A 1555 23.63 4.94 14.59
C GLY A 1555 23.08 4.32 13.32
N ASP A 1556 22.13 4.99 12.68
CA ASP A 1556 21.52 4.53 11.45
C ASP A 1556 21.52 5.67 10.44
N LEU A 1557 21.44 5.30 9.16
CA LEU A 1557 21.56 6.27 8.09
C LEU A 1557 20.32 7.16 8.06
N ARG A 1558 20.52 8.46 7.96
CA ARG A 1558 19.38 9.37 7.87
C ARG A 1558 18.96 9.46 6.43
N LEU A 1559 17.95 8.67 6.07
CA LEU A 1559 17.35 8.76 4.75
C LEU A 1559 15.86 8.96 4.90
N VAL A 1560 15.34 9.98 4.24
CA VAL A 1560 13.94 10.36 4.32
C VAL A 1560 13.25 9.80 3.08
N LEU A 1561 12.26 8.94 3.30
CA LEU A 1561 11.71 8.12 2.23
C LEU A 1561 10.34 8.63 1.80
N ARG A 1562 9.90 8.14 0.65
CA ARG A 1562 8.60 8.50 0.08
C ARG A 1562 7.51 7.87 0.92
N THR A 1563 6.85 8.67 1.75
CA THR A 1563 5.75 8.18 2.56
C THR A 1563 4.68 9.27 2.48
N LYS A 1564 3.70 9.24 3.37
CA LYS A 1564 2.59 10.16 3.31
C LYS A 1564 2.91 11.44 4.07
N LEU A 1565 2.39 12.56 3.55
CA LEU A 1565 2.22 13.79 4.30
C LEU A 1565 1.52 13.54 5.63
N MET A 1566 2.25 13.81 6.72
CA MET A 1566 1.76 13.74 8.09
C MET A 1566 1.24 12.35 8.44
N THR A 1567 2.15 11.38 8.40
CA THR A 1567 1.81 10.01 8.69
C THR A 1567 2.16 9.63 10.13
N MET A 1577 18.91 4.80 20.64
CA MET A 1577 18.16 3.76 21.34
C MET A 1577 18.43 2.40 20.69
N PRO A 1578 18.48 1.31 21.48
CA PRO A 1578 18.92 0.02 20.94
C PRO A 1578 17.90 -0.69 20.06
N THR A 1579 18.21 -1.92 19.67
CA THR A 1579 17.56 -2.57 18.54
C THR A 1579 16.34 -3.39 18.94
N LEU A 1580 16.53 -4.40 19.78
CA LEU A 1580 15.43 -5.29 20.10
C LEU A 1580 14.51 -4.73 21.17
N ILE A 1581 14.91 -3.65 21.85
CA ILE A 1581 14.06 -3.06 22.88
C ILE A 1581 12.80 -2.49 22.26
N LYS A 1582 12.87 -1.94 21.04
CA LYS A 1582 11.67 -1.41 20.42
C LYS A 1582 10.71 -2.52 19.99
N THR A 1583 11.21 -3.66 19.54
CA THR A 1583 10.28 -4.71 19.17
C THR A 1583 9.77 -5.49 20.37
N ILE A 1584 10.51 -5.52 21.49
CA ILE A 1584 9.94 -6.09 22.70
C ILE A 1584 8.89 -5.15 23.29
N GLN A 1585 9.11 -3.83 23.17
CA GLN A 1585 8.05 -2.89 23.54
C GLN A 1585 6.84 -3.01 22.62
N SER A 1586 7.06 -3.36 21.36
CA SER A 1586 5.92 -3.63 20.47
C SER A 1586 5.22 -4.93 20.81
N ARG A 1587 5.97 -5.90 21.33
CA ARG A 1587 5.37 -7.20 21.66
C ARG A 1587 4.55 -7.11 22.94
N LEU A 1588 5.03 -6.36 23.93
CA LEU A 1588 4.30 -6.22 25.20
C LEU A 1588 3.02 -5.42 25.09
N SER A 1589 2.81 -4.69 23.98
CA SER A 1589 1.52 -4.08 23.68
C SER A 1589 0.73 -4.90 22.67
N ARG A 1590 0.97 -6.22 22.64
CA ARG A 1590 0.33 -7.19 21.74
C ARG A 1590 0.40 -6.81 20.26
N ALA A 1608 -6.76 1.76 4.10
CA ALA A 1608 -6.15 3.07 3.98
C ALA A 1608 -5.53 3.28 2.60
N PHE A 1609 -4.83 4.39 2.44
CA PHE A 1609 -4.28 4.77 1.13
C PHE A 1609 -3.01 3.98 0.82
N GLN A 1610 -2.84 3.69 -0.46
CA GLN A 1610 -1.77 2.84 -0.96
C GLN A 1610 -0.81 3.65 -1.84
N SER A 1611 0.36 3.06 -2.10
CA SER A 1611 1.46 3.72 -2.80
C SER A 1611 2.11 2.74 -3.77
N SER A 1612 3.03 3.25 -4.60
CA SER A 1612 3.65 2.49 -5.67
C SER A 1612 5.04 2.03 -5.29
N VAL A 1613 5.62 1.19 -6.14
CA VAL A 1613 6.89 0.53 -5.85
C VAL A 1613 8.05 1.21 -6.56
N ALA A 1614 7.84 1.63 -7.82
CA ALA A 1614 8.92 2.27 -8.57
C ALA A 1614 9.24 3.63 -8.01
N SER A 1615 8.24 4.38 -7.55
CA SER A 1615 8.48 5.61 -6.82
C SER A 1615 9.22 5.37 -5.51
N GLY A 1616 9.01 4.22 -4.88
CA GLY A 1616 9.79 3.88 -3.71
C GLY A 1616 11.25 3.69 -4.02
N PHE A 1617 11.56 3.09 -5.16
CA PHE A 1617 12.95 2.86 -5.51
C PHE A 1617 13.61 4.15 -5.98
N ILE A 1618 12.85 5.06 -6.58
CA ILE A 1618 13.41 6.36 -6.95
C ILE A 1618 13.68 7.22 -5.71
N GLY A 1619 12.76 7.21 -4.75
CA GLY A 1619 13.01 7.94 -3.50
C GLY A 1619 14.14 7.35 -2.69
N PHE A 1620 14.28 6.02 -2.71
CA PHE A 1620 15.41 5.37 -2.04
C PHE A 1620 16.72 5.70 -2.72
N CYS A 1621 16.75 5.78 -4.05
CA CYS A 1621 18.01 6.11 -4.72
C CYS A 1621 18.34 7.60 -4.59
N LYS A 1622 17.33 8.47 -4.43
CA LYS A 1622 17.64 9.86 -4.15
C LYS A 1622 18.10 10.09 -2.72
N SER A 1623 17.65 9.27 -1.76
CA SER A 1623 18.11 9.39 -0.39
C SER A 1623 19.27 8.46 -0.07
N MET A 1624 20.14 8.23 -1.04
CA MET A 1624 21.41 7.56 -0.81
C MET A 1624 22.56 8.32 -1.45
N GLY A 1625 22.31 9.52 -1.94
CA GLY A 1625 23.35 10.38 -2.45
C GLY A 1625 23.35 11.70 -1.72
N SER A 1626 22.55 11.80 -0.68
CA SER A 1626 22.52 12.98 0.16
C SER A 1626 23.44 12.77 1.35
N LYS A 1627 23.46 13.72 2.27
CA LYS A 1627 24.21 13.60 3.52
C LYS A 1627 23.44 12.63 4.41
N CYS A 1628 23.69 11.34 4.22
CA CYS A 1628 22.92 10.32 4.92
C CYS A 1628 23.67 9.66 6.06
N VAL A 1629 24.94 9.29 5.87
CA VAL A 1629 25.68 8.57 6.89
C VAL A 1629 26.00 9.51 8.06
N ARG A 1630 26.03 8.96 9.27
CA ARG A 1630 26.27 9.74 10.47
C ARG A 1630 27.62 9.38 11.09
N ASP A 1631 28.22 10.37 11.75
CA ASP A 1631 29.61 10.31 12.19
C ASP A 1631 29.78 10.87 13.60
N GLY A 1632 28.91 10.51 14.53
CA GLY A 1632 29.18 10.87 15.91
C GLY A 1632 28.52 12.15 16.37
N LYS A 1633 29.24 13.26 16.25
CA LYS A 1633 28.80 14.56 16.76
C LYS A 1633 27.77 15.25 15.86
N GLY A 1634 27.15 14.55 14.94
CA GLY A 1634 26.32 15.18 13.93
C GLY A 1634 27.19 15.58 12.77
N GLY A 1635 26.61 16.35 11.86
CA GLY A 1635 27.37 16.72 10.68
C GLY A 1635 27.53 15.55 9.73
N PHE A 1636 26.40 15.18 9.11
CA PHE A 1636 26.29 14.05 8.20
C PHE A 1636 27.20 14.23 6.98
N LEU A 1637 27.69 13.11 6.46
CA LEU A 1637 28.54 13.18 5.28
C LEU A 1637 28.03 12.24 4.18
N TYR A 1638 28.82 12.04 3.13
CA TYR A 1638 28.42 11.23 1.99
C TYR A 1638 28.97 9.81 2.13
N ILE A 1639 28.55 8.95 1.22
CA ILE A 1639 29.16 7.64 1.11
C ILE A 1639 30.31 7.69 0.11
N LYS A 1640 30.24 8.61 -0.85
CA LYS A 1640 31.33 8.87 -1.77
C LYS A 1640 32.56 9.39 -1.03
N ASP A 1641 32.35 10.22 -0.01
CA ASP A 1641 33.45 10.77 0.77
C ASP A 1641 34.15 9.68 1.57
N ILE A 1642 33.41 8.71 2.10
CA ILE A 1642 34.04 7.66 2.88
C ILE A 1642 34.76 6.68 1.97
N PHE A 1643 34.15 6.30 0.85
CA PHE A 1643 34.81 5.32 0.01
C PHE A 1643 35.84 5.90 -0.94
N THR A 1644 36.02 7.21 -0.97
CA THR A 1644 37.13 7.76 -1.74
C THR A 1644 38.41 7.88 -0.93
N ARG A 1645 38.35 7.68 0.39
CA ARG A 1645 39.51 7.82 1.27
C ARG A 1645 40.21 6.50 1.52
N ILE A 1646 39.68 5.40 0.98
CA ILE A 1646 40.27 4.09 1.21
C ILE A 1646 41.56 4.01 0.42
N ILE A 1647 42.64 3.60 1.09
CA ILE A 1647 43.94 3.48 0.43
C ILE A 1647 43.95 2.22 -0.43
N PRO A 1648 44.15 2.34 -1.74
CA PRO A 1648 44.17 1.14 -2.58
C PRO A 1648 45.50 0.41 -2.46
N CYS A 1649 45.43 -0.84 -1.99
CA CYS A 1649 46.61 -1.68 -1.89
C CYS A 1649 46.25 -3.11 -2.23
N LEU A 1650 47.24 -3.87 -2.68
CA LEU A 1650 47.10 -5.32 -2.84
C LEU A 1650 47.61 -6.07 -1.61
N CYS A 1651 47.11 -5.65 -0.45
CA CYS A 1651 47.71 -5.99 0.84
C CYS A 1651 47.39 -7.39 1.35
N GLY A 1652 47.47 -8.40 0.49
CA GLY A 1652 47.23 -9.78 0.90
C GLY A 1652 45.79 -10.14 1.24
N ILE A 1653 45.22 -9.40 2.19
CA ILE A 1653 43.85 -9.60 2.63
C ILE A 1653 42.88 -9.23 1.51
N CYS A 1654 43.21 -8.22 0.72
CA CYS A 1654 42.33 -7.77 -0.35
C CYS A 1654 42.45 -8.60 -1.63
N GLU A 1655 43.01 -9.80 -1.56
CA GLU A 1655 43.02 -10.71 -2.69
C GLU A 1655 42.34 -12.05 -2.36
N ARG A 1656 41.34 -12.02 -1.48
CA ARG A 1656 40.47 -13.18 -1.32
C ARG A 1656 39.03 -12.90 -1.69
N LYS A 1657 38.52 -11.69 -1.45
CA LYS A 1657 37.27 -11.23 -2.02
C LYS A 1657 37.34 -9.71 -2.03
N PRO A 1658 37.79 -9.10 -3.12
CA PRO A 1658 38.20 -7.69 -3.08
C PRO A 1658 37.04 -6.73 -2.98
N LYS A 1659 37.37 -5.57 -2.39
CA LYS A 1659 36.49 -4.47 -1.96
C LYS A 1659 35.17 -4.91 -1.32
N VAL A 1660 35.23 -5.98 -0.52
CA VAL A 1660 34.29 -6.21 0.58
C VAL A 1660 35.10 -6.45 1.87
N ILE A 1661 36.20 -7.19 1.76
CA ILE A 1661 37.09 -7.49 2.89
C ILE A 1661 38.37 -6.68 2.72
N TYR A 1662 38.65 -5.81 3.68
CA TYR A 1662 39.81 -4.94 3.64
C TYR A 1662 40.82 -5.33 4.71
N CYS A 1663 42.06 -4.89 4.53
CA CYS A 1663 43.08 -5.05 5.54
C CYS A 1663 43.08 -3.82 6.45
N GLN A 1664 43.73 -3.96 7.62
CA GLN A 1664 43.75 -2.87 8.59
C GLN A 1664 44.57 -1.69 8.09
N LYS A 1665 45.69 -1.96 7.43
CA LYS A 1665 46.62 -0.91 7.03
C LYS A 1665 46.12 -0.07 5.86
N SER A 1666 44.96 -0.39 5.29
CA SER A 1666 44.36 0.40 4.22
C SER A 1666 43.07 1.07 4.67
N LEU A 1667 42.92 1.32 5.96
CA LEU A 1667 41.76 2.01 6.48
C LEU A 1667 42.15 2.97 7.59
N GLN A 1668 43.25 3.72 7.42
CA GLN A 1668 43.62 4.66 8.47
C GLN A 1668 42.79 5.93 8.40
N GLU A 1669 42.61 6.46 7.20
CA GLU A 1669 41.93 7.75 7.03
C GLU A 1669 40.47 7.65 7.43
N VAL A 1670 39.84 6.53 7.12
CA VAL A 1670 38.52 6.19 7.64
C VAL A 1670 38.72 4.95 8.48
N ASN A 1671 38.84 5.14 9.79
CA ASN A 1671 39.09 4.06 10.74
C ASN A 1671 37.99 3.92 11.76
N GLN A 1672 37.16 4.93 11.92
CA GLN A 1672 36.03 4.85 12.83
C GLN A 1672 34.90 4.00 12.27
N PHE A 1673 34.81 3.85 10.95
CA PHE A 1673 33.87 2.94 10.30
C PHE A 1673 34.64 1.69 9.89
N SER A 1674 34.96 0.84 10.85
CA SER A 1674 35.72 -0.37 10.53
C SER A 1674 35.50 -1.41 11.63
N LYS A 1675 34.74 -2.45 11.35
CA LYS A 1675 34.48 -3.51 12.32
C LYS A 1675 35.12 -4.79 11.81
N PRO A 1676 35.33 -5.78 12.66
CA PRO A 1676 35.77 -7.08 12.17
C PRO A 1676 34.57 -7.95 11.78
N ILE A 1677 34.83 -8.94 10.92
CA ILE A 1677 33.83 -9.97 10.69
C ILE A 1677 34.04 -11.21 11.55
N LEU A 1678 35.25 -11.46 12.04
CA LEU A 1678 35.46 -12.65 12.86
C LEU A 1678 34.75 -12.51 14.21
N TRP A 1679 34.53 -11.29 14.67
CA TRP A 1679 33.62 -11.09 15.79
C TRP A 1679 32.19 -11.42 15.41
N ASP A 1680 31.72 -10.95 14.26
CA ASP A 1680 30.37 -11.29 13.83
C ASP A 1680 30.25 -12.75 13.45
N TYR A 1681 31.31 -13.35 12.94
CA TYR A 1681 31.28 -14.79 12.65
C TYR A 1681 31.23 -15.60 13.94
N PHE A 1682 31.98 -15.20 14.96
CA PHE A 1682 31.90 -15.87 16.26
C PHE A 1682 30.54 -15.68 16.88
N SER A 1683 29.98 -14.49 16.76
CA SER A 1683 28.66 -14.21 17.34
C SER A 1683 27.57 -15.05 16.67
N LEU A 1684 27.62 -15.19 15.34
CA LEU A 1684 26.65 -16.00 14.63
C LEU A 1684 26.77 -17.48 14.99
N VAL A 1685 28.01 -18.00 15.02
CA VAL A 1685 28.23 -19.41 15.37
C VAL A 1685 27.79 -19.70 16.80
N LEU A 1686 27.90 -18.74 17.69
CA LEU A 1686 27.45 -19.03 19.06
C LEU A 1686 25.93 -18.89 19.16
N THR A 1687 25.34 -17.84 18.60
CA THR A 1687 23.93 -17.62 18.85
C THR A 1687 23.01 -18.48 18.01
N ASN A 1688 23.50 -19.19 16.99
CA ASN A 1688 22.58 -20.16 16.40
C ASN A 1688 22.66 -21.50 17.11
N ALA A 1689 23.85 -21.89 17.56
CA ALA A 1689 24.01 -23.11 18.34
C ALA A 1689 23.39 -23.03 19.73
N CYS A 1690 23.06 -21.82 20.19
CA CYS A 1690 22.03 -21.69 21.22
C CYS A 1690 20.77 -22.44 20.83
N GLU A 1691 20.29 -22.23 19.60
CA GLU A 1691 18.93 -22.61 19.25
C GLU A 1691 18.80 -23.61 18.10
N LEU A 1692 19.91 -24.10 17.54
CA LEU A 1692 19.87 -25.24 16.64
C LEU A 1692 21.23 -25.91 16.66
N GLY A 1693 21.26 -27.17 17.07
CA GLY A 1693 22.40 -28.02 16.80
C GLY A 1693 23.75 -27.83 17.49
N GLU A 1694 24.47 -28.94 17.59
CA GLU A 1694 25.90 -28.96 17.88
C GLU A 1694 26.66 -29.43 16.65
N TRP A 1695 25.97 -29.62 15.54
CA TRP A 1695 26.58 -30.00 14.27
C TRP A 1695 27.21 -28.82 13.54
N VAL A 1696 27.04 -27.59 14.02
CA VAL A 1696 27.51 -26.42 13.29
C VAL A 1696 29.02 -26.26 13.43
N PHE A 1697 29.65 -27.04 14.29
CA PHE A 1697 31.07 -26.87 14.57
C PHE A 1697 31.93 -27.84 13.78
N SER A 1698 31.37 -28.60 12.86
CA SER A 1698 32.12 -29.57 12.09
C SER A 1698 32.52 -28.97 10.75
N ALA A 1699 33.04 -29.81 9.86
CA ALA A 1699 33.50 -29.39 8.55
C ALA A 1699 32.40 -29.62 7.50
N VAL A 1700 32.77 -29.47 6.23
CA VAL A 1700 31.88 -29.67 5.09
C VAL A 1700 32.63 -30.53 4.08
N LYS A 1701 31.97 -31.57 3.57
CA LYS A 1701 32.59 -32.46 2.60
C LYS A 1701 31.57 -32.76 1.50
N SER A 1702 32.07 -33.26 0.37
CA SER A 1702 31.21 -33.63 -0.74
C SER A 1702 30.44 -34.91 -0.43
N PRO A 1703 29.14 -34.98 -0.80
CA PRO A 1703 28.39 -36.22 -0.56
C PRO A 1703 28.53 -37.26 -1.66
N GLN A 1704 29.76 -37.44 -2.15
CA GLN A 1704 30.28 -38.51 -3.00
C GLN A 1704 29.77 -38.49 -4.44
N ALA A 1705 28.72 -37.68 -4.73
CA ALA A 1705 28.05 -37.37 -6.00
C ALA A 1705 28.06 -38.49 -7.04
N PRO A 1706 27.43 -39.63 -6.80
CA PRO A 1706 27.57 -40.77 -7.71
C PRO A 1706 26.72 -40.58 -8.97
N LEU A 1707 26.92 -41.49 -9.91
CA LEU A 1707 26.09 -41.54 -11.13
C LEU A 1707 24.82 -42.27 -10.76
N VAL A 1708 23.81 -41.49 -10.36
CA VAL A 1708 22.53 -42.02 -9.94
C VAL A 1708 21.49 -41.52 -10.95
N LEU A 1709 20.25 -41.97 -10.80
CA LEU A 1709 19.16 -41.54 -11.66
C LEU A 1709 18.90 -40.05 -11.50
N CYS A 1710 19.02 -39.32 -12.62
CA CYS A 1710 19.05 -37.85 -12.65
C CYS A 1710 17.66 -37.30 -12.96
N ASN A 1711 16.64 -37.90 -12.35
CA ASN A 1711 15.28 -37.38 -12.45
C ASN A 1711 15.18 -35.96 -11.92
N LYS A 1712 14.34 -35.16 -12.58
CA LYS A 1712 14.05 -33.79 -12.17
C LYS A 1712 12.65 -33.69 -11.58
N ASN A 1713 11.92 -34.80 -11.54
CA ASN A 1713 10.51 -34.75 -11.17
C ASN A 1713 10.18 -35.85 -10.16
N PHE A 1714 10.95 -35.93 -9.09
CA PHE A 1714 10.63 -36.84 -7.99
C PHE A 1714 10.57 -36.06 -6.68
N PHE A 1715 9.75 -35.00 -6.70
CA PHE A 1715 9.46 -34.18 -5.53
C PHE A 1715 8.92 -35.01 -4.38
N TRP A 1716 9.65 -35.07 -3.27
CA TRP A 1716 9.05 -35.60 -2.05
C TRP A 1716 9.12 -34.56 -0.96
N ALA A 1717 8.48 -34.87 0.17
CA ALA A 1717 8.41 -33.96 1.30
C ALA A 1717 9.41 -34.36 2.37
N VAL A 1718 10.02 -33.35 3.01
CA VAL A 1718 10.94 -33.56 4.11
C VAL A 1718 10.49 -32.76 5.31
N LYS A 1719 10.82 -33.26 6.49
CA LYS A 1719 10.62 -32.66 7.79
C LYS A 1719 11.91 -31.96 8.20
N PRO A 1720 11.87 -30.76 8.79
CA PRO A 1720 13.12 -30.10 9.18
C PRO A 1720 13.81 -30.80 10.34
N LYS A 1721 14.84 -31.56 10.01
CA LYS A 1721 15.55 -32.38 10.98
C LYS A 1721 16.59 -31.54 11.70
N ALA A 1722 16.86 -31.89 12.96
CA ALA A 1722 17.95 -31.35 13.77
C ALA A 1722 17.80 -29.85 13.98
N VAL A 1723 16.65 -29.47 14.51
CA VAL A 1723 16.40 -28.11 14.99
C VAL A 1723 16.20 -28.21 16.49
N ARG A 1724 16.90 -29.17 17.11
CA ARG A 1724 16.82 -29.44 18.54
C ARG A 1724 17.41 -28.28 19.34
N GLN A 1725 16.54 -27.55 20.05
CA GLN A 1725 16.95 -26.38 20.82
C GLN A 1725 17.56 -26.83 22.14
N ILE A 1726 17.69 -25.90 23.08
CA ILE A 1726 18.16 -26.24 24.42
C ILE A 1726 17.10 -25.83 25.45
N GLU A 1727 16.32 -24.80 25.13
CA GLU A 1727 15.72 -23.94 26.15
C GLU A 1727 14.27 -24.25 26.52
N ASP A 1728 13.48 -24.85 25.62
CA ASP A 1728 12.14 -25.37 25.92
C ASP A 1728 11.11 -24.35 26.40
N GLN A 1729 10.50 -23.61 25.46
CA GLN A 1729 9.33 -22.74 25.69
C GLN A 1729 9.63 -21.48 26.50
N LEU A 1730 10.28 -20.53 25.84
CA LEU A 1730 10.52 -19.18 26.34
C LEU A 1730 9.26 -18.32 26.22
N GLY A 1731 9.43 -17.00 26.30
CA GLY A 1731 8.38 -16.06 25.96
C GLY A 1731 8.24 -14.93 26.95
N MET A 1732 8.48 -15.24 28.22
CA MET A 1732 8.48 -14.27 29.30
C MET A 1732 9.77 -14.30 30.08
N ASN A 1733 10.55 -15.37 29.96
CA ASN A 1733 11.73 -15.65 30.76
C ASN A 1733 12.96 -14.89 30.28
N HIS A 1734 12.82 -13.95 29.35
CA HIS A 1734 13.91 -13.04 29.00
C HIS A 1734 13.66 -11.62 29.48
N VAL A 1735 12.39 -11.23 29.66
CA VAL A 1735 12.07 -9.91 30.19
C VAL A 1735 12.54 -9.79 31.62
N LEU A 1736 12.34 -10.84 32.42
CA LEU A 1736 12.93 -10.86 33.75
C LEU A 1736 14.43 -11.15 33.69
N HIS A 1737 14.91 -11.74 32.59
CA HIS A 1737 16.35 -11.84 32.43
C HIS A 1737 16.97 -10.53 31.94
N SER A 1738 16.18 -9.66 31.30
CA SER A 1738 16.68 -8.36 30.87
C SER A 1738 16.76 -7.34 32.00
N ILE A 1739 16.62 -7.77 33.26
CA ILE A 1739 16.96 -6.94 34.41
C ILE A 1739 17.98 -7.59 35.33
N ARG A 1740 18.10 -8.93 35.39
CA ARG A 1740 18.97 -9.52 36.39
C ARG A 1740 20.44 -9.55 35.96
N ARG A 1741 20.72 -9.36 34.68
CA ARG A 1741 22.10 -9.41 34.19
C ARG A 1741 22.37 -8.21 33.29
N ASN A 1742 21.32 -7.68 32.68
CA ASN A 1742 21.42 -6.36 32.10
C ASN A 1742 21.45 -5.32 33.23
N TYR A 1743 21.96 -4.15 32.92
CA TYR A 1743 21.66 -2.99 33.75
C TYR A 1743 20.15 -2.78 33.77
N PRO A 1744 19.57 -2.41 34.91
CA PRO A 1744 18.11 -2.36 35.01
C PRO A 1744 17.47 -1.27 34.17
N LYS A 1745 17.41 -1.54 32.88
CA LYS A 1745 16.63 -0.75 31.93
C LYS A 1745 15.23 -1.32 31.76
N LEU A 1746 14.66 -1.90 32.81
CA LEU A 1746 13.24 -2.23 32.77
C LEU A 1746 12.42 -0.96 32.74
N PHE A 1747 12.93 0.13 33.32
CA PHE A 1747 12.35 1.46 33.22
C PHE A 1747 12.80 2.20 31.97
N GLU A 1748 13.36 1.53 30.97
CA GLU A 1748 13.69 2.19 29.71
C GLU A 1748 12.40 2.28 28.91
N GLU A 1749 11.67 3.37 29.15
CA GLU A 1749 10.31 3.62 28.65
C GLU A 1749 9.38 2.46 29.02
N HIS A 1750 9.12 2.36 30.32
CA HIS A 1750 8.41 1.23 30.92
C HIS A 1750 6.93 1.32 30.59
N LEU A 1751 6.59 0.97 29.35
CA LEU A 1751 5.24 1.00 28.83
C LEU A 1751 4.67 -0.41 28.85
N ALA A 1752 3.37 -0.53 29.17
CA ALA A 1752 2.59 -1.77 29.26
C ALA A 1752 3.26 -2.79 30.17
N PRO A 1753 3.20 -2.59 31.49
CA PRO A 1753 3.95 -3.46 32.40
C PRO A 1753 3.31 -4.83 32.58
N PHE A 1754 4.17 -5.84 32.75
CA PHE A 1754 3.76 -7.12 33.31
C PHE A 1754 4.34 -7.31 34.71
N MET A 1755 4.98 -6.29 35.25
CA MET A 1755 5.69 -6.39 36.52
C MET A 1755 4.69 -6.35 37.67
N ASN A 1756 4.68 -7.43 38.46
CA ASN A 1756 3.92 -7.59 39.71
C ASN A 1756 2.40 -7.53 39.53
N ASP A 1757 1.91 -7.49 38.30
CA ASP A 1757 0.49 -7.58 38.02
C ASP A 1757 0.17 -8.61 36.95
N LEU A 1758 1.01 -8.75 35.94
CA LEU A 1758 0.68 -9.54 34.76
C LEU A 1758 1.82 -10.47 34.37
N ASP A 1765 6.28 -12.72 37.98
CA ASP A 1765 7.18 -13.07 36.90
C ASP A 1765 8.31 -14.02 37.33
N SER A 1766 8.61 -15.00 36.48
CA SER A 1766 9.58 -16.04 36.76
C SER A 1766 10.63 -16.07 35.65
N GLY A 1767 11.65 -16.91 35.83
CA GLY A 1767 12.76 -16.92 34.91
C GLY A 1767 13.74 -18.07 35.09
N ARG A 1768 15.03 -17.75 35.00
CA ARG A 1768 16.15 -18.69 35.05
C ARG A 1768 16.03 -19.74 33.94
N LEU A 1769 16.27 -19.27 32.72
CA LEU A 1769 16.57 -20.15 31.59
C LEU A 1769 18.05 -20.09 31.27
N LYS A 1770 18.55 -21.16 30.65
CA LYS A 1770 19.95 -21.54 30.83
C LYS A 1770 20.91 -20.65 30.03
N PHE A 1771 20.81 -20.65 28.70
CA PHE A 1771 21.83 -20.02 27.86
C PHE A 1771 21.60 -18.55 27.57
N LEU A 1772 20.45 -17.98 27.95
CA LEU A 1772 20.12 -16.61 27.55
C LEU A 1772 21.08 -15.56 28.11
N ASP A 1773 21.81 -15.90 29.19
CA ASP A 1773 22.85 -15.01 29.72
C ASP A 1773 23.92 -14.69 28.69
N VAL A 1774 24.26 -15.65 27.82
CA VAL A 1774 25.22 -15.37 26.76
C VAL A 1774 24.52 -15.04 25.47
N CYS A 1775 23.20 -15.17 25.41
CA CYS A 1775 22.52 -15.28 24.13
C CYS A 1775 21.46 -14.20 23.96
N VAL A 1776 21.39 -13.25 24.88
CA VAL A 1776 20.59 -12.05 24.71
C VAL A 1776 21.47 -10.81 24.59
N ALA A 1777 22.61 -10.80 25.30
CA ALA A 1777 23.58 -9.73 25.19
C ALA A 1777 24.16 -9.61 23.79
N LEU A 1778 24.35 -10.76 23.12
CA LEU A 1778 24.77 -10.74 21.73
C LEU A 1778 23.71 -10.11 20.84
N ASP A 1779 22.44 -10.37 21.12
CA ASP A 1779 21.37 -9.68 20.39
C ASP A 1779 21.29 -8.23 20.81
N MET A 1780 21.66 -7.91 22.05
CA MET A 1780 21.54 -6.54 22.53
C MET A 1780 22.56 -5.62 21.90
N MET A 1781 23.80 -6.07 21.78
CA MET A 1781 24.86 -5.17 21.30
C MET A 1781 25.11 -5.29 19.79
N ASN A 1782 25.24 -6.51 19.27
CA ASN A 1782 25.40 -6.69 17.83
C ASN A 1782 24.10 -6.33 17.11
N GLU A 1783 24.22 -5.58 16.03
CA GLU A 1783 23.05 -4.92 15.46
C GLU A 1783 22.15 -5.90 14.71
N ASN A 1784 22.73 -6.81 13.95
CA ASN A 1784 21.96 -7.59 12.99
C ASN A 1784 22.17 -9.08 13.19
N LEU A 1785 22.01 -9.54 14.42
CA LEU A 1785 21.76 -10.95 14.67
C LEU A 1785 20.27 -11.27 14.58
N GLY A 1786 19.47 -10.65 15.45
CA GLY A 1786 18.05 -10.90 15.50
C GLY A 1786 17.70 -12.33 15.87
N ILE A 1787 17.95 -12.71 17.12
CA ILE A 1787 17.65 -14.06 17.56
C ILE A 1787 16.43 -14.11 18.48
N ILE A 1788 16.09 -13.00 19.15
CA ILE A 1788 14.96 -12.97 20.06
C ILE A 1788 13.67 -12.64 19.31
N SER A 1789 13.78 -12.05 18.13
CA SER A 1789 12.65 -12.07 17.22
C SER A 1789 12.35 -13.48 16.73
N HIS A 1790 13.38 -14.32 16.61
CA HIS A 1790 13.18 -15.67 16.11
C HIS A 1790 12.59 -16.58 17.18
N LEU A 1791 13.24 -16.69 18.34
CA LEU A 1791 12.84 -17.69 19.33
C LEU A 1791 11.52 -17.37 20.02
N LEU A 1792 10.98 -16.17 19.87
CA LEU A 1792 9.65 -15.84 20.33
C LEU A 1792 8.58 -16.10 19.27
N LYS A 1793 8.93 -16.79 18.19
CA LYS A 1793 8.00 -17.09 17.11
C LYS A 1793 8.17 -18.53 16.66
N VAL A 1794 7.07 -19.11 16.24
CA VAL A 1794 7.08 -20.45 15.64
C VAL A 1794 7.43 -20.33 14.16
N ARG A 1795 7.96 -21.43 13.60
CA ARG A 1795 8.32 -21.47 12.20
C ARG A 1795 7.09 -21.33 11.32
N ASP A 1796 7.30 -20.80 10.11
CA ASP A 1796 6.15 -20.52 9.26
C ASP A 1796 5.84 -21.63 8.27
N ASN A 1797 6.80 -22.50 7.94
CA ASN A 1797 6.54 -23.53 6.93
C ASN A 1797 6.48 -24.94 7.51
N ASN A 1798 7.61 -25.47 8.02
CA ASN A 1798 7.85 -26.82 8.52
C ASN A 1798 7.28 -27.98 7.70
N VAL A 1799 7.04 -27.79 6.40
CA VAL A 1799 6.41 -28.77 5.52
C VAL A 1799 7.19 -28.97 4.22
N TYR A 1800 8.51 -28.84 4.30
CA TYR A 1800 9.37 -28.63 3.12
C TYR A 1800 9.32 -29.77 2.10
N ILE A 1801 9.17 -29.41 0.83
CA ILE A 1801 9.02 -30.33 -0.29
C ILE A 1801 10.12 -30.04 -1.31
N VAL A 1802 11.02 -31.00 -1.53
CA VAL A 1802 12.23 -30.81 -2.30
C VAL A 1802 12.35 -31.93 -3.33
N LYS A 1803 13.36 -31.82 -4.20
CA LYS A 1803 13.57 -32.79 -5.27
C LYS A 1803 14.29 -34.02 -4.74
N GLN A 1804 14.77 -34.86 -5.66
CA GLN A 1804 15.60 -36.01 -5.31
C GLN A 1804 17.07 -35.66 -5.40
N SER A 1805 17.46 -34.82 -6.35
CA SER A 1805 18.84 -34.43 -6.51
C SER A 1805 19.20 -33.14 -5.77
N ASP A 1806 18.26 -32.55 -5.04
CA ASP A 1806 18.57 -31.54 -4.04
C ASP A 1806 18.73 -32.16 -2.66
N CYS A 1807 18.81 -33.49 -2.59
CA CYS A 1807 19.15 -34.20 -1.36
C CYS A 1807 20.19 -35.29 -1.57
N ALA A 1808 20.64 -35.53 -2.80
CA ALA A 1808 21.82 -36.32 -3.05
C ALA A 1808 23.00 -35.47 -3.48
N SER A 1809 22.85 -34.15 -3.47
CA SER A 1809 23.91 -33.22 -3.85
C SER A 1809 23.92 -32.03 -2.89
N ALA A 1810 23.69 -32.28 -1.60
CA ALA A 1810 23.64 -31.25 -0.58
C ALA A 1810 24.77 -31.46 0.40
N HIS A 1811 25.23 -30.38 1.05
CA HIS A 1811 26.40 -30.48 1.90
C HIS A 1811 26.07 -31.24 3.18
N VAL A 1812 26.93 -32.16 3.56
CA VAL A 1812 26.69 -33.06 4.69
C VAL A 1812 27.60 -32.60 5.81
N ARG A 1813 27.03 -31.88 6.78
CA ARG A 1813 27.77 -31.38 7.93
C ARG A 1813 27.33 -32.18 9.15
N GLN A 1814 28.17 -33.15 9.52
CA GLN A 1814 27.84 -34.11 10.57
C GLN A 1814 27.89 -33.44 11.95
N SER A 1815 27.43 -34.18 12.95
CA SER A 1815 27.56 -33.71 14.33
C SER A 1815 28.95 -33.98 14.85
N GLU A 1816 29.34 -35.25 14.94
CA GLU A 1816 30.71 -35.65 15.19
C GLU A 1816 31.10 -36.68 14.13
N TYR A 1817 32.20 -36.40 13.44
CA TYR A 1817 32.61 -37.23 12.30
C TYR A 1817 34.10 -37.53 12.36
N SER B 31 -12.62 -46.11 -3.61
CA SER B 31 -12.52 -47.11 -2.56
C SER B 31 -11.25 -46.93 -1.73
N SER B 32 -11.00 -47.87 -0.81
CA SER B 32 -9.94 -47.72 0.18
C SER B 32 -8.70 -48.55 -0.10
N LEU B 33 -8.74 -49.47 -1.05
CA LEU B 33 -7.55 -50.21 -1.44
C LEU B 33 -7.79 -50.69 -2.88
N TYR B 34 -7.05 -50.15 -3.84
CA TYR B 34 -6.10 -49.05 -3.70
C TYR B 34 -6.83 -47.74 -3.94
N GLY B 35 -6.05 -46.71 -4.25
CA GLY B 35 -6.54 -45.53 -4.94
C GLY B 35 -7.37 -45.87 -6.17
N ARG B 36 -8.22 -44.93 -6.56
CA ARG B 36 -9.62 -45.15 -6.92
C ARG B 36 -9.90 -46.41 -7.73
N TYR B 37 -9.72 -46.33 -9.03
CA TYR B 37 -9.31 -47.44 -9.87
C TYR B 37 -8.53 -46.93 -11.08
N ASN B 38 -8.37 -45.62 -11.22
CA ASN B 38 -7.75 -45.03 -12.39
C ASN B 38 -6.24 -45.21 -12.29
N CYS B 39 -5.56 -45.15 -13.43
CA CYS B 39 -4.11 -45.16 -13.39
C CYS B 39 -3.59 -43.75 -13.19
N LYS B 40 -2.41 -43.63 -12.59
CA LYS B 40 -1.88 -42.30 -12.30
C LYS B 40 -1.35 -41.61 -13.54
N CYS B 41 -0.94 -42.37 -14.55
CA CYS B 41 -0.31 -41.85 -15.76
C CYS B 41 -1.29 -40.97 -16.53
N CYS B 42 -2.35 -41.57 -17.07
CA CYS B 42 -3.48 -40.82 -17.59
C CYS B 42 -4.63 -40.96 -16.61
N TRP B 43 -5.22 -39.83 -16.22
CA TRP B 43 -6.23 -39.87 -15.18
C TRP B 43 -7.51 -40.54 -15.65
N PHE B 44 -7.77 -40.51 -16.94
CA PHE B 44 -9.09 -40.75 -17.52
C PHE B 44 -9.22 -42.19 -18.05
N ALA B 45 -8.96 -43.20 -17.23
CA ALA B 45 -8.89 -44.55 -17.78
C ALA B 45 -9.24 -45.57 -16.71
N ASP B 46 -10.45 -46.12 -16.79
CA ASP B 46 -10.91 -47.19 -15.90
C ASP B 46 -11.48 -48.34 -16.74
N THR B 47 -10.59 -49.23 -17.17
CA THR B 47 -10.94 -50.38 -18.00
C THR B 47 -10.10 -51.53 -17.44
N ASN B 48 -9.88 -52.59 -18.22
CA ASN B 48 -9.11 -53.73 -17.75
C ASN B 48 -7.62 -53.43 -17.62
N LEU B 49 -7.26 -52.54 -16.69
CA LEU B 49 -5.89 -52.16 -16.44
C LEU B 49 -5.20 -53.17 -15.53
N ILE B 50 -3.93 -52.94 -15.26
CA ILE B 50 -3.13 -53.83 -14.41
C ILE B 50 -2.65 -53.05 -13.19
N THR B 51 -2.19 -53.79 -12.20
CA THR B 51 -1.72 -53.20 -10.95
C THR B 51 -0.23 -52.93 -11.03
N CYS B 52 0.26 -52.25 -10.00
CA CYS B 52 1.65 -51.82 -9.91
C CYS B 52 1.91 -51.37 -8.48
N ASN B 53 3.19 -51.16 -8.17
CA ASN B 53 3.64 -50.82 -6.83
C ASN B 53 3.06 -49.48 -6.43
N ASP B 54 2.04 -49.53 -5.56
CA ASP B 54 1.23 -48.47 -4.99
C ASP B 54 0.24 -47.87 -6.00
N HIS B 55 0.26 -48.28 -7.28
CA HIS B 55 -0.62 -47.61 -8.22
C HIS B 55 -0.92 -48.50 -9.41
N TYR B 56 -1.99 -48.17 -10.13
CA TYR B 56 -2.39 -48.93 -11.29
C TYR B 56 -1.79 -48.34 -12.57
N LEU B 57 -1.78 -49.14 -13.63
CA LEU B 57 -1.35 -48.68 -14.94
C LEU B 57 -2.26 -49.25 -16.01
N CYS B 58 -2.69 -48.40 -16.94
CA CYS B 58 -3.40 -48.84 -18.12
C CYS B 58 -2.48 -49.62 -19.04
N LEU B 59 -3.08 -50.36 -19.99
CA LEU B 59 -2.28 -51.22 -20.84
C LEU B 59 -1.58 -50.45 -21.95
N ARG B 60 -2.15 -49.34 -22.42
CA ARG B 60 -1.44 -48.45 -23.32
C ARG B 60 -0.22 -47.87 -22.64
N CYS B 61 -0.43 -47.30 -21.45
CA CYS B 61 0.62 -46.58 -20.73
C CYS B 61 1.73 -47.52 -20.27
N HIS B 62 1.41 -48.80 -20.08
CA HIS B 62 2.41 -49.78 -19.69
C HIS B 62 3.49 -49.95 -20.76
N GLN B 63 3.08 -50.26 -21.99
CA GLN B 63 4.07 -50.47 -23.04
C GLN B 63 4.65 -49.15 -23.53
N VAL B 64 3.90 -48.05 -23.40
CA VAL B 64 4.47 -46.72 -23.70
C VAL B 64 5.62 -46.41 -22.75
N MET B 65 5.37 -46.50 -21.44
CA MET B 65 6.41 -46.26 -20.44
C MET B 65 7.44 -47.38 -20.37
N LEU B 66 7.20 -48.52 -21.03
CA LEU B 66 8.21 -49.55 -21.12
C LEU B 66 9.19 -49.28 -22.25
N ARG B 67 8.72 -48.77 -23.39
CA ARG B 67 9.65 -48.41 -24.45
C ARG B 67 9.95 -46.92 -24.48
N ASN B 68 9.42 -46.13 -23.54
CA ASN B 68 9.82 -44.73 -23.41
C ASN B 68 11.28 -44.66 -22.98
N SER B 69 11.55 -45.10 -21.76
CA SER B 69 12.87 -44.93 -21.16
C SER B 69 13.56 -46.24 -20.81
N ASP B 70 12.97 -47.03 -19.93
CA ASP B 70 13.70 -48.07 -19.21
C ASP B 70 12.65 -48.92 -18.51
N LEU B 71 13.08 -49.77 -17.58
CA LEU B 71 12.15 -50.59 -16.81
C LEU B 71 11.61 -49.84 -15.60
N CYS B 72 11.21 -48.57 -15.79
CA CYS B 72 10.87 -47.61 -14.76
C CYS B 72 10.45 -46.28 -15.36
N ASN B 73 10.10 -45.31 -14.52
CA ASN B 73 10.08 -43.90 -14.90
C ASN B 73 11.48 -43.31 -14.85
N ILE B 74 11.57 -41.98 -14.85
CA ILE B 74 12.81 -41.36 -14.39
C ILE B 74 12.99 -41.63 -12.90
N CYS B 75 11.90 -41.65 -12.14
CA CYS B 75 11.86 -42.08 -10.76
C CYS B 75 11.36 -43.52 -10.70
N TRP B 76 11.04 -44.02 -9.51
CA TRP B 76 10.44 -45.34 -9.38
C TRP B 76 9.09 -45.21 -8.69
N LYS B 77 8.07 -44.86 -9.47
CA LYS B 77 6.70 -45.34 -9.33
C LYS B 77 6.44 -46.68 -10.05
N PRO B 78 6.67 -46.81 -11.42
CA PRO B 78 5.88 -47.76 -12.20
C PRO B 78 6.46 -49.15 -12.41
N LEU B 79 5.76 -49.90 -13.27
CA LEU B 79 6.22 -51.02 -14.09
C LEU B 79 6.74 -52.27 -13.39
N PRO B 80 5.86 -53.11 -12.86
CA PRO B 80 6.23 -54.51 -12.65
C PRO B 80 6.32 -55.23 -13.98
N THR B 81 7.02 -56.36 -13.98
CA THR B 81 7.24 -57.09 -15.22
C THR B 81 5.97 -57.82 -15.64
N THR B 82 5.95 -58.24 -16.91
CA THR B 82 4.77 -58.84 -17.50
C THR B 82 4.53 -60.24 -16.98
#